data_1EE6
# 
_entry.id   1EE6 
# 
_audit_conform.dict_name       mmcif_pdbx.dic 
_audit_conform.dict_version    5.397 
_audit_conform.dict_location   http://mmcif.pdb.org/dictionaries/ascii/mmcif_pdbx.dic 
# 
loop_
_database_2.database_id 
_database_2.database_code 
_database_2.pdbx_database_accession 
_database_2.pdbx_DOI 
PDB   1EE6         pdb_00001ee6 10.2210/pdb1ee6/pdb 
RCSB  RCSB010485   ?            ?                   
WWPDB D_1000010485 ?            ?                   
# 
loop_
_pdbx_audit_revision_history.ordinal 
_pdbx_audit_revision_history.data_content_type 
_pdbx_audit_revision_history.major_revision 
_pdbx_audit_revision_history.minor_revision 
_pdbx_audit_revision_history.revision_date 
1 'Structure model' 1 0 2001-01-31 
2 'Structure model' 1 1 2008-04-27 
3 'Structure model' 1 2 2011-07-13 
4 'Structure model' 1 3 2024-10-30 
# 
_pdbx_audit_revision_details.ordinal             1 
_pdbx_audit_revision_details.revision_ordinal    1 
_pdbx_audit_revision_details.data_content_type   'Structure model' 
_pdbx_audit_revision_details.provider            repository 
_pdbx_audit_revision_details.type                'Initial release' 
_pdbx_audit_revision_details.description         ? 
_pdbx_audit_revision_details.details             ? 
# 
loop_
_pdbx_audit_revision_group.ordinal 
_pdbx_audit_revision_group.revision_ordinal 
_pdbx_audit_revision_group.data_content_type 
_pdbx_audit_revision_group.group 
1 2 'Structure model' 'Version format compliance' 
2 3 'Structure model' 'Source and taxonomy'       
3 3 'Structure model' 'Version format compliance' 
4 4 'Structure model' 'Data collection'           
5 4 'Structure model' 'Database references'       
6 4 'Structure model' 'Derived calculations'      
7 4 'Structure model' 'Structure summary'         
# 
loop_
_pdbx_audit_revision_category.ordinal 
_pdbx_audit_revision_category.revision_ordinal 
_pdbx_audit_revision_category.data_content_type 
_pdbx_audit_revision_category.category 
1 4 'Structure model' chem_comp_atom            
2 4 'Structure model' chem_comp_bond            
3 4 'Structure model' database_2                
4 4 'Structure model' pdbx_entry_details        
5 4 'Structure model' pdbx_modification_feature 
6 4 'Structure model' pdbx_struct_conn_angle    
7 4 'Structure model' struct_conn               
8 4 'Structure model' struct_site               
# 
loop_
_pdbx_audit_revision_item.ordinal 
_pdbx_audit_revision_item.revision_ordinal 
_pdbx_audit_revision_item.data_content_type 
_pdbx_audit_revision_item.item 
1  4 'Structure model' '_database_2.pdbx_DOI'                        
2  4 'Structure model' '_database_2.pdbx_database_accession'         
3  4 'Structure model' '_pdbx_struct_conn_angle.ptnr1_auth_comp_id'  
4  4 'Structure model' '_pdbx_struct_conn_angle.ptnr1_auth_seq_id'   
5  4 'Structure model' '_pdbx_struct_conn_angle.ptnr1_label_atom_id' 
6  4 'Structure model' '_pdbx_struct_conn_angle.ptnr1_label_comp_id' 
7  4 'Structure model' '_pdbx_struct_conn_angle.ptnr1_label_seq_id'  
8  4 'Structure model' '_pdbx_struct_conn_angle.ptnr3_auth_comp_id'  
9  4 'Structure model' '_pdbx_struct_conn_angle.ptnr3_auth_seq_id'   
10 4 'Structure model' '_pdbx_struct_conn_angle.ptnr3_label_atom_id' 
11 4 'Structure model' '_pdbx_struct_conn_angle.ptnr3_label_comp_id' 
12 4 'Structure model' '_pdbx_struct_conn_angle.ptnr3_label_seq_id'  
13 4 'Structure model' '_pdbx_struct_conn_angle.value'               
14 4 'Structure model' '_struct_conn.pdbx_dist_value'                
15 4 'Structure model' '_struct_conn.ptnr1_auth_comp_id'             
16 4 'Structure model' '_struct_conn.ptnr1_auth_seq_id'              
17 4 'Structure model' '_struct_conn.ptnr1_label_asym_id'            
18 4 'Structure model' '_struct_conn.ptnr1_label_atom_id'            
19 4 'Structure model' '_struct_conn.ptnr1_label_comp_id'            
20 4 'Structure model' '_struct_conn.ptnr1_label_seq_id'             
21 4 'Structure model' '_struct_conn.ptnr2_auth_comp_id'             
22 4 'Structure model' '_struct_conn.ptnr2_auth_seq_id'              
23 4 'Structure model' '_struct_conn.ptnr2_label_asym_id'            
24 4 'Structure model' '_struct_conn.ptnr2_label_atom_id'            
25 4 'Structure model' '_struct_conn.ptnr2_label_comp_id'            
26 4 'Structure model' '_struct_conn.ptnr2_label_seq_id'             
27 4 'Structure model' '_struct_site.pdbx_auth_asym_id'              
28 4 'Structure model' '_struct_site.pdbx_auth_comp_id'              
29 4 'Structure model' '_struct_site.pdbx_auth_seq_id'               
# 
_pdbx_database_status.status_code                     REL 
_pdbx_database_status.entry_id                        1EE6 
_pdbx_database_status.recvd_initial_deposition_date   2000-01-31 
_pdbx_database_status.deposit_site                    RCSB 
_pdbx_database_status.process_site                    RCSB 
_pdbx_database_status.SG_entry                        . 
_pdbx_database_status.pdb_format_compatible           Y 
_pdbx_database_status.status_code_mr                  ? 
_pdbx_database_status.status_code_sf                  ? 
_pdbx_database_status.status_code_cs                  ? 
_pdbx_database_status.status_code_nmr_data            ? 
_pdbx_database_status.methods_development_category    ? 
# 
loop_
_audit_author.name 
_audit_author.pdbx_ordinal 
'Akita, M.'     1 
'Suzuki, A.'    2 
'Kobayashi, T.' 3 
'Ito, S.'       4 
'Yamane, T.'    5 
# 
_citation.id                        primary 
_citation.title                     'The first structure of pectate lyase belonging to polysaccharide lyase family 3.' 
_citation.journal_abbrev            'Acta Crystallogr.,Sect.D' 
_citation.journal_volume            57 
_citation.page_first                1786 
_citation.page_last                 1792 
_citation.year                      2001 
_citation.journal_id_ASTM           ABCRE6 
_citation.country                   DK 
_citation.journal_id_ISSN           0907-4449 
_citation.journal_id_CSD            0766 
_citation.book_publisher            ? 
_citation.pdbx_database_id_PubMed   11717490 
_citation.pdbx_database_id_DOI      10.1107/S0907444900003334 
# 
loop_
_citation_author.citation_id 
_citation_author.name 
_citation_author.ordinal 
_citation_author.identifier_ORCID 
primary 'Akita, M.'     1 ? 
primary 'Suzuki, A.'    2 ? 
primary 'Kobayashi, T.' 3 ? 
primary 'Ito, S.'       4 ? 
primary 'Yamane, T.'    5 ? 
# 
loop_
_entity.id 
_entity.type 
_entity.src_method 
_entity.pdbx_description 
_entity.formula_weight 
_entity.pdbx_number_of_molecules 
_entity.pdbx_ec 
_entity.pdbx_mutation 
_entity.pdbx_fragment 
_entity.details 
1 polymer     nat 'PECTATE LYASE' 20947.287 1   4.2.2.2 ? ? ? 
2 non-polymer syn 'CALCIUM ION'   40.078    1   ?       ? ? ? 
3 water       nat water           18.015    170 ?       ? ? ? 
# 
_entity_poly.entity_id                      1 
_entity_poly.type                           'polypeptide(L)' 
_entity_poly.nstd_linkage                   no 
_entity_poly.nstd_monomer                   no 
_entity_poly.pdbx_seq_one_letter_code       
;APTVVHETIRVPAGQTFDGKGQTYVANPNTLGDGSQAENQKPIFRLEAGASLKNVVIGAPAADGVHCYGDCTITNVIWED
VGEDALTLKSSGTVNISGGAAYKAYDKVFQINAAGTINIRNFRADDIGKLVRQNGGTTYKVVMNVENCNISRVKDAILRT
DSSTSTGRIVNTRYSNVPTLFKGFKSGNTTASGNTQY
;
_entity_poly.pdbx_seq_one_letter_code_can   
;APTVVHETIRVPAGQTFDGKGQTYVANPNTLGDGSQAENQKPIFRLEAGASLKNVVIGAPAADGVHCYGDCTITNVIWED
VGEDALTLKSSGTVNISGGAAYKAYDKVFQINAAGTINIRNFRADDIGKLVRQNGGTTYKVVMNVENCNISRVKDAILRT
DSSTSTGRIVNTRYSNVPTLFKGFKSGNTTASGNTQY
;
_entity_poly.pdbx_strand_id                 A 
_entity_poly.pdbx_target_identifier         ? 
# 
loop_
_pdbx_entity_nonpoly.entity_id 
_pdbx_entity_nonpoly.name 
_pdbx_entity_nonpoly.comp_id 
2 'CALCIUM ION' CA  
3 water         HOH 
# 
loop_
_entity_poly_seq.entity_id 
_entity_poly_seq.num 
_entity_poly_seq.mon_id 
_entity_poly_seq.hetero 
1 1   ALA n 
1 2   PRO n 
1 3   THR n 
1 4   VAL n 
1 5   VAL n 
1 6   HIS n 
1 7   GLU n 
1 8   THR n 
1 9   ILE n 
1 10  ARG n 
1 11  VAL n 
1 12  PRO n 
1 13  ALA n 
1 14  GLY n 
1 15  GLN n 
1 16  THR n 
1 17  PHE n 
1 18  ASP n 
1 19  GLY n 
1 20  LYS n 
1 21  GLY n 
1 22  GLN n 
1 23  THR n 
1 24  TYR n 
1 25  VAL n 
1 26  ALA n 
1 27  ASN n 
1 28  PRO n 
1 29  ASN n 
1 30  THR n 
1 31  LEU n 
1 32  GLY n 
1 33  ASP n 
1 34  GLY n 
1 35  SER n 
1 36  GLN n 
1 37  ALA n 
1 38  GLU n 
1 39  ASN n 
1 40  GLN n 
1 41  LYS n 
1 42  PRO n 
1 43  ILE n 
1 44  PHE n 
1 45  ARG n 
1 46  LEU n 
1 47  GLU n 
1 48  ALA n 
1 49  GLY n 
1 50  ALA n 
1 51  SER n 
1 52  LEU n 
1 53  LYS n 
1 54  ASN n 
1 55  VAL n 
1 56  VAL n 
1 57  ILE n 
1 58  GLY n 
1 59  ALA n 
1 60  PRO n 
1 61  ALA n 
1 62  ALA n 
1 63  ASP n 
1 64  GLY n 
1 65  VAL n 
1 66  HIS n 
1 67  CYS n 
1 68  TYR n 
1 69  GLY n 
1 70  ASP n 
1 71  CYS n 
1 72  THR n 
1 73  ILE n 
1 74  THR n 
1 75  ASN n 
1 76  VAL n 
1 77  ILE n 
1 78  TRP n 
1 79  GLU n 
1 80  ASP n 
1 81  VAL n 
1 82  GLY n 
1 83  GLU n 
1 84  ASP n 
1 85  ALA n 
1 86  LEU n 
1 87  THR n 
1 88  LEU n 
1 89  LYS n 
1 90  SER n 
1 91  SER n 
1 92  GLY n 
1 93  THR n 
1 94  VAL n 
1 95  ASN n 
1 96  ILE n 
1 97  SER n 
1 98  GLY n 
1 99  GLY n 
1 100 ALA n 
1 101 ALA n 
1 102 TYR n 
1 103 LYS n 
1 104 ALA n 
1 105 TYR n 
1 106 ASP n 
1 107 LYS n 
1 108 VAL n 
1 109 PHE n 
1 110 GLN n 
1 111 ILE n 
1 112 ASN n 
1 113 ALA n 
1 114 ALA n 
1 115 GLY n 
1 116 THR n 
1 117 ILE n 
1 118 ASN n 
1 119 ILE n 
1 120 ARG n 
1 121 ASN n 
1 122 PHE n 
1 123 ARG n 
1 124 ALA n 
1 125 ASP n 
1 126 ASP n 
1 127 ILE n 
1 128 GLY n 
1 129 LYS n 
1 130 LEU n 
1 131 VAL n 
1 132 ARG n 
1 133 GLN n 
1 134 ASN n 
1 135 GLY n 
1 136 GLY n 
1 137 THR n 
1 138 THR n 
1 139 TYR n 
1 140 LYS n 
1 141 VAL n 
1 142 VAL n 
1 143 MET n 
1 144 ASN n 
1 145 VAL n 
1 146 GLU n 
1 147 ASN n 
1 148 CYS n 
1 149 ASN n 
1 150 ILE n 
1 151 SER n 
1 152 ARG n 
1 153 VAL n 
1 154 LYS n 
1 155 ASP n 
1 156 ALA n 
1 157 ILE n 
1 158 LEU n 
1 159 ARG n 
1 160 THR n 
1 161 ASP n 
1 162 SER n 
1 163 SER n 
1 164 THR n 
1 165 SER n 
1 166 THR n 
1 167 GLY n 
1 168 ARG n 
1 169 ILE n 
1 170 VAL n 
1 171 ASN n 
1 172 THR n 
1 173 ARG n 
1 174 TYR n 
1 175 SER n 
1 176 ASN n 
1 177 VAL n 
1 178 PRO n 
1 179 THR n 
1 180 LEU n 
1 181 PHE n 
1 182 LYS n 
1 183 GLY n 
1 184 PHE n 
1 185 LYS n 
1 186 SER n 
1 187 GLY n 
1 188 ASN n 
1 189 THR n 
1 190 THR n 
1 191 ALA n 
1 192 SER n 
1 193 GLY n 
1 194 ASN n 
1 195 THR n 
1 196 GLN n 
1 197 TYR n 
# 
_entity_src_nat.entity_id                  1 
_entity_src_nat.pdbx_src_id                1 
_entity_src_nat.pdbx_alt_source_flag       sample 
_entity_src_nat.pdbx_beg_seq_num           ? 
_entity_src_nat.pdbx_end_seq_num           ? 
_entity_src_nat.common_name                ? 
_entity_src_nat.pdbx_organism_scientific   'Bacillus sp.' 
_entity_src_nat.pdbx_ncbi_taxonomy_id      98226 
_entity_src_nat.genus                      Bacillus 
_entity_src_nat.species                    ? 
_entity_src_nat.strain                     KSM-P15 
_entity_src_nat.tissue                     ? 
_entity_src_nat.tissue_fraction            ? 
_entity_src_nat.pdbx_secretion             ? 
_entity_src_nat.pdbx_fragment              ? 
_entity_src_nat.pdbx_variant               ? 
_entity_src_nat.pdbx_cell_line             ? 
_entity_src_nat.pdbx_atcc                  ? 
_entity_src_nat.pdbx_cellular_location     ? 
_entity_src_nat.pdbx_organ                 ? 
_entity_src_nat.pdbx_organelle             ? 
_entity_src_nat.pdbx_cell                  ? 
_entity_src_nat.pdbx_plasmid_name          ? 
_entity_src_nat.pdbx_plasmid_details       ? 
_entity_src_nat.details                    ? 
# 
loop_
_chem_comp.id 
_chem_comp.type 
_chem_comp.mon_nstd_flag 
_chem_comp.name 
_chem_comp.pdbx_synonyms 
_chem_comp.formula 
_chem_comp.formula_weight 
ALA 'L-peptide linking' y ALANINE         ? 'C3 H7 N O2'     89.093  
ARG 'L-peptide linking' y ARGININE        ? 'C6 H15 N4 O2 1' 175.209 
ASN 'L-peptide linking' y ASPARAGINE      ? 'C4 H8 N2 O3'    132.118 
ASP 'L-peptide linking' y 'ASPARTIC ACID' ? 'C4 H7 N O4'     133.103 
CA  non-polymer         . 'CALCIUM ION'   ? 'Ca 2'           40.078  
CYS 'L-peptide linking' y CYSTEINE        ? 'C3 H7 N O2 S'   121.158 
GLN 'L-peptide linking' y GLUTAMINE       ? 'C5 H10 N2 O3'   146.144 
GLU 'L-peptide linking' y 'GLUTAMIC ACID' ? 'C5 H9 N O4'     147.129 
GLY 'peptide linking'   y GLYCINE         ? 'C2 H5 N O2'     75.067  
HIS 'L-peptide linking' y HISTIDINE       ? 'C6 H10 N3 O2 1' 156.162 
HOH non-polymer         . WATER           ? 'H2 O'           18.015  
ILE 'L-peptide linking' y ISOLEUCINE      ? 'C6 H13 N O2'    131.173 
LEU 'L-peptide linking' y LEUCINE         ? 'C6 H13 N O2'    131.173 
LYS 'L-peptide linking' y LYSINE          ? 'C6 H15 N2 O2 1' 147.195 
MET 'L-peptide linking' y METHIONINE      ? 'C5 H11 N O2 S'  149.211 
PHE 'L-peptide linking' y PHENYLALANINE   ? 'C9 H11 N O2'    165.189 
PRO 'L-peptide linking' y PROLINE         ? 'C5 H9 N O2'     115.130 
SER 'L-peptide linking' y SERINE          ? 'C3 H7 N O3'     105.093 
THR 'L-peptide linking' y THREONINE       ? 'C4 H9 N O3'     119.119 
TRP 'L-peptide linking' y TRYPTOPHAN      ? 'C11 H12 N2 O2'  204.225 
TYR 'L-peptide linking' y TYROSINE        ? 'C9 H11 N O3'    181.189 
VAL 'L-peptide linking' y VALINE          ? 'C5 H11 N O2'    117.146 
# 
loop_
_pdbx_poly_seq_scheme.asym_id 
_pdbx_poly_seq_scheme.entity_id 
_pdbx_poly_seq_scheme.seq_id 
_pdbx_poly_seq_scheme.mon_id 
_pdbx_poly_seq_scheme.ndb_seq_num 
_pdbx_poly_seq_scheme.pdb_seq_num 
_pdbx_poly_seq_scheme.auth_seq_num 
_pdbx_poly_seq_scheme.pdb_mon_id 
_pdbx_poly_seq_scheme.auth_mon_id 
_pdbx_poly_seq_scheme.pdb_strand_id 
_pdbx_poly_seq_scheme.pdb_ins_code 
_pdbx_poly_seq_scheme.hetero 
A 1 1   ALA 1   1   1   ALA ALA A . n 
A 1 2   PRO 2   2   2   PRO PRO A . n 
A 1 3   THR 3   3   3   THR THR A . n 
A 1 4   VAL 4   4   4   VAL VAL A . n 
A 1 5   VAL 5   5   5   VAL VAL A . n 
A 1 6   HIS 6   6   6   HIS HIS A . n 
A 1 7   GLU 7   7   7   GLU GLU A . n 
A 1 8   THR 8   8   8   THR THR A . n 
A 1 9   ILE 9   9   9   ILE ILE A . n 
A 1 10  ARG 10  10  10  ARG ARG A . n 
A 1 11  VAL 11  11  11  VAL VAL A . n 
A 1 12  PRO 12  12  12  PRO PRO A . n 
A 1 13  ALA 13  13  13  ALA ALA A . n 
A 1 14  GLY 14  14  14  GLY GLY A . n 
A 1 15  GLN 15  15  15  GLN GLN A . n 
A 1 16  THR 16  16  16  THR THR A . n 
A 1 17  PHE 17  17  17  PHE PHE A . n 
A 1 18  ASP 18  18  18  ASP ASP A . n 
A 1 19  GLY 19  19  19  GLY GLY A . n 
A 1 20  LYS 20  20  20  LYS LYS A . n 
A 1 21  GLY 21  21  21  GLY GLY A . n 
A 1 22  GLN 22  22  22  GLN GLN A . n 
A 1 23  THR 23  23  23  THR THR A . n 
A 1 24  TYR 24  24  24  TYR TYR A . n 
A 1 25  VAL 25  25  25  VAL VAL A . n 
A 1 26  ALA 26  26  26  ALA ALA A . n 
A 1 27  ASN 27  27  27  ASN ASN A . n 
A 1 28  PRO 28  28  28  PRO PRO A . n 
A 1 29  ASN 29  29  29  ASN ASN A . n 
A 1 30  THR 30  30  30  THR THR A . n 
A 1 31  LEU 31  31  31  LEU LEU A . n 
A 1 32  GLY 32  32  32  GLY GLY A . n 
A 1 33  ASP 33  33  33  ASP ASP A . n 
A 1 34  GLY 34  34  34  GLY GLY A . n 
A 1 35  SER 35  35  35  SER SER A . n 
A 1 36  GLN 36  36  36  GLN GLN A . n 
A 1 37  ALA 37  37  37  ALA ALA A . n 
A 1 38  GLU 38  38  38  GLU GLU A . n 
A 1 39  ASN 39  39  39  ASN ASN A . n 
A 1 40  GLN 40  40  40  GLN GLN A . n 
A 1 41  LYS 41  41  41  LYS LYS A . n 
A 1 42  PRO 42  42  42  PRO PRO A . n 
A 1 43  ILE 43  43  43  ILE ILE A . n 
A 1 44  PHE 44  44  44  PHE PHE A . n 
A 1 45  ARG 45  45  45  ARG ARG A . n 
A 1 46  LEU 46  46  46  LEU LEU A . n 
A 1 47  GLU 47  47  47  GLU GLU A . n 
A 1 48  ALA 48  48  48  ALA ALA A . n 
A 1 49  GLY 49  49  49  GLY GLY A . n 
A 1 50  ALA 50  50  50  ALA ALA A . n 
A 1 51  SER 51  51  51  SER SER A . n 
A 1 52  LEU 52  52  52  LEU LEU A . n 
A 1 53  LYS 53  53  53  LYS LYS A . n 
A 1 54  ASN 54  54  54  ASN ASN A . n 
A 1 55  VAL 55  55  55  VAL VAL A . n 
A 1 56  VAL 56  56  56  VAL VAL A . n 
A 1 57  ILE 57  57  57  ILE ILE A . n 
A 1 58  GLY 58  58  58  GLY GLY A . n 
A 1 59  ALA 59  59  59  ALA ALA A . n 
A 1 60  PRO 60  60  60  PRO PRO A . n 
A 1 61  ALA 61  61  61  ALA ALA A . n 
A 1 62  ALA 62  62  62  ALA ALA A . n 
A 1 63  ASP 63  63  63  ASP ASP A . n 
A 1 64  GLY 64  64  64  GLY GLY A . n 
A 1 65  VAL 65  65  65  VAL VAL A . n 
A 1 66  HIS 66  66  66  HIS HIS A . n 
A 1 67  CYS 67  67  67  CYS CYS A . n 
A 1 68  TYR 68  68  68  TYR TYR A . n 
A 1 69  GLY 69  69  69  GLY GLY A . n 
A 1 70  ASP 70  70  70  ASP ASP A . n 
A 1 71  CYS 71  71  71  CYS CYS A . n 
A 1 72  THR 72  72  72  THR THR A . n 
A 1 73  ILE 73  73  73  ILE ILE A . n 
A 1 74  THR 74  74  74  THR THR A . n 
A 1 75  ASN 75  75  75  ASN ASN A . n 
A 1 76  VAL 76  76  76  VAL VAL A . n 
A 1 77  ILE 77  77  77  ILE ILE A . n 
A 1 78  TRP 78  78  78  TRP TRP A . n 
A 1 79  GLU 79  79  79  GLU GLU A . n 
A 1 80  ASP 80  80  80  ASP ASP A . n 
A 1 81  VAL 81  81  81  VAL VAL A . n 
A 1 82  GLY 82  82  82  GLY GLY A . n 
A 1 83  GLU 83  83  83  GLU GLU A . n 
A 1 84  ASP 84  84  84  ASP ASP A . n 
A 1 85  ALA 85  85  85  ALA ALA A . n 
A 1 86  LEU 86  86  86  LEU LEU A . n 
A 1 87  THR 87  87  87  THR THR A . n 
A 1 88  LEU 88  88  88  LEU LEU A . n 
A 1 89  LYS 89  89  89  LYS LYS A . n 
A 1 90  SER 90  90  90  SER SER A . n 
A 1 91  SER 91  91  91  SER SER A . n 
A 1 92  GLY 92  92  92  GLY GLY A . n 
A 1 93  THR 93  93  93  THR THR A . n 
A 1 94  VAL 94  94  94  VAL VAL A . n 
A 1 95  ASN 95  95  95  ASN ASN A . n 
A 1 96  ILE 96  96  96  ILE ILE A . n 
A 1 97  SER 97  97  97  SER SER A . n 
A 1 98  GLY 98  98  98  GLY GLY A . n 
A 1 99  GLY 99  99  99  GLY GLY A . n 
A 1 100 ALA 100 100 100 ALA ALA A . n 
A 1 101 ALA 101 101 101 ALA ALA A . n 
A 1 102 TYR 102 102 102 TYR TYR A . n 
A 1 103 LYS 103 103 103 LYS LYS A . n 
A 1 104 ALA 104 104 104 ALA ALA A . n 
A 1 105 TYR 105 105 105 TYR TYR A . n 
A 1 106 ASP 106 106 106 ASP ASP A . n 
A 1 107 LYS 107 107 107 LYS LYS A . n 
A 1 108 VAL 108 108 108 VAL VAL A . n 
A 1 109 PHE 109 109 109 PHE PHE A . n 
A 1 110 GLN 110 110 110 GLN GLN A . n 
A 1 111 ILE 111 111 111 ILE ILE A . n 
A 1 112 ASN 112 112 112 ASN ASN A . n 
A 1 113 ALA 113 113 113 ALA ALA A . n 
A 1 114 ALA 114 114 114 ALA ALA A . n 
A 1 115 GLY 115 115 115 GLY GLY A . n 
A 1 116 THR 116 116 116 THR THR A . n 
A 1 117 ILE 117 117 117 ILE ILE A . n 
A 1 118 ASN 118 118 118 ASN ASN A . n 
A 1 119 ILE 119 119 119 ILE ILE A . n 
A 1 120 ARG 120 120 120 ARG ARG A . n 
A 1 121 ASN 121 121 121 ASN ASN A . n 
A 1 122 PHE 122 122 122 PHE PHE A . n 
A 1 123 ARG 123 123 123 ARG ARG A . n 
A 1 124 ALA 124 124 124 ALA ALA A . n 
A 1 125 ASP 125 125 125 ASP ASP A . n 
A 1 126 ASP 126 126 126 ASP ASP A . n 
A 1 127 ILE 127 127 127 ILE ILE A . n 
A 1 128 GLY 128 128 128 GLY GLY A . n 
A 1 129 LYS 129 129 129 LYS LYS A . n 
A 1 130 LEU 130 130 130 LEU LEU A . n 
A 1 131 VAL 131 131 131 VAL VAL A . n 
A 1 132 ARG 132 132 132 ARG ARG A . n 
A 1 133 GLN 133 133 133 GLN GLN A . n 
A 1 134 ASN 134 134 134 ASN ASN A . n 
A 1 135 GLY 135 135 135 GLY GLY A . n 
A 1 136 GLY 136 136 136 GLY GLY A . n 
A 1 137 THR 137 137 137 THR THR A . n 
A 1 138 THR 138 138 138 THR THR A . n 
A 1 139 TYR 139 139 139 TYR TYR A . n 
A 1 140 LYS 140 140 140 LYS LYS A . n 
A 1 141 VAL 141 141 141 VAL VAL A . n 
A 1 142 VAL 142 142 142 VAL VAL A . n 
A 1 143 MET 143 143 143 MET MET A . n 
A 1 144 ASN 144 144 144 ASN ASN A . n 
A 1 145 VAL 145 145 145 VAL VAL A . n 
A 1 146 GLU 146 146 146 GLU GLU A . n 
A 1 147 ASN 147 147 147 ASN ASN A . n 
A 1 148 CYS 148 148 148 CYS CYS A . n 
A 1 149 ASN 149 149 149 ASN ASN A . n 
A 1 150 ILE 150 150 150 ILE ILE A . n 
A 1 151 SER 151 151 151 SER SER A . n 
A 1 152 ARG 152 152 152 ARG ARG A . n 
A 1 153 VAL 153 153 153 VAL VAL A . n 
A 1 154 LYS 154 154 154 LYS LYS A . n 
A 1 155 ASP 155 155 155 ASP ASP A . n 
A 1 156 ALA 156 156 156 ALA ALA A . n 
A 1 157 ILE 157 157 157 ILE ILE A . n 
A 1 158 LEU 158 158 158 LEU LEU A . n 
A 1 159 ARG 159 159 159 ARG ARG A . n 
A 1 160 THR 160 160 160 THR THR A . n 
A 1 161 ASP 161 161 161 ASP ASP A . n 
A 1 162 SER 162 162 162 SER SER A . n 
A 1 163 SER 163 163 163 SER SER A . n 
A 1 164 THR 164 164 164 THR THR A . n 
A 1 165 SER 165 165 165 SER SER A . n 
A 1 166 THR 166 166 166 THR THR A . n 
A 1 167 GLY 167 167 167 GLY GLY A . n 
A 1 168 ARG 168 168 168 ARG ARG A . n 
A 1 169 ILE 169 169 169 ILE ILE A . n 
A 1 170 VAL 170 170 170 VAL VAL A . n 
A 1 171 ASN 171 171 171 ASN ASN A . n 
A 1 172 THR 172 172 172 THR THR A . n 
A 1 173 ARG 173 173 173 ARG ARG A . n 
A 1 174 TYR 174 174 174 TYR TYR A . n 
A 1 175 SER 175 175 175 SER SER A . n 
A 1 176 ASN 176 176 176 ASN ASN A . n 
A 1 177 VAL 177 177 177 VAL VAL A . n 
A 1 178 PRO 178 178 178 PRO PRO A . n 
A 1 179 THR 179 179 179 THR THR A . n 
A 1 180 LEU 180 180 180 LEU LEU A . n 
A 1 181 PHE 181 181 181 PHE PHE A . n 
A 1 182 LYS 182 182 182 LYS LYS A . n 
A 1 183 GLY 183 183 183 GLY GLY A . n 
A 1 184 PHE 184 184 184 PHE PHE A . n 
A 1 185 LYS 185 185 185 LYS LYS A . n 
A 1 186 SER 186 186 186 SER SER A . n 
A 1 187 GLY 187 187 187 GLY GLY A . n 
A 1 188 ASN 188 188 188 ASN ASN A . n 
A 1 189 THR 189 189 189 THR THR A . n 
A 1 190 THR 190 190 190 THR THR A . n 
A 1 191 ALA 191 191 191 ALA ALA A . n 
A 1 192 SER 192 192 192 SER SER A . n 
A 1 193 GLY 193 193 193 GLY GLY A . n 
A 1 194 ASN 194 194 194 ASN ASN A . n 
A 1 195 THR 195 195 195 THR THR A . n 
A 1 196 GLN 196 196 196 GLN GLN A . n 
A 1 197 TYR 197 197 197 TYR TYR A . n 
# 
loop_
_pdbx_nonpoly_scheme.asym_id 
_pdbx_nonpoly_scheme.entity_id 
_pdbx_nonpoly_scheme.mon_id 
_pdbx_nonpoly_scheme.ndb_seq_num 
_pdbx_nonpoly_scheme.pdb_seq_num 
_pdbx_nonpoly_scheme.auth_seq_num 
_pdbx_nonpoly_scheme.pdb_mon_id 
_pdbx_nonpoly_scheme.auth_mon_id 
_pdbx_nonpoly_scheme.pdb_strand_id 
_pdbx_nonpoly_scheme.pdb_ins_code 
B 2 CA  1   300 300 CA  IUM A . 
C 3 HOH 1   301 301 HOH HOH A . 
C 3 HOH 2   302 302 HOH HOH A . 
C 3 HOH 3   303 303 HOH HOH A . 
C 3 HOH 4   304 304 HOH HOH A . 
C 3 HOH 5   305 305 HOH HOH A . 
C 3 HOH 6   306 306 HOH HOH A . 
C 3 HOH 7   307 307 HOH HOH A . 
C 3 HOH 8   308 308 HOH HOH A . 
C 3 HOH 9   309 309 HOH HOH A . 
C 3 HOH 10  310 310 HOH HOH A . 
C 3 HOH 11  311 311 HOH HOH A . 
C 3 HOH 12  312 312 HOH HOH A . 
C 3 HOH 13  313 313 HOH HOH A . 
C 3 HOH 14  314 314 HOH HOH A . 
C 3 HOH 15  315 315 HOH HOH A . 
C 3 HOH 16  316 316 HOH HOH A . 
C 3 HOH 17  317 317 HOH HOH A . 
C 3 HOH 18  318 318 HOH HOH A . 
C 3 HOH 19  319 319 HOH HOH A . 
C 3 HOH 20  320 320 HOH HOH A . 
C 3 HOH 21  321 321 HOH HOH A . 
C 3 HOH 22  322 322 HOH HOH A . 
C 3 HOH 23  323 323 HOH HOH A . 
C 3 HOH 24  324 324 HOH HOH A . 
C 3 HOH 25  325 325 HOH HOH A . 
C 3 HOH 26  326 326 HOH HOH A . 
C 3 HOH 27  327 327 HOH HOH A . 
C 3 HOH 28  328 328 HOH HOH A . 
C 3 HOH 29  329 329 HOH HOH A . 
C 3 HOH 30  330 330 HOH HOH A . 
C 3 HOH 31  331 331 HOH HOH A . 
C 3 HOH 32  332 332 HOH HOH A . 
C 3 HOH 33  333 333 HOH HOH A . 
C 3 HOH 34  334 334 HOH HOH A . 
C 3 HOH 35  335 335 HOH HOH A . 
C 3 HOH 36  336 336 HOH HOH A . 
C 3 HOH 37  337 337 HOH HOH A . 
C 3 HOH 38  338 338 HOH HOH A . 
C 3 HOH 39  339 339 HOH HOH A . 
C 3 HOH 40  340 340 HOH HOH A . 
C 3 HOH 41  341 341 HOH HOH A . 
C 3 HOH 42  342 342 HOH HOH A . 
C 3 HOH 43  343 343 HOH HOH A . 
C 3 HOH 44  344 344 HOH HOH A . 
C 3 HOH 45  345 345 HOH HOH A . 
C 3 HOH 46  346 346 HOH HOH A . 
C 3 HOH 47  347 347 HOH HOH A . 
C 3 HOH 48  348 348 HOH HOH A . 
C 3 HOH 49  349 349 HOH HOH A . 
C 3 HOH 50  350 350 HOH HOH A . 
C 3 HOH 51  351 351 HOH HOH A . 
C 3 HOH 52  352 352 HOH HOH A . 
C 3 HOH 53  353 353 HOH HOH A . 
C 3 HOH 54  354 354 HOH HOH A . 
C 3 HOH 55  355 355 HOH HOH A . 
C 3 HOH 56  356 356 HOH HOH A . 
C 3 HOH 57  357 357 HOH HOH A . 
C 3 HOH 58  358 358 HOH HOH A . 
C 3 HOH 59  359 359 HOH HOH A . 
C 3 HOH 60  360 360 HOH HOH A . 
C 3 HOH 61  361 361 HOH HOH A . 
C 3 HOH 62  362 362 HOH HOH A . 
C 3 HOH 63  363 363 HOH HOH A . 
C 3 HOH 64  364 364 HOH HOH A . 
C 3 HOH 65  365 365 HOH HOH A . 
C 3 HOH 66  366 366 HOH HOH A . 
C 3 HOH 67  367 367 HOH HOH A . 
C 3 HOH 68  368 368 HOH HOH A . 
C 3 HOH 69  369 369 HOH HOH A . 
C 3 HOH 70  370 370 HOH HOH A . 
C 3 HOH 71  371 371 HOH HOH A . 
C 3 HOH 72  372 372 HOH HOH A . 
C 3 HOH 73  373 373 HOH HOH A . 
C 3 HOH 74  374 374 HOH HOH A . 
C 3 HOH 75  375 375 HOH HOH A . 
C 3 HOH 76  376 376 HOH HOH A . 
C 3 HOH 77  377 377 HOH HOH A . 
C 3 HOH 78  378 378 HOH HOH A . 
C 3 HOH 79  379 379 HOH HOH A . 
C 3 HOH 80  380 380 HOH HOH A . 
C 3 HOH 81  381 381 HOH HOH A . 
C 3 HOH 82  382 382 HOH HOH A . 
C 3 HOH 83  383 383 HOH HOH A . 
C 3 HOH 84  384 384 HOH HOH A . 
C 3 HOH 85  385 385 HOH HOH A . 
C 3 HOH 86  386 386 HOH HOH A . 
C 3 HOH 87  387 387 HOH HOH A . 
C 3 HOH 88  388 388 HOH HOH A . 
C 3 HOH 89  389 389 HOH HOH A . 
C 3 HOH 90  390 390 HOH HOH A . 
C 3 HOH 91  391 391 HOH HOH A . 
C 3 HOH 92  392 392 HOH HOH A . 
C 3 HOH 93  393 393 HOH HOH A . 
C 3 HOH 94  394 394 HOH HOH A . 
C 3 HOH 95  395 395 HOH HOH A . 
C 3 HOH 96  396 396 HOH HOH A . 
C 3 HOH 97  397 397 HOH HOH A . 
C 3 HOH 98  398 398 HOH HOH A . 
C 3 HOH 99  399 399 HOH HOH A . 
C 3 HOH 100 400 400 HOH HOH A . 
C 3 HOH 101 401 401 HOH HOH A . 
C 3 HOH 102 402 402 HOH HOH A . 
C 3 HOH 103 403 403 HOH HOH A . 
C 3 HOH 104 404 404 HOH HOH A . 
C 3 HOH 105 405 405 HOH HOH A . 
C 3 HOH 106 406 406 HOH HOH A . 
C 3 HOH 107 407 407 HOH HOH A . 
C 3 HOH 108 408 408 HOH HOH A . 
C 3 HOH 109 409 409 HOH HOH A . 
C 3 HOH 110 410 410 HOH HOH A . 
C 3 HOH 111 411 411 HOH HOH A . 
C 3 HOH 112 412 412 HOH HOH A . 
C 3 HOH 113 413 413 HOH HOH A . 
C 3 HOH 114 414 414 HOH HOH A . 
C 3 HOH 115 415 415 HOH HOH A . 
C 3 HOH 116 416 416 HOH HOH A . 
C 3 HOH 117 417 417 HOH HOH A . 
C 3 HOH 118 418 418 HOH HOH A . 
C 3 HOH 119 419 419 HOH HOH A . 
C 3 HOH 120 420 420 HOH HOH A . 
C 3 HOH 121 421 421 HOH HOH A . 
C 3 HOH 122 422 422 HOH HOH A . 
C 3 HOH 123 423 423 HOH HOH A . 
C 3 HOH 124 424 424 HOH HOH A . 
C 3 HOH 125 425 425 HOH HOH A . 
C 3 HOH 126 426 426 HOH HOH A . 
C 3 HOH 127 427 427 HOH HOH A . 
C 3 HOH 128 428 428 HOH HOH A . 
C 3 HOH 129 429 429 HOH HOH A . 
C 3 HOH 130 430 430 HOH HOH A . 
C 3 HOH 131 431 431 HOH HOH A . 
C 3 HOH 132 432 432 HOH HOH A . 
C 3 HOH 133 433 433 HOH HOH A . 
C 3 HOH 134 434 434 HOH HOH A . 
C 3 HOH 135 435 435 HOH HOH A . 
C 3 HOH 136 436 436 HOH HOH A . 
C 3 HOH 137 437 437 HOH HOH A . 
C 3 HOH 138 438 438 HOH HOH A . 
C 3 HOH 139 439 439 HOH HOH A . 
C 3 HOH 140 440 440 HOH HOH A . 
C 3 HOH 141 441 441 HOH HOH A . 
C 3 HOH 142 442 442 HOH HOH A . 
C 3 HOH 143 443 443 HOH HOH A . 
C 3 HOH 144 444 444 HOH HOH A . 
C 3 HOH 145 445 445 HOH HOH A . 
C 3 HOH 146 446 446 HOH HOH A . 
C 3 HOH 147 447 447 HOH HOH A . 
C 3 HOH 148 448 448 HOH HOH A . 
C 3 HOH 149 449 449 HOH HOH A . 
C 3 HOH 150 450 450 HOH HOH A . 
C 3 HOH 151 451 451 HOH HOH A . 
C 3 HOH 152 452 452 HOH HOH A . 
C 3 HOH 153 453 453 HOH HOH A . 
C 3 HOH 154 454 454 HOH HOH A . 
C 3 HOH 155 455 455 HOH HOH A . 
C 3 HOH 156 456 456 HOH HOH A . 
C 3 HOH 157 457 457 HOH HOH A . 
C 3 HOH 158 458 458 HOH HOH A . 
C 3 HOH 159 459 459 HOH HOH A . 
C 3 HOH 160 460 460 HOH HOH A . 
C 3 HOH 161 461 461 HOH HOH A . 
C 3 HOH 162 462 462 HOH HOH A . 
C 3 HOH 163 463 463 HOH HOH A . 
C 3 HOH 164 464 464 HOH HOH A . 
C 3 HOH 165 465 465 HOH HOH A . 
C 3 HOH 166 466 466 HOH HOH A . 
C 3 HOH 167 467 467 HOH HOH A . 
C 3 HOH 168 468 468 HOH HOH A . 
C 3 HOH 169 469 469 HOH HOH A . 
C 3 HOH 170 470 470 HOH HOH A . 
# 
loop_
_pdbx_unobs_or_zero_occ_atoms.id 
_pdbx_unobs_or_zero_occ_atoms.PDB_model_num 
_pdbx_unobs_or_zero_occ_atoms.polymer_flag 
_pdbx_unobs_or_zero_occ_atoms.occupancy_flag 
_pdbx_unobs_or_zero_occ_atoms.auth_asym_id 
_pdbx_unobs_or_zero_occ_atoms.auth_comp_id 
_pdbx_unobs_or_zero_occ_atoms.auth_seq_id 
_pdbx_unobs_or_zero_occ_atoms.PDB_ins_code 
_pdbx_unobs_or_zero_occ_atoms.auth_atom_id 
_pdbx_unobs_or_zero_occ_atoms.label_alt_id 
_pdbx_unobs_or_zero_occ_atoms.label_asym_id 
_pdbx_unobs_or_zero_occ_atoms.label_comp_id 
_pdbx_unobs_or_zero_occ_atoms.label_seq_id 
_pdbx_unobs_or_zero_occ_atoms.label_atom_id 
1  1 Y 0 A GLU 7   ? CB  ? A GLU 7   CB  
2  1 Y 0 A GLU 7   ? CG  ? A GLU 7   CG  
3  1 Y 0 A GLU 7   ? CD  ? A GLU 7   CD  
4  1 Y 0 A GLU 7   ? OE1 ? A GLU 7   OE1 
5  1 Y 0 A GLU 7   ? OE2 ? A GLU 7   OE2 
6  1 Y 0 A LYS 20  ? CB  ? A LYS 20  CB  
7  1 Y 0 A LYS 20  ? CG  ? A LYS 20  CG  
8  1 Y 0 A LYS 20  ? CD  ? A LYS 20  CD  
9  1 Y 0 A LYS 20  ? CE  ? A LYS 20  CE  
10 1 Y 0 A LYS 20  ? NZ  ? A LYS 20  NZ  
11 1 Y 0 A ASN 39  ? CB  ? A ASN 39  CB  
12 1 Y 0 A ASN 39  ? CG  ? A ASN 39  CG  
13 1 Y 0 A ASN 39  ? OD1 ? A ASN 39  OD1 
14 1 Y 0 A ASN 39  ? ND2 ? A ASN 39  ND2 
15 1 Y 0 A LYS 185 ? CB  ? A LYS 185 CB  
16 1 Y 0 A LYS 185 ? CG  ? A LYS 185 CG  
17 1 Y 0 A LYS 185 ? CD  ? A LYS 185 CD  
18 1 Y 0 A LYS 185 ? CE  ? A LYS 185 CE  
19 1 Y 0 A LYS 185 ? NZ  ? A LYS 185 NZ  
# 
loop_
_software.name 
_software.classification 
_software.version 
_software.citation_id 
_software.pdbx_ordinal 
DENZO     'data reduction' .   ? 1 
SCALEPACK 'data scaling'   .   ? 2 
MLPHARE   phasing          .   ? 3 
X-PLOR    refinement       3.1 ? 4 
# 
_cell.entry_id           1EE6 
_cell.length_a           42.900 
_cell.length_b           60.500 
_cell.length_c           83.000 
_cell.angle_alpha        90.00 
_cell.angle_beta         90.00 
_cell.angle_gamma        90.00 
_cell.Z_PDB              4 
_cell.pdbx_unique_axis   ? 
# 
_symmetry.entry_id                         1EE6 
_symmetry.space_group_name_H-M             'P 21 21 21' 
_symmetry.pdbx_full_space_group_name_H-M   ? 
_symmetry.cell_setting                     ? 
_symmetry.Int_Tables_number                19 
# 
_exptl.entry_id          1EE6 
_exptl.method            'X-RAY DIFFRACTION' 
_exptl.crystals_number   1 
# 
_exptl_crystal.id                    1 
_exptl_crystal.density_meas          ? 
_exptl_crystal.density_Matthews      2.57 
_exptl_crystal.density_percent_sol   52.14 
_exptl_crystal.description           ? 
# 
_exptl_crystal_grow.crystal_id      1 
_exptl_crystal_grow.method          'VAPOR DIFFUSION, HANGING DROP' 
_exptl_crystal_grow.temp            277.0 
_exptl_crystal_grow.temp_details    ? 
_exptl_crystal_grow.pH              6.7 
_exptl_crystal_grow.pdbx_details    'PEG 8000, pH 6.7, VAPOR DIFFUSION, HANGING DROP, temperature 277.0K' 
_exptl_crystal_grow.pdbx_pH_range   ? 
# 
_diffrn.id                     1 
_diffrn.ambient_temp           100.0 
_diffrn.ambient_temp_details   ? 
_diffrn.crystal_id             1 
# 
_diffrn_detector.diffrn_id              1 
_diffrn_detector.detector               'IMAGE PLATE' 
_diffrn_detector.type                   'RIGAKU RAXIS IV++' 
_diffrn_detector.pdbx_collection_date   1999-01-01 
_diffrn_detector.details                ? 
# 
_diffrn_radiation.diffrn_id                        1 
_diffrn_radiation.wavelength_id                    1 
_diffrn_radiation.pdbx_monochromatic_or_laue_m_l   M 
_diffrn_radiation.monochromator                    ? 
_diffrn_radiation.pdbx_diffrn_protocol             'SINGLE WAVELENGTH' 
_diffrn_radiation.pdbx_scattering_type             x-ray 
# 
_diffrn_radiation_wavelength.id           1 
_diffrn_radiation_wavelength.wavelength   1.5418 
_diffrn_radiation_wavelength.wt           1.0 
# 
_diffrn_source.diffrn_id                   1 
_diffrn_source.source                      'ROTATING ANODE' 
_diffrn_source.type                        'RIGAKU RU300' 
_diffrn_source.pdbx_synchrotron_site       ? 
_diffrn_source.pdbx_synchrotron_beamline   ? 
_diffrn_source.pdbx_wavelength             1.5418 
_diffrn_source.pdbx_wavelength_list        ? 
# 
_reflns.entry_id                     1EE6 
_reflns.observed_criterion_sigma_I   0.0 
_reflns.observed_criterion_sigma_F   0.0 
_reflns.d_resolution_low             20.0 
_reflns.d_resolution_high            2.3 
_reflns.number_obs                   10063 
_reflns.number_all                   ? 
_reflns.percent_possible_obs         99.3 
_reflns.pdbx_Rmerge_I_obs            0.069 
_reflns.pdbx_Rsym_value              ? 
_reflns.pdbx_netI_over_sigmaI        12.0 
_reflns.B_iso_Wilson_estimate        ? 
_reflns.pdbx_redundancy              3.8 
_reflns.R_free_details               ? 
_reflns.limit_h_max                  ? 
_reflns.limit_h_min                  ? 
_reflns.limit_k_max                  ? 
_reflns.limit_k_min                  ? 
_reflns.limit_l_max                  ? 
_reflns.limit_l_min                  ? 
_reflns.observed_criterion_F_max     ? 
_reflns.observed_criterion_F_min     ? 
_reflns.pdbx_ordinal                 1 
_reflns.pdbx_diffrn_id               1 
# 
_reflns_shell.d_res_high             2.30 
_reflns_shell.d_res_low              2.38 
_reflns_shell.percent_possible_all   98.8 
_reflns_shell.Rmerge_I_obs           0.204 
_reflns_shell.pdbx_Rsym_value        ? 
_reflns_shell.meanI_over_sigI_obs    ? 
_reflns_shell.pdbx_redundancy        ? 
_reflns_shell.percent_possible_obs   ? 
_reflns_shell.number_unique_all      ? 
_reflns_shell.pdbx_ordinal           1 
_reflns_shell.pdbx_diffrn_id         1 
# 
_refine.entry_id                                 1EE6 
_refine.ls_number_reflns_obs                     8859 
_refine.ls_number_reflns_all                     9693 
_refine.pdbx_ls_sigma_I                          0.0 
_refine.pdbx_ls_sigma_F                          3.0 
_refine.pdbx_data_cutoff_high_absF               ? 
_refine.pdbx_data_cutoff_low_absF                ? 
_refine.ls_d_res_low                             10.0 
_refine.ls_d_res_high                            2.3 
_refine.ls_percent_reflns_obs                    ? 
_refine.ls_R_factor_obs                          ? 
_refine.ls_R_factor_all                          ? 
_refine.ls_R_factor_R_work                       0.186 
_refine.ls_R_factor_R_free                       0.234 
_refine.ls_R_factor_R_free_error                 ? 
_refine.ls_R_factor_R_free_error_details         ? 
_refine.ls_percent_reflns_R_free                 ? 
_refine.ls_number_reflns_R_free                  466 
_refine.ls_number_parameters                     ? 
_refine.ls_number_restraints                     ? 
_refine.occupancy_min                            ? 
_refine.occupancy_max                            ? 
_refine.B_iso_mean                               ? 
_refine.aniso_B[1][1]                            ? 
_refine.aniso_B[2][2]                            ? 
_refine.aniso_B[3][3]                            ? 
_refine.aniso_B[1][2]                            ? 
_refine.aniso_B[1][3]                            ? 
_refine.aniso_B[2][3]                            ? 
_refine.solvent_model_details                    ? 
_refine.solvent_model_param_ksol                 ? 
_refine.solvent_model_param_bsol                 ? 
_refine.pdbx_ls_cross_valid_method               ? 
_refine.details                                  'Four disordered side-chain(1A,7E,20K,39K) were excluded in refinement stage.' 
_refine.pdbx_starting_model                      ? 
_refine.pdbx_method_to_determine_struct          ? 
_refine.pdbx_isotropic_thermal_model             ? 
_refine.pdbx_stereochemistry_target_values       ? 
_refine.pdbx_stereochem_target_val_spec_case     ? 
_refine.pdbx_R_Free_selection_details            RANDOM 
_refine.pdbx_overall_ESU_R_Free                  ? 
_refine.overall_SU_B                             ? 
_refine.ls_redundancy_reflns_obs                 ? 
_refine.B_iso_min                                ? 
_refine.B_iso_max                                ? 
_refine.overall_SU_ML                            ? 
_refine.pdbx_overall_ESU_R                       ? 
_refine.pdbx_data_cutoff_high_rms_absF           ? 
_refine.correlation_coeff_Fo_to_Fc               ? 
_refine.correlation_coeff_Fo_to_Fc_free          ? 
_refine.overall_SU_R_Cruickshank_DPI             ? 
_refine.overall_SU_R_free                        ? 
_refine.pdbx_refine_id                           'X-RAY DIFFRACTION' 
_refine.pdbx_diffrn_id                           1 
_refine.pdbx_TLS_residual_ADP_flag               ? 
_refine.pdbx_solvent_vdw_probe_radii             ? 
_refine.pdbx_solvent_ion_probe_radii             ? 
_refine.pdbx_solvent_shrinkage_radii             ? 
_refine.pdbx_overall_phase_error                 ? 
_refine.pdbx_overall_SU_R_free_Cruickshank_DPI   ? 
_refine.pdbx_overall_SU_R_Blow_DPI               ? 
_refine.pdbx_overall_SU_R_free_Blow_DPI          ? 
# 
_refine_hist.pdbx_refine_id                   'X-RAY DIFFRACTION' 
_refine_hist.cycle_id                         LAST 
_refine_hist.pdbx_number_atoms_protein        1472 
_refine_hist.pdbx_number_atoms_nucleic_acid   0 
_refine_hist.pdbx_number_atoms_ligand         1 
_refine_hist.number_atoms_solvent             170 
_refine_hist.number_atoms_total               1643 
_refine_hist.d_res_high                       2.3 
_refine_hist.d_res_low                        10.0 
# 
loop_
_refine_ls_restr.type 
_refine_ls_restr.dev_ideal 
_refine_ls_restr.dev_ideal_target 
_refine_ls_restr.weight 
_refine_ls_restr.number 
_refine_ls_restr.pdbx_refine_id 
_refine_ls_restr.pdbx_restraint_function 
x_bond_d    0.014 ? ? ? 'X-RAY DIFFRACTION' ? 
x_angle_deg 2.7   ? ? ? 'X-RAY DIFFRACTION' ? 
# 
_struct.entry_id                  1EE6 
_struct.title                     'CRYSTAL STRUCTURE OF PECTATE LYASE FROM BACILLUS SP. STRAIN KSM-P15.' 
_struct.pdbx_model_details        ? 
_struct.pdbx_CASP_flag            ? 
_struct.pdbx_model_type_details   ? 
# 
_struct_keywords.entry_id        1EE6 
_struct_keywords.pdbx_keywords   LYASE 
_struct_keywords.text            'Parallel beta-helix, High-alkaline, Low-Molecular-Weight, LYASE' 
# 
loop_
_struct_asym.id 
_struct_asym.pdbx_blank_PDB_chainid_flag 
_struct_asym.pdbx_modified 
_struct_asym.entity_id 
_struct_asym.details 
A N N 1 ? 
B N N 2 ? 
C N N 3 ? 
# 
_struct_ref.id                         1 
_struct_ref.db_name                    UNP 
_struct_ref.db_code                    Q9RHW0_BACSP 
_struct_ref.entity_id                  1 
_struct_ref.pdbx_db_accession          Q9RHW0 
_struct_ref.pdbx_align_begin           28 
_struct_ref.pdbx_seq_one_letter_code   
;APTVVHETIRVPAGQTFDGKGQTYVANPNTLGDGSQAENQKPIFRLEAGASLKNVVIGAPAADGVHCYGDCTITNVIWED
VGEDALTLKSSGTVNISGGAAYKAYDKVFQINAAGTINIRNFRADDIGKLVRQNGGTTYKVVMNVENCNISRVKDAILRT
DSSTSTGRIVNTRYSNVPTLFKGFKSGNTTASGNTQY
;
_struct_ref.pdbx_db_isoform            ? 
# 
_struct_ref_seq.align_id                      1 
_struct_ref_seq.ref_id                        1 
_struct_ref_seq.pdbx_PDB_id_code              1EE6 
_struct_ref_seq.pdbx_strand_id                A 
_struct_ref_seq.seq_align_beg                 1 
_struct_ref_seq.pdbx_seq_align_beg_ins_code   ? 
_struct_ref_seq.seq_align_end                 197 
_struct_ref_seq.pdbx_seq_align_end_ins_code   ? 
_struct_ref_seq.pdbx_db_accession             Q9RHW0 
_struct_ref_seq.db_align_beg                  28 
_struct_ref_seq.pdbx_db_align_beg_ins_code    ? 
_struct_ref_seq.db_align_end                  224 
_struct_ref_seq.pdbx_db_align_end_ins_code    ? 
_struct_ref_seq.pdbx_auth_seq_align_beg       1 
_struct_ref_seq.pdbx_auth_seq_align_end       197 
# 
_pdbx_struct_assembly.id                   1 
_pdbx_struct_assembly.details              author_defined_assembly 
_pdbx_struct_assembly.method_details       ? 
_pdbx_struct_assembly.oligomeric_details   monomeric 
_pdbx_struct_assembly.oligomeric_count     1 
# 
_pdbx_struct_assembly_gen.assembly_id       1 
_pdbx_struct_assembly_gen.oper_expression   1 
_pdbx_struct_assembly_gen.asym_id_list      A,B,C 
# 
_pdbx_struct_oper_list.id                   1 
_pdbx_struct_oper_list.type                 'identity operation' 
_pdbx_struct_oper_list.name                 1_555 
_pdbx_struct_oper_list.symmetry_operation   x,y,z 
_pdbx_struct_oper_list.matrix[1][1]         1.0000000000 
_pdbx_struct_oper_list.matrix[1][2]         0.0000000000 
_pdbx_struct_oper_list.matrix[1][3]         0.0000000000 
_pdbx_struct_oper_list.vector[1]            0.0000000000 
_pdbx_struct_oper_list.matrix[2][1]         0.0000000000 
_pdbx_struct_oper_list.matrix[2][2]         1.0000000000 
_pdbx_struct_oper_list.matrix[2][3]         0.0000000000 
_pdbx_struct_oper_list.vector[2]            0.0000000000 
_pdbx_struct_oper_list.matrix[3][1]         0.0000000000 
_pdbx_struct_oper_list.matrix[3][2]         0.0000000000 
_pdbx_struct_oper_list.matrix[3][3]         1.0000000000 
_pdbx_struct_oper_list.vector[3]            0.0000000000 
# 
_struct_biol.id                    1 
_struct_biol.pdbx_parent_biol_id   ? 
_struct_biol.details               ? 
# 
loop_
_struct_conn.id 
_struct_conn.conn_type_id 
_struct_conn.pdbx_leaving_atom_flag 
_struct_conn.pdbx_PDB_id 
_struct_conn.ptnr1_label_asym_id 
_struct_conn.ptnr1_label_comp_id 
_struct_conn.ptnr1_label_seq_id 
_struct_conn.ptnr1_label_atom_id 
_struct_conn.pdbx_ptnr1_label_alt_id 
_struct_conn.pdbx_ptnr1_PDB_ins_code 
_struct_conn.pdbx_ptnr1_standard_comp_id 
_struct_conn.ptnr1_symmetry 
_struct_conn.ptnr2_label_asym_id 
_struct_conn.ptnr2_label_comp_id 
_struct_conn.ptnr2_label_seq_id 
_struct_conn.ptnr2_label_atom_id 
_struct_conn.pdbx_ptnr2_label_alt_id 
_struct_conn.pdbx_ptnr2_PDB_ins_code 
_struct_conn.ptnr1_auth_asym_id 
_struct_conn.ptnr1_auth_comp_id 
_struct_conn.ptnr1_auth_seq_id 
_struct_conn.ptnr2_auth_asym_id 
_struct_conn.ptnr2_auth_comp_id 
_struct_conn.ptnr2_auth_seq_id 
_struct_conn.ptnr2_symmetry 
_struct_conn.pdbx_ptnr3_label_atom_id 
_struct_conn.pdbx_ptnr3_label_seq_id 
_struct_conn.pdbx_ptnr3_label_comp_id 
_struct_conn.pdbx_ptnr3_label_asym_id 
_struct_conn.pdbx_ptnr3_label_alt_id 
_struct_conn.pdbx_ptnr3_PDB_ins_code 
_struct_conn.details 
_struct_conn.pdbx_dist_value 
_struct_conn.pdbx_value_order 
_struct_conn.pdbx_role 
disulf1 disulf ? ? A CYS 67  SG  ? ? ? 1_555 A CYS 71 SG ? ? A CYS 67  A CYS 71  1_555 ? ? ? ? ? ? ? 1.970 ? ? 
metalc1 metalc ? ? A ASP 80  OD2 ? ? ? 1_555 B CA  .  CA ? ? A ASP 80  A CA  300 1_555 ? ? ? ? ? ? ? 2.216 ? ? 
metalc2 metalc ? ? A VAL 81  O   ? ? ? 1_555 B CA  .  CA ? ? A VAL 81  A CA  300 1_555 ? ? ? ? ? ? ? 2.169 ? ? 
metalc3 metalc ? ? A LYS 103 O   ? ? ? 1_555 B CA  .  CA ? ? A LYS 103 A CA  300 1_555 ? ? ? ? ? ? ? 2.281 ? ? 
metalc4 metalc ? ? B CA  .   CA  ? ? ? 1_555 C HOH .  O  ? ? A CA  300 A HOH 327 1_555 ? ? ? ? ? ? ? 2.503 ? ? 
metalc5 metalc ? ? B CA  .   CA  ? ? ? 1_555 C HOH .  O  ? ? A CA  300 A HOH 359 1_555 ? ? ? ? ? ? ? 2.959 ? ? 
metalc6 metalc ? ? B CA  .   CA  ? ? ? 1_555 C HOH .  O  ? ? A CA  300 A HOH 467 1_555 ? ? ? ? ? ? ? 2.189 ? ? 
# 
loop_
_struct_conn_type.id 
_struct_conn_type.criteria 
_struct_conn_type.reference 
disulf ? ? 
metalc ? ? 
# 
loop_
_pdbx_struct_conn_angle.id 
_pdbx_struct_conn_angle.ptnr1_label_atom_id 
_pdbx_struct_conn_angle.ptnr1_label_alt_id 
_pdbx_struct_conn_angle.ptnr1_label_asym_id 
_pdbx_struct_conn_angle.ptnr1_label_comp_id 
_pdbx_struct_conn_angle.ptnr1_label_seq_id 
_pdbx_struct_conn_angle.ptnr1_auth_atom_id 
_pdbx_struct_conn_angle.ptnr1_auth_asym_id 
_pdbx_struct_conn_angle.ptnr1_auth_comp_id 
_pdbx_struct_conn_angle.ptnr1_auth_seq_id 
_pdbx_struct_conn_angle.ptnr1_PDB_ins_code 
_pdbx_struct_conn_angle.ptnr1_symmetry 
_pdbx_struct_conn_angle.ptnr2_label_atom_id 
_pdbx_struct_conn_angle.ptnr2_label_alt_id 
_pdbx_struct_conn_angle.ptnr2_label_asym_id 
_pdbx_struct_conn_angle.ptnr2_label_comp_id 
_pdbx_struct_conn_angle.ptnr2_label_seq_id 
_pdbx_struct_conn_angle.ptnr2_auth_atom_id 
_pdbx_struct_conn_angle.ptnr2_auth_asym_id 
_pdbx_struct_conn_angle.ptnr2_auth_comp_id 
_pdbx_struct_conn_angle.ptnr2_auth_seq_id 
_pdbx_struct_conn_angle.ptnr2_PDB_ins_code 
_pdbx_struct_conn_angle.ptnr2_symmetry 
_pdbx_struct_conn_angle.ptnr3_label_atom_id 
_pdbx_struct_conn_angle.ptnr3_label_alt_id 
_pdbx_struct_conn_angle.ptnr3_label_asym_id 
_pdbx_struct_conn_angle.ptnr3_label_comp_id 
_pdbx_struct_conn_angle.ptnr3_label_seq_id 
_pdbx_struct_conn_angle.ptnr3_auth_atom_id 
_pdbx_struct_conn_angle.ptnr3_auth_asym_id 
_pdbx_struct_conn_angle.ptnr3_auth_comp_id 
_pdbx_struct_conn_angle.ptnr3_auth_seq_id 
_pdbx_struct_conn_angle.ptnr3_PDB_ins_code 
_pdbx_struct_conn_angle.ptnr3_symmetry 
_pdbx_struct_conn_angle.value 
_pdbx_struct_conn_angle.value_esd 
1  OD2 ? A ASP 80  ? A ASP 80  ? 1_555 CA ? B CA . ? A CA 300 ? 1_555 O ? A VAL 81  ? A VAL 81  ? 1_555 89.0  ? 
2  OD2 ? A ASP 80  ? A ASP 80  ? 1_555 CA ? B CA . ? A CA 300 ? 1_555 O ? A LYS 103 ? A LYS 103 ? 1_555 90.3  ? 
3  O   ? A VAL 81  ? A VAL 81  ? 1_555 CA ? B CA . ? A CA 300 ? 1_555 O ? A LYS 103 ? A LYS 103 ? 1_555 92.7  ? 
4  OD2 ? A ASP 80  ? A ASP 80  ? 1_555 CA ? B CA . ? A CA 300 ? 1_555 O ? C HOH .   ? A HOH 327 ? 1_555 158.4 ? 
5  O   ? A VAL 81  ? A VAL 81  ? 1_555 CA ? B CA . ? A CA 300 ? 1_555 O ? C HOH .   ? A HOH 327 ? 1_555 69.5  ? 
6  O   ? A LYS 103 ? A LYS 103 ? 1_555 CA ? B CA . ? A CA 300 ? 1_555 O ? C HOH .   ? A HOH 327 ? 1_555 88.9  ? 
7  OD2 ? A ASP 80  ? A ASP 80  ? 1_555 CA ? B CA . ? A CA 300 ? 1_555 O ? C HOH .   ? A HOH 359 ? 1_555 67.9  ? 
8  O   ? A VAL 81  ? A VAL 81  ? 1_555 CA ? B CA . ? A CA 300 ? 1_555 O ? C HOH .   ? A HOH 359 ? 1_555 155.1 ? 
9  O   ? A LYS 103 ? A LYS 103 ? 1_555 CA ? B CA . ? A CA 300 ? 1_555 O ? C HOH .   ? A HOH 359 ? 1_555 96.4  ? 
10 O   ? C HOH .   ? A HOH 327 ? 1_555 CA ? B CA . ? A CA 300 ? 1_555 O ? C HOH .   ? A HOH 359 ? 1_555 133.7 ? 
11 OD2 ? A ASP 80  ? A ASP 80  ? 1_555 CA ? B CA . ? A CA 300 ? 1_555 O ? C HOH .   ? A HOH 467 ? 1_555 104.0 ? 
12 O   ? A VAL 81  ? A VAL 81  ? 1_555 CA ? B CA . ? A CA 300 ? 1_555 O ? C HOH .   ? A HOH 467 ? 1_555 94.4  ? 
13 O   ? A LYS 103 ? A LYS 103 ? 1_555 CA ? B CA . ? A CA 300 ? 1_555 O ? C HOH .   ? A HOH 467 ? 1_555 164.2 ? 
14 O   ? C HOH .   ? A HOH 327 ? 1_555 CA ? B CA . ? A CA 300 ? 1_555 O ? C HOH .   ? A HOH 467 ? 1_555 80.4  ? 
15 O   ? C HOH .   ? A HOH 359 ? 1_555 CA ? B CA . ? A CA 300 ? 1_555 O ? C HOH .   ? A HOH 467 ? 1_555 82.9  ? 
# 
_pdbx_modification_feature.ordinal                            1 
_pdbx_modification_feature.label_comp_id                      CYS 
_pdbx_modification_feature.label_asym_id                      A 
_pdbx_modification_feature.label_seq_id                       67 
_pdbx_modification_feature.label_alt_id                       ? 
_pdbx_modification_feature.modified_residue_label_comp_id     CYS 
_pdbx_modification_feature.modified_residue_label_asym_id     A 
_pdbx_modification_feature.modified_residue_label_seq_id      71 
_pdbx_modification_feature.modified_residue_label_alt_id      ? 
_pdbx_modification_feature.auth_comp_id                       CYS 
_pdbx_modification_feature.auth_asym_id                       A 
_pdbx_modification_feature.auth_seq_id                        67 
_pdbx_modification_feature.PDB_ins_code                       ? 
_pdbx_modification_feature.symmetry                           1_555 
_pdbx_modification_feature.modified_residue_auth_comp_id      CYS 
_pdbx_modification_feature.modified_residue_auth_asym_id      A 
_pdbx_modification_feature.modified_residue_auth_seq_id       71 
_pdbx_modification_feature.modified_residue_PDB_ins_code      ? 
_pdbx_modification_feature.modified_residue_symmetry          1_555 
_pdbx_modification_feature.comp_id_linking_atom               SG 
_pdbx_modification_feature.modified_residue_id_linking_atom   SG 
_pdbx_modification_feature.modified_residue_id                . 
_pdbx_modification_feature.ref_pcm_id                         . 
_pdbx_modification_feature.ref_comp_id                        . 
_pdbx_modification_feature.type                               None 
_pdbx_modification_feature.category                           'Disulfide bridge' 
# 
_struct_mon_prot_cis.pdbx_id                1 
_struct_mon_prot_cis.label_comp_id          ALA 
_struct_mon_prot_cis.label_seq_id           59 
_struct_mon_prot_cis.label_asym_id          A 
_struct_mon_prot_cis.label_alt_id           . 
_struct_mon_prot_cis.pdbx_PDB_ins_code      ? 
_struct_mon_prot_cis.auth_comp_id           ALA 
_struct_mon_prot_cis.auth_seq_id            59 
_struct_mon_prot_cis.auth_asym_id           A 
_struct_mon_prot_cis.pdbx_label_comp_id_2   PRO 
_struct_mon_prot_cis.pdbx_label_seq_id_2    60 
_struct_mon_prot_cis.pdbx_label_asym_id_2   A 
_struct_mon_prot_cis.pdbx_PDB_ins_code_2    ? 
_struct_mon_prot_cis.pdbx_auth_comp_id_2    PRO 
_struct_mon_prot_cis.pdbx_auth_seq_id_2     60 
_struct_mon_prot_cis.pdbx_auth_asym_id_2    A 
_struct_mon_prot_cis.pdbx_PDB_model_num     1 
_struct_mon_prot_cis.pdbx_omega_angle       -3.73 
# 
loop_
_struct_sheet.id 
_struct_sheet.type 
_struct_sheet.number_strands 
_struct_sheet.details 
A ? 9  ? 
B ? 13 ? 
# 
loop_
_struct_sheet_order.sheet_id 
_struct_sheet_order.range_id_1 
_struct_sheet_order.range_id_2 
_struct_sheet_order.offset 
_struct_sheet_order.sense 
A 1  2  ? parallel 
A 2  3  ? parallel 
A 3  4  ? parallel 
A 4  5  ? parallel 
A 5  6  ? parallel 
A 6  7  ? parallel 
A 7  8  ? parallel 
A 8  9  ? parallel 
B 1  2  ? parallel 
B 2  3  ? parallel 
B 3  4  ? parallel 
B 4  5  ? parallel 
B 5  6  ? parallel 
B 6  7  ? parallel 
B 7  8  ? parallel 
B 8  9  ? parallel 
B 9  10 ? parallel 
B 10 11 ? parallel 
B 11 12 ? parallel 
B 12 13 ? parallel 
# 
loop_
_struct_sheet_range.sheet_id 
_struct_sheet_range.id 
_struct_sheet_range.beg_label_comp_id 
_struct_sheet_range.beg_label_asym_id 
_struct_sheet_range.beg_label_seq_id 
_struct_sheet_range.pdbx_beg_PDB_ins_code 
_struct_sheet_range.end_label_comp_id 
_struct_sheet_range.end_label_asym_id 
_struct_sheet_range.end_label_seq_id 
_struct_sheet_range.pdbx_end_PDB_ins_code 
_struct_sheet_range.beg_auth_comp_id 
_struct_sheet_range.beg_auth_asym_id 
_struct_sheet_range.beg_auth_seq_id 
_struct_sheet_range.end_auth_comp_id 
_struct_sheet_range.end_auth_asym_id 
_struct_sheet_range.end_auth_seq_id 
A 1  THR A 3   ? VAL A 5   ? THR A 3   VAL A 5   
A 2  THR A 16  ? ALA A 26  ? THR A 16  ALA A 26  
A 3  ALA A 50  ? ILE A 57  ? ALA A 50  ILE A 57  
A 4  CYS A 71  ? TRP A 78  ? CYS A 71  TRP A 78  
A 5  GLY A 92  ? SER A 97  ? GLY A 92  SER A 97  
A 6  GLY A 115 ? ARG A 120 ? GLY A 115 ARG A 120 
A 7  VAL A 141 ? GLU A 146 ? VAL A 141 GLU A 146 
A 8  THR A 166 ? VAL A 170 ? THR A 166 VAL A 170 
A 9  THR A 189 ? SER A 192 ? THR A 189 SER A 192 
B 1  ILE A 9   ? VAL A 11  ? ILE A 9   VAL A 11  
B 2  PHE A 44  ? LEU A 46  ? PHE A 44  LEU A 46  
B 3  VAL A 65  ? TYR A 68  ? VAL A 65  TYR A 68  
B 4  LEU A 86  ? SER A 90  ? LEU A 86  SER A 90  
B 5  ALA A 100 ? ILE A 111 ? ALA A 100 ILE A 111 
B 6  CYS A 71  ? TRP A 78  ? CYS A 71  TRP A 78  
B 7  ALA A 100 ? ILE A 111 ? ALA A 100 ILE A 111 
B 8  ARG A 123 ? GLN A 133 ? ARG A 123 GLN A 133 
B 9  ASN A 149 ? ARG A 159 ? ASN A 149 ARG A 159 
B 10 PHE A 181 ? LYS A 182 ? PHE A 181 LYS A 182 
B 11 ASN A 149 ? ARG A 159 ? ASN A 149 ARG A 159 
B 12 ARG A 173 ? SER A 175 ? ARG A 173 SER A 175 
B 13 THR A 195 ? GLN A 196 ? THR A 195 GLN A 196 
# 
loop_
_pdbx_struct_sheet_hbond.sheet_id 
_pdbx_struct_sheet_hbond.range_id_1 
_pdbx_struct_sheet_hbond.range_id_2 
_pdbx_struct_sheet_hbond.range_1_label_atom_id 
_pdbx_struct_sheet_hbond.range_1_label_comp_id 
_pdbx_struct_sheet_hbond.range_1_label_asym_id 
_pdbx_struct_sheet_hbond.range_1_label_seq_id 
_pdbx_struct_sheet_hbond.range_1_PDB_ins_code 
_pdbx_struct_sheet_hbond.range_1_auth_atom_id 
_pdbx_struct_sheet_hbond.range_1_auth_comp_id 
_pdbx_struct_sheet_hbond.range_1_auth_asym_id 
_pdbx_struct_sheet_hbond.range_1_auth_seq_id 
_pdbx_struct_sheet_hbond.range_2_label_atom_id 
_pdbx_struct_sheet_hbond.range_2_label_comp_id 
_pdbx_struct_sheet_hbond.range_2_label_asym_id 
_pdbx_struct_sheet_hbond.range_2_label_seq_id 
_pdbx_struct_sheet_hbond.range_2_PDB_ins_code 
_pdbx_struct_sheet_hbond.range_2_auth_atom_id 
_pdbx_struct_sheet_hbond.range_2_auth_comp_id 
_pdbx_struct_sheet_hbond.range_2_auth_asym_id 
_pdbx_struct_sheet_hbond.range_2_auth_seq_id 
A 1  2  N THR A 3   ? N THR A 3   O THR A 23  ? O THR A 23  
A 2  3  N PHE A 17  ? N PHE A 17  O SER A 51  ? O SER A 51  
A 3  4  N LEU A 52  ? N LEU A 52  O THR A 72  ? O THR A 72  
A 4  5  N CYS A 71  ? N CYS A 71  O THR A 93  ? O THR A 93  
A 5  6  N VAL A 94  ? N VAL A 94  O THR A 116 ? O THR A 116 
A 6  7  O GLY A 115 ? O GLY A 115 N VAL A 142 ? N VAL A 142 
A 7  8  N MET A 143 ? N MET A 143 O THR A 166 ? O THR A 166 
A 8  9  O GLY A 167 ? O GLY A 167 N THR A 190 ? N THR A 190 
B 1  2  O ILE A 9   ? O ILE A 9   N ARG A 45  ? N ARG A 45  
B 2  3  N LEU A 46  ? N LEU A 46  O HIS A 66  ? O HIS A 66  
B 3  4  O VAL A 65  ? O VAL A 65  N THR A 87  ? N THR A 87  
B 4  5  N LEU A 86  ? N LEU A 86  O VAL A 108 ? O VAL A 108 
B 5  6  N ALA A 100 ? N ALA A 100 O VAL A 76  ? O VAL A 76  
B 6  7  N TRP A 78  ? N TRP A 78  O ALA A 100 ? O ALA A 100 
B 7  8  N ALA A 101 ? N ALA A 101 O ARG A 123 ? O ARG A 123 
B 8  9  N ALA A 124 ? N ALA A 124 O ASN A 149 ? O ASN A 149 
B 9  10 O LEU A 158 ? O LEU A 158 N LYS A 182 ? N LYS A 182 
B 10 11 N LYS A 182 ? N LYS A 182 O LEU A 158 ? O LEU A 158 
B 11 12 N ILE A 150 ? N ILE A 150 O ARG A 173 ? O ARG A 173 
B 12 13 N TYR A 174 ? N TYR A 174 O THR A 195 ? O THR A 195 
# 
_struct_site.id                   AC1 
_struct_site.pdbx_evidence_code   Software 
_struct_site.pdbx_auth_asym_id    A 
_struct_site.pdbx_auth_comp_id    CA 
_struct_site.pdbx_auth_seq_id     300 
_struct_site.pdbx_auth_ins_code   ? 
_struct_site.pdbx_num_residues    6 
_struct_site.details              'BINDING SITE FOR RESIDUE CA A 300' 
# 
loop_
_struct_site_gen.id 
_struct_site_gen.site_id 
_struct_site_gen.pdbx_num_res 
_struct_site_gen.label_comp_id 
_struct_site_gen.label_asym_id 
_struct_site_gen.label_seq_id 
_struct_site_gen.pdbx_auth_ins_code 
_struct_site_gen.auth_comp_id 
_struct_site_gen.auth_asym_id 
_struct_site_gen.auth_seq_id 
_struct_site_gen.label_atom_id 
_struct_site_gen.label_alt_id 
_struct_site_gen.symmetry 
_struct_site_gen.details 
1 AC1 6 ASP A 80  ? ASP A 80  . ? 1_555 ? 
2 AC1 6 VAL A 81  ? VAL A 81  . ? 1_555 ? 
3 AC1 6 LYS A 103 ? LYS A 103 . ? 1_555 ? 
4 AC1 6 HOH C .   ? HOH A 327 . ? 1_555 ? 
5 AC1 6 HOH C .   ? HOH A 359 . ? 1_555 ? 
6 AC1 6 HOH C .   ? HOH A 467 . ? 1_555 ? 
# 
_pdbx_entry_details.entry_id                   1EE6 
_pdbx_entry_details.compound_details           ? 
_pdbx_entry_details.source_details             ? 
_pdbx_entry_details.nonpolymer_details         ? 
_pdbx_entry_details.sequence_details           ? 
_pdbx_entry_details.has_ligand_of_interest     ? 
_pdbx_entry_details.has_protein_modification   Y 
# 
loop_
_pdbx_validate_rmsd_bond.id 
_pdbx_validate_rmsd_bond.PDB_model_num 
_pdbx_validate_rmsd_bond.auth_atom_id_1 
_pdbx_validate_rmsd_bond.auth_asym_id_1 
_pdbx_validate_rmsd_bond.auth_comp_id_1 
_pdbx_validate_rmsd_bond.auth_seq_id_1 
_pdbx_validate_rmsd_bond.PDB_ins_code_1 
_pdbx_validate_rmsd_bond.label_alt_id_1 
_pdbx_validate_rmsd_bond.auth_atom_id_2 
_pdbx_validate_rmsd_bond.auth_asym_id_2 
_pdbx_validate_rmsd_bond.auth_comp_id_2 
_pdbx_validate_rmsd_bond.auth_seq_id_2 
_pdbx_validate_rmsd_bond.PDB_ins_code_2 
_pdbx_validate_rmsd_bond.label_alt_id_2 
_pdbx_validate_rmsd_bond.bond_value 
_pdbx_validate_rmsd_bond.bond_target_value 
_pdbx_validate_rmsd_bond.bond_deviation 
_pdbx_validate_rmsd_bond.bond_standard_deviation 
_pdbx_validate_rmsd_bond.linker_flag 
1 1 NE2 A HIS 6  ? ? CD2 A HIS 6  ? ? 1.302 1.373 -0.071 0.011 N 
2 1 NE2 A HIS 66 ? ? CD2 A HIS 66 ? ? 1.296 1.373 -0.077 0.011 N 
# 
loop_
_pdbx_validate_rmsd_angle.id 
_pdbx_validate_rmsd_angle.PDB_model_num 
_pdbx_validate_rmsd_angle.auth_atom_id_1 
_pdbx_validate_rmsd_angle.auth_asym_id_1 
_pdbx_validate_rmsd_angle.auth_comp_id_1 
_pdbx_validate_rmsd_angle.auth_seq_id_1 
_pdbx_validate_rmsd_angle.PDB_ins_code_1 
_pdbx_validate_rmsd_angle.label_alt_id_1 
_pdbx_validate_rmsd_angle.auth_atom_id_2 
_pdbx_validate_rmsd_angle.auth_asym_id_2 
_pdbx_validate_rmsd_angle.auth_comp_id_2 
_pdbx_validate_rmsd_angle.auth_seq_id_2 
_pdbx_validate_rmsd_angle.PDB_ins_code_2 
_pdbx_validate_rmsd_angle.label_alt_id_2 
_pdbx_validate_rmsd_angle.auth_atom_id_3 
_pdbx_validate_rmsd_angle.auth_asym_id_3 
_pdbx_validate_rmsd_angle.auth_comp_id_3 
_pdbx_validate_rmsd_angle.auth_seq_id_3 
_pdbx_validate_rmsd_angle.PDB_ins_code_3 
_pdbx_validate_rmsd_angle.label_alt_id_3 
_pdbx_validate_rmsd_angle.angle_value 
_pdbx_validate_rmsd_angle.angle_target_value 
_pdbx_validate_rmsd_angle.angle_deviation 
_pdbx_validate_rmsd_angle.angle_standard_deviation 
_pdbx_validate_rmsd_angle.linker_flag 
1 1 CD1 A TRP 78  ? ? CG  A TRP 78  ? ? CD2 A TRP 78  ? ? 112.77 106.30 6.47  0.80 N 
2 1 CE2 A TRP 78  ? ? CD2 A TRP 78  ? ? CG  A TRP 78  ? ? 101.46 107.30 -5.84 0.80 N 
3 1 NE  A ARG 120 ? ? CZ  A ARG 120 ? ? NH1 A ARG 120 ? ? 117.21 120.30 -3.09 0.50 N 
4 1 NE  A ARG 123 ? ? CZ  A ARG 123 ? ? NH2 A ARG 123 ? ? 124.38 120.30 4.08  0.50 N 
5 1 NE  A ARG 132 ? ? CZ  A ARG 132 ? ? NH2 A ARG 132 ? ? 113.48 120.30 -6.82 0.50 N 
6 1 CB  A TYR 174 ? ? CG  A TYR 174 ? ? CD1 A TYR 174 ? ? 116.93 121.00 -4.07 0.60 N 
# 
loop_
_pdbx_validate_torsion.id 
_pdbx_validate_torsion.PDB_model_num 
_pdbx_validate_torsion.auth_comp_id 
_pdbx_validate_torsion.auth_asym_id 
_pdbx_validate_torsion.auth_seq_id 
_pdbx_validate_torsion.PDB_ins_code 
_pdbx_validate_torsion.label_alt_id 
_pdbx_validate_torsion.phi 
_pdbx_validate_torsion.psi 
1 1 ASN A 39  ? ? 43.69   71.26   
2 1 ALA A 62  ? ? 43.19   -118.73 
3 1 ASP A 80  ? ? -167.75 102.78  
4 1 ASP A 106 ? ? -132.02 -97.17  
5 1 ASP A 126 ? ? 60.94   77.07   
6 1 ASN A 134 ? ? -39.98  125.32  
7 1 ARG A 152 ? ? 52.56   71.92   
8 1 ASP A 155 ? ? -125.14 -62.60  
# 
loop_
_chem_comp_atom.comp_id 
_chem_comp_atom.atom_id 
_chem_comp_atom.type_symbol 
_chem_comp_atom.pdbx_aromatic_flag 
_chem_comp_atom.pdbx_stereo_config 
_chem_comp_atom.pdbx_ordinal 
ALA N    N  N N 1   
ALA CA   C  N S 2   
ALA C    C  N N 3   
ALA O    O  N N 4   
ALA CB   C  N N 5   
ALA OXT  O  N N 6   
ALA H    H  N N 7   
ALA H2   H  N N 8   
ALA HA   H  N N 9   
ALA HB1  H  N N 10  
ALA HB2  H  N N 11  
ALA HB3  H  N N 12  
ALA HXT  H  N N 13  
ARG N    N  N N 14  
ARG CA   C  N S 15  
ARG C    C  N N 16  
ARG O    O  N N 17  
ARG CB   C  N N 18  
ARG CG   C  N N 19  
ARG CD   C  N N 20  
ARG NE   N  N N 21  
ARG CZ   C  N N 22  
ARG NH1  N  N N 23  
ARG NH2  N  N N 24  
ARG OXT  O  N N 25  
ARG H    H  N N 26  
ARG H2   H  N N 27  
ARG HA   H  N N 28  
ARG HB2  H  N N 29  
ARG HB3  H  N N 30  
ARG HG2  H  N N 31  
ARG HG3  H  N N 32  
ARG HD2  H  N N 33  
ARG HD3  H  N N 34  
ARG HE   H  N N 35  
ARG HH11 H  N N 36  
ARG HH12 H  N N 37  
ARG HH21 H  N N 38  
ARG HH22 H  N N 39  
ARG HXT  H  N N 40  
ASN N    N  N N 41  
ASN CA   C  N S 42  
ASN C    C  N N 43  
ASN O    O  N N 44  
ASN CB   C  N N 45  
ASN CG   C  N N 46  
ASN OD1  O  N N 47  
ASN ND2  N  N N 48  
ASN OXT  O  N N 49  
ASN H    H  N N 50  
ASN H2   H  N N 51  
ASN HA   H  N N 52  
ASN HB2  H  N N 53  
ASN HB3  H  N N 54  
ASN HD21 H  N N 55  
ASN HD22 H  N N 56  
ASN HXT  H  N N 57  
ASP N    N  N N 58  
ASP CA   C  N S 59  
ASP C    C  N N 60  
ASP O    O  N N 61  
ASP CB   C  N N 62  
ASP CG   C  N N 63  
ASP OD1  O  N N 64  
ASP OD2  O  N N 65  
ASP OXT  O  N N 66  
ASP H    H  N N 67  
ASP H2   H  N N 68  
ASP HA   H  N N 69  
ASP HB2  H  N N 70  
ASP HB3  H  N N 71  
ASP HD2  H  N N 72  
ASP HXT  H  N N 73  
CA  CA   CA N N 74  
CYS N    N  N N 75  
CYS CA   C  N R 76  
CYS C    C  N N 77  
CYS O    O  N N 78  
CYS CB   C  N N 79  
CYS SG   S  N N 80  
CYS OXT  O  N N 81  
CYS H    H  N N 82  
CYS H2   H  N N 83  
CYS HA   H  N N 84  
CYS HB2  H  N N 85  
CYS HB3  H  N N 86  
CYS HG   H  N N 87  
CYS HXT  H  N N 88  
GLN N    N  N N 89  
GLN CA   C  N S 90  
GLN C    C  N N 91  
GLN O    O  N N 92  
GLN CB   C  N N 93  
GLN CG   C  N N 94  
GLN CD   C  N N 95  
GLN OE1  O  N N 96  
GLN NE2  N  N N 97  
GLN OXT  O  N N 98  
GLN H    H  N N 99  
GLN H2   H  N N 100 
GLN HA   H  N N 101 
GLN HB2  H  N N 102 
GLN HB3  H  N N 103 
GLN HG2  H  N N 104 
GLN HG3  H  N N 105 
GLN HE21 H  N N 106 
GLN HE22 H  N N 107 
GLN HXT  H  N N 108 
GLU N    N  N N 109 
GLU CA   C  N S 110 
GLU C    C  N N 111 
GLU O    O  N N 112 
GLU CB   C  N N 113 
GLU CG   C  N N 114 
GLU CD   C  N N 115 
GLU OE1  O  N N 116 
GLU OE2  O  N N 117 
GLU OXT  O  N N 118 
GLU H    H  N N 119 
GLU H2   H  N N 120 
GLU HA   H  N N 121 
GLU HB2  H  N N 122 
GLU HB3  H  N N 123 
GLU HG2  H  N N 124 
GLU HG3  H  N N 125 
GLU HE2  H  N N 126 
GLU HXT  H  N N 127 
GLY N    N  N N 128 
GLY CA   C  N N 129 
GLY C    C  N N 130 
GLY O    O  N N 131 
GLY OXT  O  N N 132 
GLY H    H  N N 133 
GLY H2   H  N N 134 
GLY HA2  H  N N 135 
GLY HA3  H  N N 136 
GLY HXT  H  N N 137 
HIS N    N  N N 138 
HIS CA   C  N S 139 
HIS C    C  N N 140 
HIS O    O  N N 141 
HIS CB   C  N N 142 
HIS CG   C  Y N 143 
HIS ND1  N  Y N 144 
HIS CD2  C  Y N 145 
HIS CE1  C  Y N 146 
HIS NE2  N  Y N 147 
HIS OXT  O  N N 148 
HIS H    H  N N 149 
HIS H2   H  N N 150 
HIS HA   H  N N 151 
HIS HB2  H  N N 152 
HIS HB3  H  N N 153 
HIS HD1  H  N N 154 
HIS HD2  H  N N 155 
HIS HE1  H  N N 156 
HIS HE2  H  N N 157 
HIS HXT  H  N N 158 
HOH O    O  N N 159 
HOH H1   H  N N 160 
HOH H2   H  N N 161 
ILE N    N  N N 162 
ILE CA   C  N S 163 
ILE C    C  N N 164 
ILE O    O  N N 165 
ILE CB   C  N S 166 
ILE CG1  C  N N 167 
ILE CG2  C  N N 168 
ILE CD1  C  N N 169 
ILE OXT  O  N N 170 
ILE H    H  N N 171 
ILE H2   H  N N 172 
ILE HA   H  N N 173 
ILE HB   H  N N 174 
ILE HG12 H  N N 175 
ILE HG13 H  N N 176 
ILE HG21 H  N N 177 
ILE HG22 H  N N 178 
ILE HG23 H  N N 179 
ILE HD11 H  N N 180 
ILE HD12 H  N N 181 
ILE HD13 H  N N 182 
ILE HXT  H  N N 183 
LEU N    N  N N 184 
LEU CA   C  N S 185 
LEU C    C  N N 186 
LEU O    O  N N 187 
LEU CB   C  N N 188 
LEU CG   C  N N 189 
LEU CD1  C  N N 190 
LEU CD2  C  N N 191 
LEU OXT  O  N N 192 
LEU H    H  N N 193 
LEU H2   H  N N 194 
LEU HA   H  N N 195 
LEU HB2  H  N N 196 
LEU HB3  H  N N 197 
LEU HG   H  N N 198 
LEU HD11 H  N N 199 
LEU HD12 H  N N 200 
LEU HD13 H  N N 201 
LEU HD21 H  N N 202 
LEU HD22 H  N N 203 
LEU HD23 H  N N 204 
LEU HXT  H  N N 205 
LYS N    N  N N 206 
LYS CA   C  N S 207 
LYS C    C  N N 208 
LYS O    O  N N 209 
LYS CB   C  N N 210 
LYS CG   C  N N 211 
LYS CD   C  N N 212 
LYS CE   C  N N 213 
LYS NZ   N  N N 214 
LYS OXT  O  N N 215 
LYS H    H  N N 216 
LYS H2   H  N N 217 
LYS HA   H  N N 218 
LYS HB2  H  N N 219 
LYS HB3  H  N N 220 
LYS HG2  H  N N 221 
LYS HG3  H  N N 222 
LYS HD2  H  N N 223 
LYS HD3  H  N N 224 
LYS HE2  H  N N 225 
LYS HE3  H  N N 226 
LYS HZ1  H  N N 227 
LYS HZ2  H  N N 228 
LYS HZ3  H  N N 229 
LYS HXT  H  N N 230 
MET N    N  N N 231 
MET CA   C  N S 232 
MET C    C  N N 233 
MET O    O  N N 234 
MET CB   C  N N 235 
MET CG   C  N N 236 
MET SD   S  N N 237 
MET CE   C  N N 238 
MET OXT  O  N N 239 
MET H    H  N N 240 
MET H2   H  N N 241 
MET HA   H  N N 242 
MET HB2  H  N N 243 
MET HB3  H  N N 244 
MET HG2  H  N N 245 
MET HG3  H  N N 246 
MET HE1  H  N N 247 
MET HE2  H  N N 248 
MET HE3  H  N N 249 
MET HXT  H  N N 250 
PHE N    N  N N 251 
PHE CA   C  N S 252 
PHE C    C  N N 253 
PHE O    O  N N 254 
PHE CB   C  N N 255 
PHE CG   C  Y N 256 
PHE CD1  C  Y N 257 
PHE CD2  C  Y N 258 
PHE CE1  C  Y N 259 
PHE CE2  C  Y N 260 
PHE CZ   C  Y N 261 
PHE OXT  O  N N 262 
PHE H    H  N N 263 
PHE H2   H  N N 264 
PHE HA   H  N N 265 
PHE HB2  H  N N 266 
PHE HB3  H  N N 267 
PHE HD1  H  N N 268 
PHE HD2  H  N N 269 
PHE HE1  H  N N 270 
PHE HE2  H  N N 271 
PHE HZ   H  N N 272 
PHE HXT  H  N N 273 
PRO N    N  N N 274 
PRO CA   C  N S 275 
PRO C    C  N N 276 
PRO O    O  N N 277 
PRO CB   C  N N 278 
PRO CG   C  N N 279 
PRO CD   C  N N 280 
PRO OXT  O  N N 281 
PRO H    H  N N 282 
PRO HA   H  N N 283 
PRO HB2  H  N N 284 
PRO HB3  H  N N 285 
PRO HG2  H  N N 286 
PRO HG3  H  N N 287 
PRO HD2  H  N N 288 
PRO HD3  H  N N 289 
PRO HXT  H  N N 290 
SER N    N  N N 291 
SER CA   C  N S 292 
SER C    C  N N 293 
SER O    O  N N 294 
SER CB   C  N N 295 
SER OG   O  N N 296 
SER OXT  O  N N 297 
SER H    H  N N 298 
SER H2   H  N N 299 
SER HA   H  N N 300 
SER HB2  H  N N 301 
SER HB3  H  N N 302 
SER HG   H  N N 303 
SER HXT  H  N N 304 
THR N    N  N N 305 
THR CA   C  N S 306 
THR C    C  N N 307 
THR O    O  N N 308 
THR CB   C  N R 309 
THR OG1  O  N N 310 
THR CG2  C  N N 311 
THR OXT  O  N N 312 
THR H    H  N N 313 
THR H2   H  N N 314 
THR HA   H  N N 315 
THR HB   H  N N 316 
THR HG1  H  N N 317 
THR HG21 H  N N 318 
THR HG22 H  N N 319 
THR HG23 H  N N 320 
THR HXT  H  N N 321 
TRP N    N  N N 322 
TRP CA   C  N S 323 
TRP C    C  N N 324 
TRP O    O  N N 325 
TRP CB   C  N N 326 
TRP CG   C  Y N 327 
TRP CD1  C  Y N 328 
TRP CD2  C  Y N 329 
TRP NE1  N  Y N 330 
TRP CE2  C  Y N 331 
TRP CE3  C  Y N 332 
TRP CZ2  C  Y N 333 
TRP CZ3  C  Y N 334 
TRP CH2  C  Y N 335 
TRP OXT  O  N N 336 
TRP H    H  N N 337 
TRP H2   H  N N 338 
TRP HA   H  N N 339 
TRP HB2  H  N N 340 
TRP HB3  H  N N 341 
TRP HD1  H  N N 342 
TRP HE1  H  N N 343 
TRP HE3  H  N N 344 
TRP HZ2  H  N N 345 
TRP HZ3  H  N N 346 
TRP HH2  H  N N 347 
TRP HXT  H  N N 348 
TYR N    N  N N 349 
TYR CA   C  N S 350 
TYR C    C  N N 351 
TYR O    O  N N 352 
TYR CB   C  N N 353 
TYR CG   C  Y N 354 
TYR CD1  C  Y N 355 
TYR CD2  C  Y N 356 
TYR CE1  C  Y N 357 
TYR CE2  C  Y N 358 
TYR CZ   C  Y N 359 
TYR OH   O  N N 360 
TYR OXT  O  N N 361 
TYR H    H  N N 362 
TYR H2   H  N N 363 
TYR HA   H  N N 364 
TYR HB2  H  N N 365 
TYR HB3  H  N N 366 
TYR HD1  H  N N 367 
TYR HD2  H  N N 368 
TYR HE1  H  N N 369 
TYR HE2  H  N N 370 
TYR HH   H  N N 371 
TYR HXT  H  N N 372 
VAL N    N  N N 373 
VAL CA   C  N S 374 
VAL C    C  N N 375 
VAL O    O  N N 376 
VAL CB   C  N N 377 
VAL CG1  C  N N 378 
VAL CG2  C  N N 379 
VAL OXT  O  N N 380 
VAL H    H  N N 381 
VAL H2   H  N N 382 
VAL HA   H  N N 383 
VAL HB   H  N N 384 
VAL HG11 H  N N 385 
VAL HG12 H  N N 386 
VAL HG13 H  N N 387 
VAL HG21 H  N N 388 
VAL HG22 H  N N 389 
VAL HG23 H  N N 390 
VAL HXT  H  N N 391 
# 
loop_
_chem_comp_bond.comp_id 
_chem_comp_bond.atom_id_1 
_chem_comp_bond.atom_id_2 
_chem_comp_bond.value_order 
_chem_comp_bond.pdbx_aromatic_flag 
_chem_comp_bond.pdbx_stereo_config 
_chem_comp_bond.pdbx_ordinal 
ALA N   CA   sing N N 1   
ALA N   H    sing N N 2   
ALA N   H2   sing N N 3   
ALA CA  C    sing N N 4   
ALA CA  CB   sing N N 5   
ALA CA  HA   sing N N 6   
ALA C   O    doub N N 7   
ALA C   OXT  sing N N 8   
ALA CB  HB1  sing N N 9   
ALA CB  HB2  sing N N 10  
ALA CB  HB3  sing N N 11  
ALA OXT HXT  sing N N 12  
ARG N   CA   sing N N 13  
ARG N   H    sing N N 14  
ARG N   H2   sing N N 15  
ARG CA  C    sing N N 16  
ARG CA  CB   sing N N 17  
ARG CA  HA   sing N N 18  
ARG C   O    doub N N 19  
ARG C   OXT  sing N N 20  
ARG CB  CG   sing N N 21  
ARG CB  HB2  sing N N 22  
ARG CB  HB3  sing N N 23  
ARG CG  CD   sing N N 24  
ARG CG  HG2  sing N N 25  
ARG CG  HG3  sing N N 26  
ARG CD  NE   sing N N 27  
ARG CD  HD2  sing N N 28  
ARG CD  HD3  sing N N 29  
ARG NE  CZ   sing N N 30  
ARG NE  HE   sing N N 31  
ARG CZ  NH1  sing N N 32  
ARG CZ  NH2  doub N N 33  
ARG NH1 HH11 sing N N 34  
ARG NH1 HH12 sing N N 35  
ARG NH2 HH21 sing N N 36  
ARG NH2 HH22 sing N N 37  
ARG OXT HXT  sing N N 38  
ASN N   CA   sing N N 39  
ASN N   H    sing N N 40  
ASN N   H2   sing N N 41  
ASN CA  C    sing N N 42  
ASN CA  CB   sing N N 43  
ASN CA  HA   sing N N 44  
ASN C   O    doub N N 45  
ASN C   OXT  sing N N 46  
ASN CB  CG   sing N N 47  
ASN CB  HB2  sing N N 48  
ASN CB  HB3  sing N N 49  
ASN CG  OD1  doub N N 50  
ASN CG  ND2  sing N N 51  
ASN ND2 HD21 sing N N 52  
ASN ND2 HD22 sing N N 53  
ASN OXT HXT  sing N N 54  
ASP N   CA   sing N N 55  
ASP N   H    sing N N 56  
ASP N   H2   sing N N 57  
ASP CA  C    sing N N 58  
ASP CA  CB   sing N N 59  
ASP CA  HA   sing N N 60  
ASP C   O    doub N N 61  
ASP C   OXT  sing N N 62  
ASP CB  CG   sing N N 63  
ASP CB  HB2  sing N N 64  
ASP CB  HB3  sing N N 65  
ASP CG  OD1  doub N N 66  
ASP CG  OD2  sing N N 67  
ASP OD2 HD2  sing N N 68  
ASP OXT HXT  sing N N 69  
CYS N   CA   sing N N 70  
CYS N   H    sing N N 71  
CYS N   H2   sing N N 72  
CYS CA  C    sing N N 73  
CYS CA  CB   sing N N 74  
CYS CA  HA   sing N N 75  
CYS C   O    doub N N 76  
CYS C   OXT  sing N N 77  
CYS CB  SG   sing N N 78  
CYS CB  HB2  sing N N 79  
CYS CB  HB3  sing N N 80  
CYS SG  HG   sing N N 81  
CYS OXT HXT  sing N N 82  
GLN N   CA   sing N N 83  
GLN N   H    sing N N 84  
GLN N   H2   sing N N 85  
GLN CA  C    sing N N 86  
GLN CA  CB   sing N N 87  
GLN CA  HA   sing N N 88  
GLN C   O    doub N N 89  
GLN C   OXT  sing N N 90  
GLN CB  CG   sing N N 91  
GLN CB  HB2  sing N N 92  
GLN CB  HB3  sing N N 93  
GLN CG  CD   sing N N 94  
GLN CG  HG2  sing N N 95  
GLN CG  HG3  sing N N 96  
GLN CD  OE1  doub N N 97  
GLN CD  NE2  sing N N 98  
GLN NE2 HE21 sing N N 99  
GLN NE2 HE22 sing N N 100 
GLN OXT HXT  sing N N 101 
GLU N   CA   sing N N 102 
GLU N   H    sing N N 103 
GLU N   H2   sing N N 104 
GLU CA  C    sing N N 105 
GLU CA  CB   sing N N 106 
GLU CA  HA   sing N N 107 
GLU C   O    doub N N 108 
GLU C   OXT  sing N N 109 
GLU CB  CG   sing N N 110 
GLU CB  HB2  sing N N 111 
GLU CB  HB3  sing N N 112 
GLU CG  CD   sing N N 113 
GLU CG  HG2  sing N N 114 
GLU CG  HG3  sing N N 115 
GLU CD  OE1  doub N N 116 
GLU CD  OE2  sing N N 117 
GLU OE2 HE2  sing N N 118 
GLU OXT HXT  sing N N 119 
GLY N   CA   sing N N 120 
GLY N   H    sing N N 121 
GLY N   H2   sing N N 122 
GLY CA  C    sing N N 123 
GLY CA  HA2  sing N N 124 
GLY CA  HA3  sing N N 125 
GLY C   O    doub N N 126 
GLY C   OXT  sing N N 127 
GLY OXT HXT  sing N N 128 
HIS N   CA   sing N N 129 
HIS N   H    sing N N 130 
HIS N   H2   sing N N 131 
HIS CA  C    sing N N 132 
HIS CA  CB   sing N N 133 
HIS CA  HA   sing N N 134 
HIS C   O    doub N N 135 
HIS C   OXT  sing N N 136 
HIS CB  CG   sing N N 137 
HIS CB  HB2  sing N N 138 
HIS CB  HB3  sing N N 139 
HIS CG  ND1  sing Y N 140 
HIS CG  CD2  doub Y N 141 
HIS ND1 CE1  doub Y N 142 
HIS ND1 HD1  sing N N 143 
HIS CD2 NE2  sing Y N 144 
HIS CD2 HD2  sing N N 145 
HIS CE1 NE2  sing Y N 146 
HIS CE1 HE1  sing N N 147 
HIS NE2 HE2  sing N N 148 
HIS OXT HXT  sing N N 149 
HOH O   H1   sing N N 150 
HOH O   H2   sing N N 151 
ILE N   CA   sing N N 152 
ILE N   H    sing N N 153 
ILE N   H2   sing N N 154 
ILE CA  C    sing N N 155 
ILE CA  CB   sing N N 156 
ILE CA  HA   sing N N 157 
ILE C   O    doub N N 158 
ILE C   OXT  sing N N 159 
ILE CB  CG1  sing N N 160 
ILE CB  CG2  sing N N 161 
ILE CB  HB   sing N N 162 
ILE CG1 CD1  sing N N 163 
ILE CG1 HG12 sing N N 164 
ILE CG1 HG13 sing N N 165 
ILE CG2 HG21 sing N N 166 
ILE CG2 HG22 sing N N 167 
ILE CG2 HG23 sing N N 168 
ILE CD1 HD11 sing N N 169 
ILE CD1 HD12 sing N N 170 
ILE CD1 HD13 sing N N 171 
ILE OXT HXT  sing N N 172 
LEU N   CA   sing N N 173 
LEU N   H    sing N N 174 
LEU N   H2   sing N N 175 
LEU CA  C    sing N N 176 
LEU CA  CB   sing N N 177 
LEU CA  HA   sing N N 178 
LEU C   O    doub N N 179 
LEU C   OXT  sing N N 180 
LEU CB  CG   sing N N 181 
LEU CB  HB2  sing N N 182 
LEU CB  HB3  sing N N 183 
LEU CG  CD1  sing N N 184 
LEU CG  CD2  sing N N 185 
LEU CG  HG   sing N N 186 
LEU CD1 HD11 sing N N 187 
LEU CD1 HD12 sing N N 188 
LEU CD1 HD13 sing N N 189 
LEU CD2 HD21 sing N N 190 
LEU CD2 HD22 sing N N 191 
LEU CD2 HD23 sing N N 192 
LEU OXT HXT  sing N N 193 
LYS N   CA   sing N N 194 
LYS N   H    sing N N 195 
LYS N   H2   sing N N 196 
LYS CA  C    sing N N 197 
LYS CA  CB   sing N N 198 
LYS CA  HA   sing N N 199 
LYS C   O    doub N N 200 
LYS C   OXT  sing N N 201 
LYS CB  CG   sing N N 202 
LYS CB  HB2  sing N N 203 
LYS CB  HB3  sing N N 204 
LYS CG  CD   sing N N 205 
LYS CG  HG2  sing N N 206 
LYS CG  HG3  sing N N 207 
LYS CD  CE   sing N N 208 
LYS CD  HD2  sing N N 209 
LYS CD  HD3  sing N N 210 
LYS CE  NZ   sing N N 211 
LYS CE  HE2  sing N N 212 
LYS CE  HE3  sing N N 213 
LYS NZ  HZ1  sing N N 214 
LYS NZ  HZ2  sing N N 215 
LYS NZ  HZ3  sing N N 216 
LYS OXT HXT  sing N N 217 
MET N   CA   sing N N 218 
MET N   H    sing N N 219 
MET N   H2   sing N N 220 
MET CA  C    sing N N 221 
MET CA  CB   sing N N 222 
MET CA  HA   sing N N 223 
MET C   O    doub N N 224 
MET C   OXT  sing N N 225 
MET CB  CG   sing N N 226 
MET CB  HB2  sing N N 227 
MET CB  HB3  sing N N 228 
MET CG  SD   sing N N 229 
MET CG  HG2  sing N N 230 
MET CG  HG3  sing N N 231 
MET SD  CE   sing N N 232 
MET CE  HE1  sing N N 233 
MET CE  HE2  sing N N 234 
MET CE  HE3  sing N N 235 
MET OXT HXT  sing N N 236 
PHE N   CA   sing N N 237 
PHE N   H    sing N N 238 
PHE N   H2   sing N N 239 
PHE CA  C    sing N N 240 
PHE CA  CB   sing N N 241 
PHE CA  HA   sing N N 242 
PHE C   O    doub N N 243 
PHE C   OXT  sing N N 244 
PHE CB  CG   sing N N 245 
PHE CB  HB2  sing N N 246 
PHE CB  HB3  sing N N 247 
PHE CG  CD1  doub Y N 248 
PHE CG  CD2  sing Y N 249 
PHE CD1 CE1  sing Y N 250 
PHE CD1 HD1  sing N N 251 
PHE CD2 CE2  doub Y N 252 
PHE CD2 HD2  sing N N 253 
PHE CE1 CZ   doub Y N 254 
PHE CE1 HE1  sing N N 255 
PHE CE2 CZ   sing Y N 256 
PHE CE2 HE2  sing N N 257 
PHE CZ  HZ   sing N N 258 
PHE OXT HXT  sing N N 259 
PRO N   CA   sing N N 260 
PRO N   CD   sing N N 261 
PRO N   H    sing N N 262 
PRO CA  C    sing N N 263 
PRO CA  CB   sing N N 264 
PRO CA  HA   sing N N 265 
PRO C   O    doub N N 266 
PRO C   OXT  sing N N 267 
PRO CB  CG   sing N N 268 
PRO CB  HB2  sing N N 269 
PRO CB  HB3  sing N N 270 
PRO CG  CD   sing N N 271 
PRO CG  HG2  sing N N 272 
PRO CG  HG3  sing N N 273 
PRO CD  HD2  sing N N 274 
PRO CD  HD3  sing N N 275 
PRO OXT HXT  sing N N 276 
SER N   CA   sing N N 277 
SER N   H    sing N N 278 
SER N   H2   sing N N 279 
SER CA  C    sing N N 280 
SER CA  CB   sing N N 281 
SER CA  HA   sing N N 282 
SER C   O    doub N N 283 
SER C   OXT  sing N N 284 
SER CB  OG   sing N N 285 
SER CB  HB2  sing N N 286 
SER CB  HB3  sing N N 287 
SER OG  HG   sing N N 288 
SER OXT HXT  sing N N 289 
THR N   CA   sing N N 290 
THR N   H    sing N N 291 
THR N   H2   sing N N 292 
THR CA  C    sing N N 293 
THR CA  CB   sing N N 294 
THR CA  HA   sing N N 295 
THR C   O    doub N N 296 
THR C   OXT  sing N N 297 
THR CB  OG1  sing N N 298 
THR CB  CG2  sing N N 299 
THR CB  HB   sing N N 300 
THR OG1 HG1  sing N N 301 
THR CG2 HG21 sing N N 302 
THR CG2 HG22 sing N N 303 
THR CG2 HG23 sing N N 304 
THR OXT HXT  sing N N 305 
TRP N   CA   sing N N 306 
TRP N   H    sing N N 307 
TRP N   H2   sing N N 308 
TRP CA  C    sing N N 309 
TRP CA  CB   sing N N 310 
TRP CA  HA   sing N N 311 
TRP C   O    doub N N 312 
TRP C   OXT  sing N N 313 
TRP CB  CG   sing N N 314 
TRP CB  HB2  sing N N 315 
TRP CB  HB3  sing N N 316 
TRP CG  CD1  doub Y N 317 
TRP CG  CD2  sing Y N 318 
TRP CD1 NE1  sing Y N 319 
TRP CD1 HD1  sing N N 320 
TRP CD2 CE2  doub Y N 321 
TRP CD2 CE3  sing Y N 322 
TRP NE1 CE2  sing Y N 323 
TRP NE1 HE1  sing N N 324 
TRP CE2 CZ2  sing Y N 325 
TRP CE3 CZ3  doub Y N 326 
TRP CE3 HE3  sing N N 327 
TRP CZ2 CH2  doub Y N 328 
TRP CZ2 HZ2  sing N N 329 
TRP CZ3 CH2  sing Y N 330 
TRP CZ3 HZ3  sing N N 331 
TRP CH2 HH2  sing N N 332 
TRP OXT HXT  sing N N 333 
TYR N   CA   sing N N 334 
TYR N   H    sing N N 335 
TYR N   H2   sing N N 336 
TYR CA  C    sing N N 337 
TYR CA  CB   sing N N 338 
TYR CA  HA   sing N N 339 
TYR C   O    doub N N 340 
TYR C   OXT  sing N N 341 
TYR CB  CG   sing N N 342 
TYR CB  HB2  sing N N 343 
TYR CB  HB3  sing N N 344 
TYR CG  CD1  doub Y N 345 
TYR CG  CD2  sing Y N 346 
TYR CD1 CE1  sing Y N 347 
TYR CD1 HD1  sing N N 348 
TYR CD2 CE2  doub Y N 349 
TYR CD2 HD2  sing N N 350 
TYR CE1 CZ   doub Y N 351 
TYR CE1 HE1  sing N N 352 
TYR CE2 CZ   sing Y N 353 
TYR CE2 HE2  sing N N 354 
TYR CZ  OH   sing N N 355 
TYR OH  HH   sing N N 356 
TYR OXT HXT  sing N N 357 
VAL N   CA   sing N N 358 
VAL N   H    sing N N 359 
VAL N   H2   sing N N 360 
VAL CA  C    sing N N 361 
VAL CA  CB   sing N N 362 
VAL CA  HA   sing N N 363 
VAL C   O    doub N N 364 
VAL C   OXT  sing N N 365 
VAL CB  CG1  sing N N 366 
VAL CB  CG2  sing N N 367 
VAL CB  HB   sing N N 368 
VAL CG1 HG11 sing N N 369 
VAL CG1 HG12 sing N N 370 
VAL CG1 HG13 sing N N 371 
VAL CG2 HG21 sing N N 372 
VAL CG2 HG22 sing N N 373 
VAL CG2 HG23 sing N N 374 
VAL OXT HXT  sing N N 375 
# 
_atom_sites.entry_id                    1EE6 
_atom_sites.fract_transf_matrix[1][1]   0.00268580 
_atom_sites.fract_transf_matrix[1][2]   0.01096992 
_atom_sites.fract_transf_matrix[1][3]   0.02039126 
_atom_sites.fract_transf_matrix[2][1]   -0.01289399 
_atom_sites.fract_transf_matrix[2][2]   0.00972177 
_atom_sites.fract_transf_matrix[2][3]   -0.00353173 
_atom_sites.fract_transf_matrix[3][1]   -0.00741118 
_atom_sites.fract_transf_matrix[3][2]   -0.00792585 
_atom_sites.fract_transf_matrix[3][3]   0.00524003 
_atom_sites.fract_transf_vector[1]      0.015352 
_atom_sites.fract_transf_vector[2]      0.116413 
_atom_sites.fract_transf_vector[3]      0.385676 
# 
loop_
_atom_type.symbol 
C  
CA 
N  
O  
S  
# 
loop_
_atom_site.group_PDB 
_atom_site.id 
_atom_site.type_symbol 
_atom_site.label_atom_id 
_atom_site.label_alt_id 
_atom_site.label_comp_id 
_atom_site.label_asym_id 
_atom_site.label_entity_id 
_atom_site.label_seq_id 
_atom_site.pdbx_PDB_ins_code 
_atom_site.Cartn_x 
_atom_site.Cartn_y 
_atom_site.Cartn_z 
_atom_site.occupancy 
_atom_site.B_iso_or_equiv 
_atom_site.pdbx_formal_charge 
_atom_site.auth_seq_id 
_atom_site.auth_comp_id 
_atom_site.auth_asym_id 
_atom_site.auth_atom_id 
_atom_site.pdbx_PDB_model_num 
ATOM   1    N  N   . ALA A 1 1   ? -8.109  -22.461 -2.277  1.00 25.33 ? 1   ALA A N   1 
ATOM   2    C  CA  . ALA A 1 1   ? -9.278  -22.305 -1.367  1.00 24.65 ? 1   ALA A CA  1 
ATOM   3    C  C   . ALA A 1 1   ? -8.962  -21.039 -0.542  1.00 23.13 ? 1   ALA A C   1 
ATOM   4    O  O   . ALA A 1 1   ? -7.774  -20.675 -0.529  1.00 25.08 ? 1   ALA A O   1 
ATOM   5    C  CB  . ALA A 1 1   ? -9.500  -23.511 -0.436  1.00 25.45 ? 1   ALA A CB  1 
ATOM   6    N  N   . PRO A 1 2   ? -9.934  -20.289 0.027   1.00 21.19 ? 2   PRO A N   1 
ATOM   7    C  CA  . PRO A 1 2   ? -9.627  -19.281 1.011   1.00 18.54 ? 2   PRO A CA  1 
ATOM   8    C  C   . PRO A 1 2   ? -9.030  -19.876 2.262   1.00 16.87 ? 2   PRO A C   1 
ATOM   9    O  O   . PRO A 1 2   ? -9.534  -20.873 2.789   1.00 20.87 ? 2   PRO A O   1 
ATOM   10   C  CB  . PRO A 1 2   ? -10.919 -18.552 1.308   1.00 17.14 ? 2   PRO A CB  1 
ATOM   11   C  CG  . PRO A 1 2   ? -12.001 -19.450 0.828   1.00 17.65 ? 2   PRO A CG  1 
ATOM   12   C  CD  . PRO A 1 2   ? -11.369 -20.304 -0.289  1.00 19.58 ? 2   PRO A CD  1 
ATOM   13   N  N   . THR A 1 3   ? -7.918  -19.320 2.702   1.00 12.48 ? 3   THR A N   1 
ATOM   14   C  CA  . THR A 1 3   ? -7.286  -19.767 3.904   1.00 7.65  ? 3   THR A CA  1 
ATOM   15   C  C   . THR A 1 3   ? -7.613  -18.743 4.958   1.00 7.57  ? 3   THR A C   1 
ATOM   16   O  O   . THR A 1 3   ? -7.565  -17.545 4.667   1.00 11.34 ? 3   THR A O   1 
ATOM   17   C  CB  . THR A 1 3   ? -5.823  -19.848 3.609   1.00 6.31  ? 3   THR A CB  1 
ATOM   18   O  OG1 . THR A 1 3   ? -5.717  -20.750 2.515   1.00 6.55  ? 3   THR A OG1 1 
ATOM   19   C  CG2 . THR A 1 3   ? -4.980  -20.307 4.790   1.00 9.87  ? 3   THR A CG2 1 
ATOM   20   N  N   . VAL A 1 4   ? -8.036  -19.154 6.147   1.00 6.38  ? 4   VAL A N   1 
ATOM   21   C  CA  . VAL A 1 4   ? -8.164  -18.214 7.248   1.00 5.70  ? 4   VAL A CA  1 
ATOM   22   C  C   . VAL A 1 4   ? -6.762  -18.254 7.889   1.00 5.13  ? 4   VAL A C   1 
ATOM   23   O  O   . VAL A 1 4   ? -6.275  -19.295 8.327   1.00 6.59  ? 4   VAL A O   1 
ATOM   24   C  CB  . VAL A 1 4   ? -9.234  -18.663 8.306   1.00 4.63  ? 4   VAL A CB  1 
ATOM   25   C  CG1 . VAL A 1 4   ? -9.239  -17.587 9.366   1.00 2.00  ? 4   VAL A CG1 1 
ATOM   26   C  CG2 . VAL A 1 4   ? -10.651 -18.857 7.729   1.00 2.00  ? 4   VAL A CG2 1 
ATOM   27   N  N   . VAL A 1 5   ? -6.085  -17.147 8.006   1.00 3.81  ? 5   VAL A N   1 
ATOM   28   C  CA  . VAL A 1 5   ? -4.745  -17.033 8.532   1.00 3.46  ? 5   VAL A CA  1 
ATOM   29   C  C   . VAL A 1 5   ? -4.859  -16.633 10.003  1.00 5.69  ? 5   VAL A C   1 
ATOM   30   O  O   . VAL A 1 5   ? -5.527  -15.683 10.425  1.00 5.99  ? 5   VAL A O   1 
ATOM   31   C  CB  . VAL A 1 5   ? -4.023  -15.984 7.674   1.00 2.00  ? 5   VAL A CB  1 
ATOM   32   C  CG1 . VAL A 1 5   ? -2.634  -15.716 8.218   1.00 4.05  ? 5   VAL A CG1 1 
ATOM   33   C  CG2 . VAL A 1 5   ? -3.881  -16.509 6.234   1.00 4.76  ? 5   VAL A CG2 1 
ATOM   34   N  N   . HIS A 1 6   ? -4.213  -17.479 10.799  1.00 6.11  ? 6   HIS A N   1 
ATOM   35   C  CA  . HIS A 1 6   ? -4.223  -17.416 12.250  1.00 4.13  ? 6   HIS A CA  1 
ATOM   36   C  C   . HIS A 1 6   ? -3.000  -16.753 12.857  1.00 6.53  ? 6   HIS A C   1 
ATOM   37   O  O   . HIS A 1 6   ? -3.038  -16.228 13.959  1.00 5.99  ? 6   HIS A O   1 
ATOM   38   C  CB  . HIS A 1 6   ? -4.325  -18.831 12.784  1.00 3.89  ? 6   HIS A CB  1 
ATOM   39   C  CG  . HIS A 1 6   ? -5.619  -19.495 12.318  1.00 5.30  ? 6   HIS A CG  1 
ATOM   40   N  ND1 . HIS A 1 6   ? -6.877  -19.175 12.611  1.00 4.76  ? 6   HIS A ND1 1 
ATOM   41   C  CD2 . HIS A 1 6   ? -5.656  -20.544 11.429  1.00 6.30  ? 6   HIS A CD2 1 
ATOM   42   C  CE1 . HIS A 1 6   ? -7.662  -19.991 11.944  1.00 8.11  ? 6   HIS A CE1 1 
ATOM   43   N  NE2 . HIS A 1 6   ? -6.916  -20.805 11.230  1.00 9.95  ? 6   HIS A NE2 1 
ATOM   44   N  N   . GLU A 1 7   ? -1.891  -16.963 12.176  1.00 8.95  ? 7   GLU A N   1 
ATOM   45   C  CA  . GLU A 1 7   ? -0.569  -16.536 12.520  1.00 7.71  ? 7   GLU A CA  1 
ATOM   46   C  C   . GLU A 1 7   ? -0.020  -15.970 11.203  1.00 9.48  ? 7   GLU A C   1 
ATOM   47   O  O   . GLU A 1 7   ? -0.270  -16.519 10.124  1.00 9.92  ? 7   GLU A O   1 
ATOM   48   C  CB  . GLU A 1 7   ? 0.293   -17.692 12.959  0.00 0.00  ? 7   GLU A CB  1 
ATOM   49   C  CG  . GLU A 1 7   ? -0.506  -18.973 13.202  0.00 0.00  ? 7   GLU A CG  1 
ATOM   50   C  CD  . GLU A 1 7   ? 0.325   -20.082 13.850  0.00 0.00  ? 7   GLU A CD  1 
ATOM   51   O  OE1 . GLU A 1 7   ? -0.176  -21.260 14.001  0.00 0.00  ? 7   GLU A OE1 1 
ATOM   52   O  OE2 . GLU A 1 7   ? 1.526   -19.838 14.248  0.00 0.00  ? 7   GLU A OE2 1 
ATOM   53   N  N   . THR A 1 8   ? 0.717   -14.869 11.290  1.00 6.71  ? 8   THR A N   1 
ATOM   54   C  CA  . THR A 1 8   ? 1.340   -14.193 10.170  1.00 4.46  ? 8   THR A CA  1 
ATOM   55   C  C   . THR A 1 8   ? 2.193   -15.152 9.372   1.00 4.61  ? 8   THR A C   1 
ATOM   56   O  O   . THR A 1 8   ? 2.966   -15.925 9.933   1.00 4.61  ? 8   THR A O   1 
ATOM   57   C  CB  . THR A 1 8   ? 2.161   -13.032 10.724  1.00 5.50  ? 8   THR A CB  1 
ATOM   58   O  OG1 . THR A 1 8   ? 1.173   -12.221 11.342  1.00 11.37 ? 8   THR A OG1 1 
ATOM   59   C  CG2 . THR A 1 8   ? 2.974   -12.198 9.748   1.00 2.00  ? 8   THR A CG2 1 
ATOM   60   N  N   . ILE A 1 9   ? 2.078   -15.124 8.059   1.00 7.67  ? 9   ILE A N   1 
ATOM   61   C  CA  . ILE A 1 9   ? 2.923   -15.896 7.184   1.00 6.61  ? 9   ILE A CA  1 
ATOM   62   C  C   . ILE A 1 9   ? 4.192   -15.094 6.922   1.00 7.22  ? 9   ILE A C   1 
ATOM   63   O  O   . ILE A 1 9   ? 4.153   -13.958 6.446   1.00 6.09  ? 9   ILE A O   1 
ATOM   64   C  CB  . ILE A 1 9   ? 2.119   -16.183 5.923   1.00 8.34  ? 9   ILE A CB  1 
ATOM   65   C  CG1 . ILE A 1 9   ? 0.875   -17.008 6.314   1.00 9.33  ? 9   ILE A CG1 1 
ATOM   66   C  CG2 . ILE A 1 9   ? 3.015   -16.882 4.882   1.00 6.52  ? 9   ILE A CG2 1 
ATOM   67   C  CD1 . ILE A 1 9   ? -0.230  -17.077 5.230   1.00 8.49  ? 9   ILE A CD1 1 
ATOM   68   N  N   . ARG A 1 10  ? 5.335   -15.660 7.312   1.00 10.05 ? 10  ARG A N   1 
ATOM   69   C  CA  . ARG A 1 10  ? 6.659   -15.112 7.029   1.00 10.81 ? 10  ARG A CA  1 
ATOM   70   C  C   . ARG A 1 10  ? 7.187   -15.642 5.695   1.00 8.83  ? 10  ARG A C   1 
ATOM   71   O  O   . ARG A 1 10  ? 7.041   -16.814 5.326   1.00 8.44  ? 10  ARG A O   1 
ATOM   72   C  CB  . ARG A 1 10  ? 7.644   -15.485 8.111   1.00 12.58 ? 10  ARG A CB  1 
ATOM   73   C  CG  . ARG A 1 10  ? 7.832   -14.323 9.054   1.00 22.51 ? 10  ARG A CG  1 
ATOM   74   C  CD  . ARG A 1 10  ? 9.287   -14.289 9.492   1.00 30.16 ? 10  ARG A CD  1 
ATOM   75   N  NE  . ARG A 1 10  ? 9.492   -13.438 10.665  1.00 34.81 ? 10  ARG A NE  1 
ATOM   76   C  CZ  . ARG A 1 10  ? 10.698  -12.943 10.985  1.00 34.82 ? 10  ARG A CZ  1 
ATOM   77   N  NH1 . ARG A 1 10  ? 10.823  -12.174 12.057  1.00 38.79 ? 10  ARG A NH1 1 
ATOM   78   N  NH2 . ARG A 1 10  ? 11.792  -13.190 10.266  1.00 38.93 ? 10  ARG A NH2 1 
ATOM   79   N  N   . VAL A 1 11  ? 7.783   -14.713 4.965   1.00 8.57  ? 11  VAL A N   1 
ATOM   80   C  CA  . VAL A 1 11  ? 8.302   -14.913 3.627   1.00 6.77  ? 11  VAL A CA  1 
ATOM   81   C  C   . VAL A 1 11  ? 9.759   -14.496 3.838   1.00 9.13  ? 11  VAL A C   1 
ATOM   82   O  O   . VAL A 1 11  ? 10.047  -13.292 3.958   1.00 12.11 ? 11  VAL A O   1 
ATOM   83   C  CB  . VAL A 1 11  ? 7.508   -13.954 2.606   1.00 5.23  ? 11  VAL A CB  1 
ATOM   84   C  CG1 . VAL A 1 11  ? 7.827   -14.255 1.127   1.00 2.67  ? 11  VAL A CG1 1 
ATOM   85   C  CG2 . VAL A 1 11  ? 6.020   -14.152 2.807   1.00 2.00  ? 11  VAL A CG2 1 
ATOM   86   N  N   . PRO A 1 12  ? 10.732  -15.399 3.961   1.00 10.54 ? 12  PRO A N   1 
ATOM   87   C  CA  . PRO A 1 12  ? 12.142  -15.074 4.227   1.00 12.07 ? 12  PRO A CA  1 
ATOM   88   C  C   . PRO A 1 12  ? 12.803  -14.248 3.128   1.00 11.79 ? 12  PRO A C   1 
ATOM   89   O  O   . PRO A 1 12  ? 12.343  -14.196 1.977   1.00 12.84 ? 12  PRO A O   1 
ATOM   90   C  CB  . PRO A 1 12  ? 12.827  -16.420 4.411   1.00 13.72 ? 12  PRO A CB  1 
ATOM   91   C  CG  . PRO A 1 12  ? 11.683  -17.381 4.647   1.00 13.11 ? 12  PRO A CG  1 
ATOM   92   C  CD  . PRO A 1 12  ? 10.597  -16.834 3.709   1.00 12.12 ? 12  PRO A CD  1 
ATOM   93   N  N   . ALA A 1 13  ? 13.951  -13.681 3.498   1.00 10.02 ? 13  ALA A N   1 
ATOM   94   C  CA  . ALA A 1 13  ? 14.707  -12.822 2.618   1.00 10.36 ? 13  ALA A CA  1 
ATOM   95   C  C   . ALA A 1 13  ? 14.981  -13.406 1.234   1.00 12.24 ? 13  ALA A C   1 
ATOM   96   O  O   . ALA A 1 13  ? 15.338  -14.581 1.032   1.00 14.87 ? 13  ALA A O   1 
ATOM   97   C  CB  . ALA A 1 13  ? 16.002  -12.483 3.309   1.00 7.29  ? 13  ALA A CB  1 
ATOM   98   N  N   . GLY A 1 14  ? 14.607  -12.606 0.247   1.00 9.39  ? 14  GLY A N   1 
ATOM   99   C  CA  . GLY A 1 14  ? 14.819  -12.990 -1.139  1.00 11.16 ? 14  GLY A CA  1 
ATOM   100  C  C   . GLY A 1 14  ? 13.858  -14.025 -1.708  1.00 11.20 ? 14  GLY A C   1 
ATOM   101  O  O   . GLY A 1 14  ? 14.029  -14.409 -2.862  1.00 6.72  ? 14  GLY A O   1 
ATOM   102  N  N   . GLN A 1 15  ? 12.901  -14.516 -0.922  1.00 12.13 ? 15  GLN A N   1 
ATOM   103  C  CA  . GLN A 1 15  ? 11.957  -15.504 -1.392  1.00 13.52 ? 15  GLN A CA  1 
ATOM   104  C  C   . GLN A 1 15  ? 10.613  -14.967 -1.847  1.00 12.43 ? 15  GLN A C   1 
ATOM   105  O  O   . GLN A 1 15  ? 10.161  -13.954 -1.352  1.00 13.12 ? 15  GLN A O   1 
ATOM   106  C  CB  . GLN A 1 15  ? 11.720  -16.551 -0.289  1.00 18.31 ? 15  GLN A CB  1 
ATOM   107  C  CG  . GLN A 1 15  ? 12.766  -17.693 -0.315  1.00 21.26 ? 15  GLN A CG  1 
ATOM   108  C  CD  . GLN A 1 15  ? 12.919  -18.345 -1.704  1.00 25.93 ? 15  GLN A CD  1 
ATOM   109  O  OE1 . GLN A 1 15  ? 14.014  -18.436 -2.239  1.00 24.48 ? 15  GLN A OE1 1 
ATOM   110  N  NE2 . GLN A 1 15  ? 11.915  -18.834 -2.429  1.00 27.52 ? 15  GLN A NE2 1 
ATOM   111  N  N   . THR A 1 16  ? 9.916   -15.725 -2.683  1.00 10.94 ? 16  THR A N   1 
ATOM   112  C  CA  . THR A 1 16  ? 8.597   -15.405 -3.216  1.00 10.48 ? 16  THR A CA  1 
ATOM   113  C  C   . THR A 1 16  ? 7.504   -16.300 -2.619  1.00 10.81 ? 16  THR A C   1 
ATOM   114  O  O   . THR A 1 16  ? 7.781   -17.471 -2.289  1.00 12.42 ? 16  THR A O   1 
ATOM   115  C  CB  . THR A 1 16  ? 8.666   -15.569 -4.746  1.00 9.09  ? 16  THR A CB  1 
ATOM   116  O  OG1 . THR A 1 16  ? 9.845   -14.865 -5.171  1.00 14.49 ? 16  THR A OG1 1 
ATOM   117  C  CG2 . THR A 1 16  ? 7.438   -15.074 -5.465  1.00 5.00  ? 16  THR A CG2 1 
ATOM   118  N  N   . PHE A 1 17  ? 6.297   -15.760 -2.443  1.00 6.03  ? 17  PHE A N   1 
ATOM   119  C  CA  . PHE A 1 17  ? 5.167   -16.526 -1.967  1.00 6.50  ? 17  PHE A CA  1 
ATOM   120  C  C   . PHE A 1 17  ? 4.182   -16.180 -3.053  1.00 8.33  ? 17  PHE A C   1 
ATOM   121  O  O   . PHE A 1 17  ? 3.831   -15.017 -3.283  1.00 6.49  ? 17  PHE A O   1 
ATOM   122  C  CB  . PHE A 1 17  ? 4.620   -16.038 -0.595  1.00 5.32  ? 17  PHE A CB  1 
ATOM   123  C  CG  . PHE A 1 17  ? 3.319   -16.656 -0.116  1.00 3.73  ? 17  PHE A CG  1 
ATOM   124  C  CD1 . PHE A 1 17  ? 2.114   -16.408 -0.776  1.00 3.28  ? 17  PHE A CD1 1 
ATOM   125  C  CD2 . PHE A 1 17  ? 3.348   -17.575 0.930   1.00 5.71  ? 17  PHE A CD2 1 
ATOM   126  C  CE1 . PHE A 1 17  ? 0.963   -17.073 -0.391  1.00 2.69  ? 17  PHE A CE1 1 
ATOM   127  C  CE2 . PHE A 1 17  ? 2.183   -18.246 1.310   1.00 2.00  ? 17  PHE A CE2 1 
ATOM   128  C  CZ  . PHE A 1 17  ? 0.995   -17.994 0.651   1.00 2.01  ? 17  PHE A CZ  1 
ATOM   129  N  N   . ASP A 1 18  ? 3.832   -17.260 -3.724  1.00 9.85  ? 18  ASP A N   1 
ATOM   130  C  CA  . ASP A 1 18  ? 2.835   -17.247 -4.766  1.00 11.09 ? 18  ASP A CA  1 
ATOM   131  C  C   . ASP A 1 18  ? 1.580   -17.888 -4.189  1.00 11.77 ? 18  ASP A C   1 
ATOM   132  O  O   . ASP A 1 18  ? 1.613   -19.058 -3.773  1.00 11.21 ? 18  ASP A O   1 
ATOM   133  C  CB  . ASP A 1 18  ? 3.386   -18.036 -5.928  1.00 14.50 ? 18  ASP A CB  1 
ATOM   134  C  CG  . ASP A 1 18  ? 2.664   -17.941 -7.270  1.00 16.37 ? 18  ASP A CG  1 
ATOM   135  O  OD1 . ASP A 1 18  ? 1.471   -17.606 -7.300  1.00 15.11 ? 18  ASP A OD1 1 
ATOM   136  O  OD2 . ASP A 1 18  ? 3.331   -18.234 -8.286  1.00 18.18 ? 18  ASP A OD2 1 
ATOM   137  N  N   . GLY A 1 19  ? 0.488   -17.122 -4.170  1.00 10.93 ? 19  GLY A N   1 
ATOM   138  C  CA  . GLY A 1 19  ? -0.774  -17.590 -3.624  1.00 12.28 ? 19  GLY A CA  1 
ATOM   139  C  C   . GLY A 1 19  ? -1.628  -18.239 -4.684  1.00 12.79 ? 19  GLY A C   1 
ATOM   140  O  O   . GLY A 1 19  ? -2.718  -18.732 -4.404  1.00 12.72 ? 19  GLY A O   1 
ATOM   141  N  N   . LYS A 1 20  ? -1.147  -18.170 -5.922  1.00 13.25 ? 20  LYS A N   1 
ATOM   142  C  CA  . LYS A 1 20  ? -1.744  -18.769 -7.108  1.00 13.51 ? 20  LYS A CA  1 
ATOM   143  C  C   . LYS A 1 20  ? -3.168  -18.273 -7.410  1.00 12.55 ? 20  LYS A C   1 
ATOM   144  O  O   . LYS A 1 20  ? -3.994  -18.932 -8.046  1.00 15.91 ? 20  LYS A O   1 
ATOM   145  C  CB  . LYS A 1 20  ? -1.794  -20.306 -6.948  0.00 0.00  ? 20  LYS A CB  1 
ATOM   146  C  CG  . LYS A 1 20  ? -0.422  -20.944 -6.717  0.00 0.00  ? 20  LYS A CG  1 
ATOM   147  C  CD  . LYS A 1 20  ? -0.489  -22.466 -6.579  0.00 0.00  ? 20  LYS A CD  1 
ATOM   148  C  CE  . LYS A 1 20  ? 0.882   -23.104 -6.349  0.00 0.00  ? 20  LYS A CE  1 
ATOM   149  N  NZ  . LYS A 1 20  ? 0.819   -24.568 -6.216  0.00 0.00  ? 20  LYS A NZ  1 
ATOM   150  N  N   . GLY A 1 21  ? -3.449  -17.045 -6.968  1.00 9.61  ? 21  GLY A N   1 
ATOM   151  C  CA  . GLY A 1 21  ? -4.726  -16.375 -7.179  1.00 7.11  ? 21  GLY A CA  1 
ATOM   152  C  C   . GLY A 1 21  ? -5.743  -16.656 -6.074  1.00 6.42  ? 21  GLY A C   1 
ATOM   153  O  O   . GLY A 1 21  ? -6.914  -16.267 -6.193  1.00 5.09  ? 21  GLY A O   1 
ATOM   154  N  N   . GLN A 1 22  ? -5.306  -17.349 -5.020  1.00 5.00  ? 22  GLN A N   1 
ATOM   155  C  CA  . GLN A 1 22  ? -6.138  -17.765 -3.903  1.00 4.28  ? 22  GLN A CA  1 
ATOM   156  C  C   . GLN A 1 22  ? -6.251  -16.696 -2.855  1.00 2.00  ? 22  GLN A C   1 
ATOM   157  O  O   . GLN A 1 22  ? -5.399  -15.803 -2.764  1.00 2.00  ? 22  GLN A O   1 
ATOM   158  C  CB  . GLN A 1 22  ? -5.548  -19.081 -3.305  1.00 2.96  ? 22  GLN A CB  1 
ATOM   159  C  CG  . GLN A 1 22  ? -5.557  -20.216 -4.387  1.00 6.25  ? 22  GLN A CG  1 
ATOM   160  C  CD  . GLN A 1 22  ? -6.920  -20.447 -5.117  1.00 4.23  ? 22  GLN A CD  1 
ATOM   161  O  OE1 . GLN A 1 22  ? -7.921  -20.949 -4.579  1.00 3.25  ? 22  GLN A OE1 1 
ATOM   162  N  NE2 . GLN A 1 22  ? -7.080  -20.095 -6.371  1.00 5.32  ? 22  GLN A NE2 1 
ATOM   163  N  N   . THR A 1 23  ? -7.358  -16.776 -2.139  1.00 2.17  ? 23  THR A N   1 
ATOM   164  C  CA  . THR A 1 23  ? -7.733  -15.830 -1.107  1.00 5.77  ? 23  THR A CA  1 
ATOM   165  C  C   . THR A 1 23  ? -7.266  -16.194 0.276   1.00 7.95  ? 23  THR A C   1 
ATOM   166  O  O   . THR A 1 23  ? -7.343  -17.346 0.710   1.00 9.02  ? 23  THR A O   1 
ATOM   167  C  CB  . THR A 1 23  ? -9.242  -15.643 -1.117  1.00 7.58  ? 23  THR A CB  1 
ATOM   168  O  OG1 . THR A 1 23  ? -9.550  -15.202 -2.444  1.00 15.17 ? 23  THR A OG1 1 
ATOM   169  C  CG2 . THR A 1 23  ? -9.775  -14.651 -0.115  1.00 4.84  ? 23  THR A CG2 1 
ATOM   170  N  N   . TYR A 1 24  ? -6.793  -15.155 0.967   1.00 9.61  ? 24  TYR A N   1 
ATOM   171  C  CA  . TYR A 1 24  ? -6.289  -15.248 2.326   1.00 7.64  ? 24  TYR A CA  1 
ATOM   172  C  C   . TYR A 1 24  ? -6.969  -14.154 3.132   1.00 5.90  ? 24  TYR A C   1 
ATOM   173  O  O   . TYR A 1 24  ? -6.976  -12.977 2.708   1.00 4.11  ? 24  TYR A O   1 
ATOM   174  C  CB  . TYR A 1 24  ? -4.762  -15.049 2.320   1.00 7.97  ? 24  TYR A CB  1 
ATOM   175  C  CG  . TYR A 1 24  ? -4.013  -16.174 1.632   1.00 3.70  ? 24  TYR A CG  1 
ATOM   176  C  CD1 . TYR A 1 24  ? -3.907  -16.153 0.249   1.00 5.42  ? 24  TYR A CD1 1 
ATOM   177  C  CD2 . TYR A 1 24  ? -3.441  -17.223 2.357   1.00 6.02  ? 24  TYR A CD2 1 
ATOM   178  C  CE1 . TYR A 1 24  ? -3.235  -17.163 -0.431  1.00 8.68  ? 24  TYR A CE1 1 
ATOM   179  C  CE2 . TYR A 1 24  ? -2.759  -18.245 1.673   1.00 4.32  ? 24  TYR A CE2 1 
ATOM   180  C  CZ  . TYR A 1 24  ? -2.662  -18.195 0.285   1.00 8.16  ? 24  TYR A CZ  1 
ATOM   181  O  OH  . TYR A 1 24  ? -1.951  -19.158 -0.410  1.00 12.44 ? 24  TYR A OH  1 
ATOM   182  N  N   . VAL A 1 25  ? -7.651  -14.567 4.200   1.00 9.13  ? 25  VAL A N   1 
ATOM   183  C  CA  . VAL A 1 25  ? -8.311  -13.668 5.126   1.00 11.73 ? 25  VAL A CA  1 
ATOM   184  C  C   . VAL A 1 25  ? -7.656  -13.854 6.468   1.00 10.08 ? 25  VAL A C   1 
ATOM   185  O  O   . VAL A 1 25  ? -7.043  -14.894 6.723   1.00 10.32 ? 25  VAL A O   1 
ATOM   186  C  CB  . VAL A 1 25  ? -9.902  -13.914 5.396   1.00 13.12 ? 25  VAL A CB  1 
ATOM   187  C  CG1 . VAL A 1 25  ? -10.591 -14.095 4.069   1.00 15.94 ? 25  VAL A CG1 1 
ATOM   188  C  CG2 . VAL A 1 25  ? -10.236 -15.145 6.221   1.00 13.81 ? 25  VAL A CG2 1 
ATOM   189  N  N   . ALA A 1 26  ? -7.811  -12.881 7.337   1.00 9.70  ? 26  ALA A N   1 
ATOM   190  C  CA  . ALA A 1 26  ? -7.313  -12.947 8.703   1.00 11.06 ? 26  ALA A CA  1 
ATOM   191  C  C   . ALA A 1 26  ? -8.304  -13.645 9.608   1.00 12.11 ? 26  ALA A C   1 
ATOM   192  O  O   . ALA A 1 26  ? -9.509  -13.753 9.379   1.00 11.29 ? 26  ALA A O   1 
ATOM   193  C  CB  . ALA A 1 26  ? -7.103  -11.574 9.346   1.00 11.85 ? 26  ALA A CB  1 
ATOM   194  N  N   . ASN A 1 27  ? -7.730  -14.181 10.678  1.00 14.99 ? 27  ASN A N   1 
ATOM   195  C  CA  . ASN A 1 27  ? -8.515  -14.671 11.775  1.00 10.27 ? 27  ASN A CA  1 
ATOM   196  C  C   . ASN A 1 27  ? -8.662  -13.419 12.652  1.00 8.03  ? 27  ASN A C   1 
ATOM   197  O  O   . ASN A 1 27  ? -7.612  -12.894 13.100  1.00 6.52  ? 27  ASN A O   1 
ATOM   198  C  CB  . ASN A 1 27  ? -7.770  -15.755 12.526  1.00 11.64 ? 27  ASN A CB  1 
ATOM   199  C  CG  . ASN A 1 27  ? -8.599  -16.253 13.674  1.00 13.06 ? 27  ASN A CG  1 
ATOM   200  O  OD1 . ASN A 1 27  ? -8.944  -15.512 14.586  1.00 16.58 ? 27  ASN A OD1 1 
ATOM   201  N  ND2 . ASN A 1 27  ? -9.069  -17.482 13.648  1.00 18.04 ? 27  ASN A ND2 1 
ATOM   202  N  N   . PRO A 1 28  ? -9.856  -12.870 12.928  1.00 4.62  ? 28  PRO A N   1 
ATOM   203  C  CA  . PRO A 1 28  ? -10.047 -11.634 13.682  1.00 4.41  ? 28  PRO A CA  1 
ATOM   204  C  C   . PRO A 1 28  ? -9.594  -11.683 15.147  1.00 3.94  ? 28  PRO A C   1 
ATOM   205  O  O   . PRO A 1 28  ? -9.195  -10.698 15.727  1.00 5.50  ? 28  PRO A O   1 
ATOM   206  C  CB  . PRO A 1 28  ? -11.526 -11.365 13.481  1.00 3.17  ? 28  PRO A CB  1 
ATOM   207  C  CG  . PRO A 1 28  ? -12.125 -12.754 13.424  1.00 2.77  ? 28  PRO A CG  1 
ATOM   208  C  CD  . PRO A 1 28  ? -11.140 -13.375 12.451  1.00 3.52  ? 28  PRO A CD  1 
ATOM   209  N  N   . ASN A 1 29  ? -9.565  -12.866 15.743  1.00 5.75  ? 29  ASN A N   1 
ATOM   210  C  CA  . ASN A 1 29  ? -9.134  -13.151 17.097  1.00 4.86  ? 29  ASN A CA  1 
ATOM   211  C  C   . ASN A 1 29  ? -7.615  -13.145 17.307  1.00 5.35  ? 29  ASN A C   1 
ATOM   212  O  O   . ASN A 1 29  ? -7.096  -12.935 18.421  1.00 6.19  ? 29  ASN A O   1 
ATOM   213  C  CB  . ASN A 1 29  ? -9.605  -14.508 17.527  1.00 4.57  ? 29  ASN A CB  1 
ATOM   214  C  CG  . ASN A 1 29  ? -11.085 -14.637 17.646  1.00 6.33  ? 29  ASN A CG  1 
ATOM   215  O  OD1 . ASN A 1 29  ? -11.776 -13.650 17.776  1.00 9.44  ? 29  ASN A OD1 1 
ATOM   216  N  ND2 . ASN A 1 29  ? -11.668 -15.813 17.522  1.00 10.51 ? 29  ASN A ND2 1 
ATOM   217  N  N   . THR A 1 30  ? -6.867  -13.491 16.253  1.00 3.39  ? 30  THR A N   1 
ATOM   218  C  CA  . THR A 1 30  ? -5.419  -13.550 16.350  1.00 2.94  ? 30  THR A CA  1 
ATOM   219  C  C   . THR A 1 30  ? -4.755  -12.427 15.591  1.00 4.47  ? 30  THR A C   1 
ATOM   220  O  O   . THR A 1 30  ? -3.808  -11.841 16.103  1.00 7.62  ? 30  THR A O   1 
ATOM   221  C  CB  . THR A 1 30  ? -5.000  -14.928 15.862  1.00 3.27  ? 30  THR A CB  1 
ATOM   222  O  OG1 . THR A 1 30  ? -5.426  -15.091 14.512  1.00 4.04  ? 30  THR A OG1 1 
ATOM   223  C  CG2 . THR A 1 30  ? -5.713  -16.040 16.697  1.00 3.00  ? 30  THR A CG2 1 
ATOM   224  N  N   . LEU A 1 31  ? -5.230  -12.026 14.410  1.00 4.82  ? 31  LEU A N   1 
ATOM   225  C  CA  . LEU A 1 31  ? -4.599  -10.914 13.704  1.00 3.35  ? 31  LEU A CA  1 
ATOM   226  C  C   . LEU A 1 31  ? -5.354  -9.575  13.685  1.00 2.50  ? 31  LEU A C   1 
ATOM   227  O  O   . LEU A 1 31  ? -4.730  -8.505  13.691  1.00 2.46  ? 31  LEU A O   1 
ATOM   228  C  CB  . LEU A 1 31  ? -4.289  -11.364 12.282  1.00 2.62  ? 31  LEU A CB  1 
ATOM   229  C  CG  . LEU A 1 31  ? -3.458  -12.644 12.066  1.00 3.06  ? 31  LEU A CG  1 
ATOM   230  C  CD1 . LEU A 1 31  ? -3.190  -12.676 10.577  1.00 5.98  ? 31  LEU A CD1 1 
ATOM   231  C  CD2 . LEU A 1 31  ? -2.109  -12.678 12.779  1.00 2.00  ? 31  LEU A CD2 1 
ATOM   232  N  N   . GLY A 1 32  ? -6.674  -9.556  13.710  1.00 2.00  ? 32  GLY A N   1 
ATOM   233  C  CA  . GLY A 1 32  ? -7.435  -8.329  13.691  1.00 2.25  ? 32  GLY A CA  1 
ATOM   234  C  C   . GLY A 1 32  ? -8.527  -8.438  12.621  1.00 5.30  ? 32  GLY A C   1 
ATOM   235  O  O   . GLY A 1 32  ? -8.467  -9.197  11.634  1.00 3.67  ? 32  GLY A O   1 
ATOM   236  N  N   . ASP A 1 33  ? -9.535  -7.596  12.848  1.00 3.89  ? 33  ASP A N   1 
ATOM   237  C  CA  . ASP A 1 33  ? -10.711 -7.513  11.998  1.00 5.16  ? 33  ASP A CA  1 
ATOM   238  C  C   . ASP A 1 33  ? -10.678 -6.570  10.806  1.00 5.60  ? 33  ASP A C   1 
ATOM   239  O  O   . ASP A 1 33  ? -11.529 -6.667  9.952   1.00 9.66  ? 33  ASP A O   1 
ATOM   240  C  CB  . ASP A 1 33  ? -11.903 -7.174  12.908  1.00 2.13  ? 33  ASP A CB  1 
ATOM   241  C  CG  . ASP A 1 33  ? -11.861 -5.827  13.609  1.00 4.70  ? 33  ASP A CG  1 
ATOM   242  O  OD1 . ASP A 1 33  ? -10.809 -5.166  13.673  1.00 2.00  ? 33  ASP A OD1 1 
ATOM   243  O  OD2 . ASP A 1 33  ? -12.926 -5.436  14.080  1.00 5.23  ? 33  ASP A OD2 1 
ATOM   244  N  N   . GLY A 1 34  ? -9.749  -5.638  10.657  1.00 6.16  ? 34  GLY A N   1 
ATOM   245  C  CA  . GLY A 1 34  ? -9.699  -4.715  9.543   1.00 4.44  ? 34  GLY A CA  1 
ATOM   246  C  C   . GLY A 1 34  ? -10.429 -3.421  9.790   1.00 3.81  ? 34  GLY A C   1 
ATOM   247  O  O   . GLY A 1 34  ? -10.811 -2.700  8.845   1.00 6.01  ? 34  GLY A O   1 
ATOM   248  N  N   . SER A 1 35  ? -10.646 -3.153  11.066  1.00 2.28  ? 35  SER A N   1 
ATOM   249  C  CA  . SER A 1 35  ? -11.299 -1.913  11.458  1.00 2.75  ? 35  SER A CA  1 
ATOM   250  C  C   . SER A 1 35  ? -10.234 -0.832  11.635  1.00 2.44  ? 35  SER A C   1 
ATOM   251  O  O   . SER A 1 35  ? -9.103  -1.006  11.163  1.00 5.99  ? 35  SER A O   1 
ATOM   252  C  CB  . SER A 1 35  ? -12.045 -2.185  12.759  1.00 3.27  ? 35  SER A CB  1 
ATOM   253  O  OG  . SER A 1 35  ? -11.141 -2.397  13.839  1.00 2.58  ? 35  SER A OG  1 
ATOM   254  N  N   . GLN A 1 36  ? -10.496 0.291   12.299  1.00 2.45  ? 36  GLN A N   1 
ATOM   255  C  CA  . GLN A 1 36  ? -9.462  1.282   12.589  1.00 2.13  ? 36  GLN A CA  1 
ATOM   256  C  C   . GLN A 1 36  ? -8.699  1.011   13.875  1.00 2.00  ? 36  GLN A C   1 
ATOM   257  O  O   . GLN A 1 36  ? -7.814  1.799   14.247  1.00 2.00  ? 36  GLN A O   1 
ATOM   258  C  CB  . GLN A 1 36  ? -10.062 2.669   12.704  1.00 6.95  ? 36  GLN A CB  1 
ATOM   259  C  CG  . GLN A 1 36  ? -10.732 3.159   11.445  1.00 8.42  ? 36  GLN A CG  1 
ATOM   260  C  CD  . GLN A 1 36  ? -11.810 4.200   11.764  1.00 14.77 ? 36  GLN A CD  1 
ATOM   261  O  OE1 . GLN A 1 36  ? -12.964 3.926   11.415  1.00 13.09 ? 36  GLN A OE1 1 
ATOM   262  N  NE2 . GLN A 1 36  ? -11.516 5.377   12.356  1.00 4.88  ? 36  GLN A NE2 1 
ATOM   263  N  N   . ALA A 1 37  ? -9.043  -0.101  14.551  1.00 2.08  ? 37  ALA A N   1 
ATOM   264  C  CA  . ALA A 1 37  ? -8.386  -0.491  15.787  1.00 5.86  ? 37  ALA A CA  1 
ATOM   265  C  C   . ALA A 1 37  ? -6.902  -0.540  15.528  1.00 8.47  ? 37  ALA A C   1 
ATOM   266  O  O   . ALA A 1 37  ? -6.460  -1.138  14.545  1.00 12.00 ? 37  ALA A O   1 
ATOM   267  C  CB  . ALA A 1 37  ? -8.806  -1.869  16.232  1.00 2.95  ? 37  ALA A CB  1 
ATOM   268  N  N   . GLU A 1 38  ? -6.108  0.090   16.378  1.00 10.28 ? 38  GLU A N   1 
ATOM   269  C  CA  . GLU A 1 38  ? -4.663  0.156   16.167  1.00 10.96 ? 38  GLU A CA  1 
ATOM   270  C  C   . GLU A 1 38  ? -3.864  -1.060  16.559  1.00 14.94 ? 38  GLU A C   1 
ATOM   271  O  O   . GLU A 1 38  ? -4.218  -1.845  17.445  1.00 14.87 ? 38  GLU A O   1 
ATOM   272  C  CB  . GLU A 1 38  ? -4.055  1.291   16.897  1.00 12.48 ? 38  GLU A CB  1 
ATOM   273  C  CG  . GLU A 1 38  ? -4.590  2.567   16.356  1.00 20.94 ? 38  GLU A CG  1 
ATOM   274  C  CD  . GLU A 1 38  ? -3.742  3.735   16.783  1.00 26.34 ? 38  GLU A CD  1 
ATOM   275  O  OE1 . GLU A 1 38  ? -3.293  4.466   15.893  1.00 28.04 ? 38  GLU A OE1 1 
ATOM   276  O  OE2 . GLU A 1 38  ? -3.531  3.898   17.992  1.00 27.65 ? 38  GLU A OE2 1 
ATOM   277  N  N   . ASN A 1 39  ? -2.765  -1.099  15.785  1.00 17.33 ? 39  ASN A N   1 
ATOM   278  C  CA  . ASN A 1 39  ? -1.789  -2.167  15.724  1.00 17.79 ? 39  ASN A CA  1 
ATOM   279  C  C   . ASN A 1 39  ? -2.375  -3.578  15.689  1.00 17.09 ? 39  ASN A C   1 
ATOM   280  O  O   . ASN A 1 39  ? -2.309  -4.361  16.637  1.00 20.76 ? 39  ASN A O   1 
ATOM   281  C  CB  . ASN A 1 39  ? -0.839  -2.074  16.952  0.00 0.00  ? 39  ASN A CB  1 
ATOM   282  C  CG  . ASN A 1 39  ? -0.723  -3.378  17.743  0.00 0.00  ? 39  ASN A CG  1 
ATOM   283  O  OD1 . ASN A 1 39  ? -0.014  -3.424  18.746  0.00 0.00  ? 39  ASN A OD1 1 
ATOM   284  N  ND2 . ASN A 1 39  ? -1.381  -4.451  17.348  0.00 0.00  ? 39  ASN A ND2 1 
ATOM   285  N  N   . GLN A 1 40  ? -2.974  -3.880  14.525  1.00 15.72 ? 40  GLN A N   1 
ATOM   286  C  CA  . GLN A 1 40  ? -3.440  -5.239  14.197  1.00 13.54 ? 40  GLN A CA  1 
ATOM   287  C  C   . GLN A 1 40  ? -2.234  -5.988  13.562  1.00 12.61 ? 40  GLN A C   1 
ATOM   288  O  O   . GLN A 1 40  ? -1.232  -5.354  13.173  1.00 11.61 ? 40  GLN A O   1 
ATOM   289  C  CB  . GLN A 1 40  ? -4.620  -5.173  13.199  1.00 6.95  ? 40  GLN A CB  1 
ATOM   290  C  CG  . GLN A 1 40  ? -5.911  -4.682  13.831  1.00 7.84  ? 40  GLN A CG  1 
ATOM   291  C  CD  . GLN A 1 40  ? -6.990  -4.322  12.822  1.00 6.22  ? 40  GLN A CD  1 
ATOM   292  O  OE1 . GLN A 1 40  ? -7.479  -5.165  12.075  1.00 6.74  ? 40  GLN A OE1 1 
ATOM   293  N  NE2 . GLN A 1 40  ? -7.459  -3.092  12.717  1.00 6.51  ? 40  GLN A NE2 1 
ATOM   294  N  N   . LYS A 1 41  ? -2.249  -7.319  13.411  1.00 13.08 ? 41  LYS A N   1 
ATOM   295  C  CA  . LYS A 1 41  ? -1.112  -8.065  12.848  1.00 11.53 ? 41  LYS A CA  1 
ATOM   296  C  C   . LYS A 1 41  ? -1.181  -8.193  11.337  1.00 8.53  ? 41  LYS A C   1 
ATOM   297  O  O   . LYS A 1 41  ? -2.269  -8.233  10.746  1.00 9.37  ? 41  LYS A O   1 
ATOM   298  C  CB  . LYS A 1 41  ? -1.050  -9.448  13.512  1.00 12.86 ? 41  LYS A CB  1 
ATOM   299  C  CG  . LYS A 1 41  ? -0.712  -9.246  14.996  1.00 13.87 ? 41  LYS A CG  1 
ATOM   300  C  CD  . LYS A 1 41  ? -0.812  -10.500 15.844  1.00 19.41 ? 41  LYS A CD  1 
ATOM   301  C  CE  . LYS A 1 41  ? 0.313   -11.519 15.657  1.00 24.05 ? 41  LYS A CE  1 
ATOM   302  N  NZ  . LYS A 1 41  ? 1.590   -11.009 16.151  1.00 27.21 ? 41  LYS A NZ  1 
ATOM   303  N  N   . PRO A 1 42  ? -0.056  -8.141  10.636  1.00 5.56  ? 42  PRO A N   1 
ATOM   304  C  CA  . PRO A 1 42  ? -0.041  -8.373  9.212   1.00 3.37  ? 42  PRO A CA  1 
ATOM   305  C  C   . PRO A 1 42  ? -0.553  -9.769  8.877   1.00 4.27  ? 42  PRO A C   1 
ATOM   306  O  O   . PRO A 1 42  ? -0.490  -10.669 9.708   1.00 6.42  ? 42  PRO A O   1 
ATOM   307  C  CB  . PRO A 1 42  ? 1.406   -8.122  8.824   1.00 2.00  ? 42  PRO A CB  1 
ATOM   308  C  CG  . PRO A 1 42  ? 2.151   -8.586  10.044  1.00 5.85  ? 42  PRO A CG  1 
ATOM   309  C  CD  . PRO A 1 42  ? 1.297   -8.007  11.179  1.00 4.46  ? 42  PRO A CD  1 
ATOM   310  N  N   . ILE A 1 43  ? -1.129  -10.017 7.705   1.00 3.05  ? 43  ILE A N   1 
ATOM   311  C  CA  . ILE A 1 43  ? -1.409  -11.379 7.316   1.00 4.30  ? 43  ILE A CA  1 
ATOM   312  C  C   . ILE A 1 43  ? -0.098  -11.894 6.708   1.00 4.14  ? 43  ILE A C   1 
ATOM   313  O  O   . ILE A 1 43  ? 0.197   -13.092 6.765   1.00 3.94  ? 43  ILE A O   1 
ATOM   314  C  CB  . ILE A 1 43  ? -2.634  -11.376 6.307   1.00 5.36  ? 43  ILE A CB  1 
ATOM   315  C  CG1 . ILE A 1 43  ? -3.928  -11.068 7.105   1.00 2.11  ? 43  ILE A CG1 1 
ATOM   316  C  CG2 . ILE A 1 43  ? -2.813  -12.743 5.607   1.00 4.37  ? 43  ILE A CG2 1 
ATOM   317  C  CD1 . ILE A 1 43  ? -5.229  -10.984 6.276   1.00 2.00  ? 43  ILE A CD1 1 
ATOM   318  N  N   . PHE A 1 44  ? 0.748   -11.023 6.129   1.00 3.56  ? 44  PHE A N   1 
ATOM   319  C  CA  . PHE A 1 44  ? 1.988   -11.442 5.495   1.00 2.00  ? 44  PHE A CA  1 
ATOM   320  C  C   . PHE A 1 44  ? 3.057   -10.549 5.999   1.00 2.34  ? 44  PHE A C   1 
ATOM   321  O  O   . PHE A 1 44  ? 2.843   -9.341  6.108   1.00 2.77  ? 44  PHE A O   1 
ATOM   322  C  CB  . PHE A 1 44  ? 2.008   -11.296 3.966   1.00 2.00  ? 44  PHE A CB  1 
ATOM   323  C  CG  . PHE A 1 44  ? 1.142   -12.322 3.259   1.00 2.05  ? 44  PHE A CG  1 
ATOM   324  C  CD1 . PHE A 1 44  ? 1.673   -13.593 2.964   1.00 2.00  ? 44  PHE A CD1 1 
ATOM   325  C  CD2 . PHE A 1 44  ? -0.194  -12.009 2.959   1.00 2.00  ? 44  PHE A CD2 1 
ATOM   326  C  CE1 . PHE A 1 44  ? 0.839   -14.551 2.373   1.00 2.00  ? 44  PHE A CE1 1 
ATOM   327  C  CE2 . PHE A 1 44  ? -1.015  -12.976 2.371   1.00 2.00  ? 44  PHE A CE2 1 
ATOM   328  C  CZ  . PHE A 1 44  ? -0.505  -14.242 2.077   1.00 2.00  ? 44  PHE A CZ  1 
ATOM   329  N  N   . ARG A 1 45  ? 4.158   -11.173 6.383   1.00 5.56  ? 45  ARG A N   1 
ATOM   330  C  CA  . ARG A 1 45  ? 5.385   -10.494 6.768   1.00 7.31  ? 45  ARG A CA  1 
ATOM   331  C  C   . ARG A 1 45  ? 6.545   -10.941 5.853   1.00 6.57  ? 45  ARG A C   1 
ATOM   332  O  O   . ARG A 1 45  ? 7.059   -12.071 5.824   1.00 6.51  ? 45  ARG A O   1 
ATOM   333  C  CB  . ARG A 1 45  ? 5.764   -10.808 8.195   1.00 7.71  ? 45  ARG A CB  1 
ATOM   334  C  CG  . ARG A 1 45  ? 6.805   -9.755  8.565   1.00 8.66  ? 45  ARG A CG  1 
ATOM   335  C  CD  . ARG A 1 45  ? 7.263   -10.054 9.952   1.00 8.07  ? 45  ARG A CD  1 
ATOM   336  N  NE  . ARG A 1 45  ? 8.595   -9.528  10.168  1.00 8.62  ? 45  ARG A NE  1 
ATOM   337  C  CZ  . ARG A 1 45  ? 8.961   -9.057  11.364  1.00 8.14  ? 45  ARG A CZ  1 
ATOM   338  N  NH1 . ARG A 1 45  ? 8.121   -9.049  12.395  1.00 8.94  ? 45  ARG A NH1 1 
ATOM   339  N  NH2 . ARG A 1 45  ? 10.184  -8.558  11.524  1.00 9.39  ? 45  ARG A NH2 1 
ATOM   340  N  N   . LEU A 1 46  ? 6.965   -9.958  5.114   1.00 4.54  ? 46  LEU A N   1 
ATOM   341  C  CA  . LEU A 1 46  ? 7.966   -10.074 4.091   1.00 5.44  ? 46  LEU A CA  1 
ATOM   342  C  C   . LEU A 1 46  ? 9.286   -9.547  4.593   1.00 7.68  ? 46  LEU A C   1 
ATOM   343  O  O   . LEU A 1 46  ? 9.390   -8.441  5.138   1.00 9.41  ? 46  LEU A O   1 
ATOM   344  C  CB  . LEU A 1 46  ? 7.527   -9.255  2.875   1.00 3.77  ? 46  LEU A CB  1 
ATOM   345  C  CG  . LEU A 1 46  ? 6.305   -9.491  1.973   1.00 4.09  ? 46  LEU A CG  1 
ATOM   346  C  CD1 . LEU A 1 46  ? 6.923   -9.820  0.652   1.00 2.13  ? 46  LEU A CD1 1 
ATOM   347  C  CD2 . LEU A 1 46  ? 5.324   -10.549 2.421   1.00 2.00  ? 46  LEU A CD2 1 
ATOM   348  N  N   . GLU A 1 47  ? 10.307  -10.378 4.454   1.00 12.29 ? 47  GLU A N   1 
ATOM   349  C  CA  . GLU A 1 47  ? 11.651  -10.014 4.850   1.00 10.69 ? 47  GLU A CA  1 
ATOM   350  C  C   . GLU A 1 47  ? 12.367  -9.358  3.709   1.00 9.41  ? 47  GLU A C   1 
ATOM   351  O  O   . GLU A 1 47  ? 11.797  -9.273  2.630   1.00 8.44  ? 47  GLU A O   1 
ATOM   352  C  CB  . GLU A 1 47  ? 12.372  -11.259 5.319   1.00 15.98 ? 47  GLU A CB  1 
ATOM   353  C  CG  . GLU A 1 47  ? 11.721  -11.863 6.575   1.00 20.25 ? 47  GLU A CG  1 
ATOM   354  C  CD  . GLU A 1 47  ? 11.503  -10.829 7.695   1.00 25.80 ? 47  GLU A CD  1 
ATOM   355  O  OE1 . GLU A 1 47  ? 12.396  -10.038 8.059   1.00 25.83 ? 47  GLU A OE1 1 
ATOM   356  O  OE2 . GLU A 1 47  ? 10.371  -10.803 8.179   1.00 29.64 ? 47  GLU A OE2 1 
ATOM   357  N  N   . ALA A 1 48  ? 13.609  -8.925  3.850   1.00 9.06  ? 48  ALA A N   1 
ATOM   358  C  CA  . ALA A 1 48  ? 14.208  -8.119  2.792   1.00 11.14 ? 48  ALA A CA  1 
ATOM   359  C  C   . ALA A 1 48  ? 14.408  -8.838  1.460   1.00 11.76 ? 48  ALA A C   1 
ATOM   360  O  O   . ALA A 1 48  ? 14.889  -9.970  1.418   1.00 13.69 ? 48  ALA A O   1 
ATOM   361  C  CB  . ALA A 1 48  ? 15.558  -7.566  3.228   1.00 9.95  ? 48  ALA A CB  1 
ATOM   362  N  N   . GLY A 1 49  ? 13.938  -8.195  0.386   1.00 9.57  ? 49  GLY A N   1 
ATOM   363  C  CA  . GLY A 1 49  ? 14.020  -8.735  -0.935  1.00 7.74  ? 49  GLY A CA  1 
ATOM   364  C  C   . GLY A 1 49  ? 12.971  -9.799  -1.157  1.00 6.53  ? 49  GLY A C   1 
ATOM   365  O  O   . GLY A 1 49  ? 13.061  -10.513 -2.156  1.00 7.95  ? 49  GLY A O   1 
ATOM   366  N  N   . ALA A 1 50  ? 12.000  -9.997  -0.270  1.00 4.53  ? 50  ALA A N   1 
ATOM   367  C  CA  . ALA A 1 50  ? 11.013  -11.038 -0.508  1.00 4.92  ? 50  ALA A CA  1 
ATOM   368  C  C   . ALA A 1 50  ? 9.913   -10.498 -1.425  1.00 5.49  ? 50  ALA A C   1 
ATOM   369  O  O   . ALA A 1 50  ? 9.761   -9.284  -1.611  1.00 6.32  ? 50  ALA A O   1 
ATOM   370  C  CB  . ALA A 1 50  ? 10.406  -11.498 0.819   1.00 3.45  ? 50  ALA A CB  1 
ATOM   371  N  N   . SER A 1 51  ? 9.147   -11.383 -2.037  1.00 6.71  ? 51  SER A N   1 
ATOM   372  C  CA  . SER A 1 51  ? 8.081   -11.052 -2.953  1.00 9.39  ? 51  SER A CA  1 
ATOM   373  C  C   . SER A 1 51  ? 6.871   -11.875 -2.572  1.00 7.08  ? 51  SER A C   1 
ATOM   374  O  O   . SER A 1 51  ? 6.944   -13.002 -2.063  1.00 5.33  ? 51  SER A O   1 
ATOM   375  C  CB  . SER A 1 51  ? 8.463   -11.383 -4.414  1.00 10.23 ? 51  SER A CB  1 
ATOM   376  O  OG  . SER A 1 51  ? 9.658   -10.727 -4.871  1.00 12.02 ? 51  SER A OG  1 
ATOM   377  N  N   . LEU A 1 52  ? 5.758   -11.189 -2.742  1.00 6.31  ? 52  LEU A N   1 
ATOM   378  C  CA  . LEU A 1 52  ? 4.452   -11.743 -2.527  1.00 7.65  ? 52  LEU A CA  1 
ATOM   379  C  C   . LEU A 1 52  ? 3.815   -11.582 -3.903  1.00 6.48  ? 52  LEU A C   1 
ATOM   380  O  O   . LEU A 1 52  ? 4.004   -10.547 -4.535  1.00 3.13  ? 52  LEU A O   1 
ATOM   381  C  CB  . LEU A 1 52  ? 3.684   -10.926 -1.504  1.00 6.70  ? 52  LEU A CB  1 
ATOM   382  C  CG  . LEU A 1 52  ? 2.276   -11.364 -1.207  1.00 7.11  ? 52  LEU A CG  1 
ATOM   383  C  CD1 . LEU A 1 52  ? 2.337   -12.749 -0.586  1.00 4.85  ? 52  LEU A CD1 1 
ATOM   384  C  CD2 . LEU A 1 52  ? 1.584   -10.326 -0.363  1.00 2.00  ? 52  LEU A CD2 1 
ATOM   385  N  N   . LYS A 1 53  ? 3.061   -12.560 -4.396  1.00 7.45  ? 53  LYS A N   1 
ATOM   386  C  CA  . LYS A 1 53  ? 2.493   -12.437 -5.709  1.00 7.44  ? 53  LYS A CA  1 
ATOM   387  C  C   . LYS A 1 53  ? 1.251   -13.315 -5.851  1.00 7.75  ? 53  LYS A C   1 
ATOM   388  O  O   . LYS A 1 53  ? 1.074   -14.318 -5.138  1.00 6.57  ? 53  LYS A O   1 
ATOM   389  C  CB  . LYS A 1 53  ? 3.579   -12.807 -6.718  1.00 7.59  ? 53  LYS A CB  1 
ATOM   390  C  CG  . LYS A 1 53  ? 3.857   -14.283 -6.776  1.00 10.95 ? 53  LYS A CG  1 
ATOM   391  C  CD  . LYS A 1 53  ? 4.948   -14.647 -7.720  1.00 15.75 ? 53  LYS A CD  1 
ATOM   392  C  CE  . LYS A 1 53  ? 4.882   -14.002 -9.078  1.00 22.83 ? 53  LYS A CE  1 
ATOM   393  N  NZ  . LYS A 1 53  ? 6.125   -14.376 -9.745  1.00 30.34 ? 53  LYS A NZ  1 
ATOM   394  N  N   . ASN A 1 54  ? 0.367   -12.918 -6.774  1.00 7.90  ? 54  ASN A N   1 
ATOM   395  C  CA  . ASN A 1 54  ? -0.882  -13.606 -7.117  1.00 6.89  ? 54  ASN A CA  1 
ATOM   396  C  C   . ASN A 1 54  ? -1.651  -14.014 -5.874  1.00 8.99  ? 54  ASN A C   1 
ATOM   397  O  O   . ASN A 1 54  ? -1.893  -15.201 -5.622  1.00 10.61 ? 54  ASN A O   1 
ATOM   398  C  CB  . ASN A 1 54  ? -0.612  -14.878 -7.956  1.00 7.16  ? 54  ASN A CB  1 
ATOM   399  C  CG  . ASN A 1 54  ? 0.226   -14.647 -9.183  1.00 3.50  ? 54  ASN A CG  1 
ATOM   400  O  OD1 . ASN A 1 54  ? 0.060   -13.676 -9.891  1.00 6.56  ? 54  ASN A OD1 1 
ATOM   401  N  ND2 . ASN A 1 54  ? 1.210   -15.454 -9.525  1.00 8.12  ? 54  ASN A ND2 1 
ATOM   402  N  N   . VAL A 1 55  ? -1.941  -13.022 -5.042  1.00 8.37  ? 55  VAL A N   1 
ATOM   403  C  CA  . VAL A 1 55  ? -2.579  -13.237 -3.760  1.00 5.38  ? 55  VAL A CA  1 
ATOM   404  C  C   . VAL A 1 55  ? -3.825  -12.376 -3.696  1.00 2.75  ? 55  VAL A C   1 
ATOM   405  O  O   . VAL A 1 55  ? -3.775  -11.243 -4.154  1.00 2.00  ? 55  VAL A O   1 
ATOM   406  C  CB  . VAL A 1 55  ? -1.547  -12.884 -2.638  1.00 4.83  ? 55  VAL A CB  1 
ATOM   407  C  CG1 . VAL A 1 55  ? -2.156  -12.489 -1.314  1.00 2.00  ? 55  VAL A CG1 1 
ATOM   408  C  CG2 . VAL A 1 55  ? -0.749  -14.141 -2.422  1.00 2.41  ? 55  VAL A CG2 1 
ATOM   409  N  N   . VAL A 1 56  ? -4.931  -12.870 -3.134  1.00 2.45  ? 56  VAL A N   1 
ATOM   410  C  CA  . VAL A 1 56  ? -6.131  -12.071 -2.964  1.00 2.64  ? 56  VAL A CA  1 
ATOM   411  C  C   . VAL A 1 56  ? -6.303  -11.905 -1.439  1.00 4.18  ? 56  VAL A C   1 
ATOM   412  O  O   . VAL A 1 56  ? -6.369  -12.923 -0.725  1.00 5.90  ? 56  VAL A O   1 
ATOM   413  C  CB  . VAL A 1 56  ? -7.303  -12.833 -3.637  1.00 2.35  ? 56  VAL A CB  1 
ATOM   414  C  CG1 . VAL A 1 56  ? -8.599  -12.132 -3.265  1.00 2.00  ? 56  VAL A CG1 1 
ATOM   415  C  CG2 . VAL A 1 56  ? -7.158  -12.852 -5.164  1.00 2.00  ? 56  VAL A CG2 1 
ATOM   416  N  N   . ILE A 1 57  ? -6.312  -10.710 -0.830  1.00 2.30  ? 57  ILE A N   1 
ATOM   417  C  CA  . ILE A 1 57  ? -6.562  -10.559 0.594   1.00 2.95  ? 57  ILE A CA  1 
ATOM   418  C  C   . ILE A 1 57  ? -8.025  -10.171 0.702   1.00 2.54  ? 57  ILE A C   1 
ATOM   419  O  O   . ILE A 1 57  ? -8.525  -9.236  0.070   1.00 7.42  ? 57  ILE A O   1 
ATOM   420  C  CB  . ILE A 1 57  ? -5.570  -9.501  1.129   1.00 2.00  ? 57  ILE A CB  1 
ATOM   421  C  CG1 . ILE A 1 57  ? -4.129  -10.053 0.987   1.00 2.00  ? 57  ILE A CG1 1 
ATOM   422  C  CG2 . ILE A 1 57  ? -5.937  -9.158  2.565   1.00 2.00  ? 57  ILE A CG2 1 
ATOM   423  C  CD1 . ILE A 1 57  ? -2.902  -9.110  1.139   1.00 2.37  ? 57  ILE A CD1 1 
ATOM   424  N  N   . GLY A 1 58  ? -8.793  -11.028 1.317   1.00 2.62  ? 58  GLY A N   1 
ATOM   425  C  CA  . GLY A 1 58  ? -10.168 -10.678 1.579   1.00 2.79  ? 58  GLY A CA  1 
ATOM   426  C  C   . GLY A 1 58  ? -10.316 -10.215 3.019   1.00 3.54  ? 58  GLY A C   1 
ATOM   427  O  O   . GLY A 1 58  ? -9.460  -10.435 3.873   1.00 4.08  ? 58  GLY A O   1 
ATOM   428  N  N   . ALA A 1 59  ? -11.471 -9.599  3.252   1.00 6.89  ? 59  ALA A N   1 
ATOM   429  C  CA  . ALA A 1 59  ? -11.950 -9.120  4.551   1.00 6.84  ? 59  ALA A CA  1 
ATOM   430  C  C   . ALA A 1 59  ? -12.260 -10.329 5.419   1.00 9.01  ? 59  ALA A C   1 
ATOM   431  O  O   . ALA A 1 59  ? -12.794 -11.309 4.835   1.00 10.99 ? 59  ALA A O   1 
ATOM   432  C  CB  . ALA A 1 59  ? -13.239 -8.346  4.380   1.00 3.74  ? 59  ALA A CB  1 
ATOM   433  N  N   . PRO A 1 60  ? -11.970 -10.365 6.741   1.00 9.44  ? 60  PRO A N   1 
ATOM   434  C  CA  . PRO A 1 60  ? -11.273 -9.343  7.526   1.00 6.99  ? 60  PRO A CA  1 
ATOM   435  C  C   . PRO A 1 60  ? -9.798  -9.320  7.122   1.00 9.43  ? 60  PRO A C   1 
ATOM   436  O  O   . PRO A 1 60  ? -9.110  -10.343 7.173   1.00 7.88  ? 60  PRO A O   1 
ATOM   437  C  CB  . PRO A 1 60  ? -11.446 -9.761  8.947   1.00 8.33  ? 60  PRO A CB  1 
ATOM   438  C  CG  . PRO A 1 60  ? -12.385 -10.961 8.926   1.00 8.00  ? 60  PRO A CG  1 
ATOM   439  C  CD  . PRO A 1 60  ? -12.142 -11.566 7.566   1.00 7.19  ? 60  PRO A CD  1 
ATOM   440  N  N   . ALA A 1 61  ? -9.244  -8.171  6.751   1.00 7.98  ? 61  ALA A N   1 
ATOM   441  C  CA  . ALA A 1 61  ? -7.895  -8.113  6.230   1.00 7.65  ? 61  ALA A CA  1 
ATOM   442  C  C   . ALA A 1 61  ? -6.829  -7.721  7.239   1.00 6.57  ? 61  ALA A C   1 
ATOM   443  O  O   . ALA A 1 61  ? -5.662  -7.567  6.885   1.00 5.43  ? 61  ALA A O   1 
ATOM   444  C  CB  . ALA A 1 61  ? -7.909  -7.130  5.084   1.00 9.54  ? 61  ALA A CB  1 
ATOM   445  N  N   . ALA A 1 62  ? -7.222  -7.509  8.501   1.00 6.60  ? 62  ALA A N   1 
ATOM   446  C  CA  . ALA A 1 62  ? -6.354  -7.100  9.607   1.00 5.23  ? 62  ALA A CA  1 
ATOM   447  C  C   . ALA A 1 62  ? -5.387  -6.006  9.165   1.00 3.13  ? 62  ALA A C   1 
ATOM   448  O  O   . ALA A 1 62  ? -5.883  -4.957  8.732   1.00 3.94  ? 62  ALA A O   1 
ATOM   449  C  CB  . ALA A 1 62  ? -5.588  -8.323  10.134  1.00 3.01  ? 62  ALA A CB  1 
ATOM   450  N  N   . ASP A 1 63  ? -4.065  -6.167  9.193   1.00 5.39  ? 63  ASP A N   1 
ATOM   451  C  CA  . ASP A 1 63  ? -3.170  -5.115  8.748   1.00 5.54  ? 63  ASP A CA  1 
ATOM   452  C  C   . ASP A 1 63  ? -2.248  -5.499  7.595   1.00 3.57  ? 63  ASP A C   1 
ATOM   453  O  O   . ASP A 1 63  ? -1.052  -5.156  7.550   1.00 2.36  ? 63  ASP A O   1 
ATOM   454  C  CB  . ASP A 1 63  ? -2.364  -4.630  9.968   1.00 4.79  ? 63  ASP A CB  1 
ATOM   455  C  CG  . ASP A 1 63  ? -1.767  -3.253  9.781   1.00 7.73  ? 63  ASP A CG  1 
ATOM   456  O  OD1 . ASP A 1 63  ? -2.231  -2.473  8.955   1.00 6.20  ? 63  ASP A OD1 1 
ATOM   457  O  OD2 . ASP A 1 63  ? -0.803  -2.962  10.470  1.00 12.54 ? 63  ASP A OD2 1 
ATOM   458  N  N   . GLY A 1 64  ? -2.881  -6.305  6.743   1.00 4.78  ? 64  GLY A N   1 
ATOM   459  C  CA  . GLY A 1 64  ? -2.389  -6.685  5.425   1.00 4.72  ? 64  GLY A CA  1 
ATOM   460  C  C   . GLY A 1 64  ? -0.964  -7.196  5.304   1.00 5.44  ? 64  GLY A C   1 
ATOM   461  O  O   . GLY A 1 64  ? -0.629  -8.293  5.770   1.00 4.13  ? 64  GLY A O   1 
ATOM   462  N  N   . VAL A 1 65  ? -0.096  -6.435  4.646   1.00 4.27  ? 65  VAL A N   1 
ATOM   463  C  CA  . VAL A 1 65  ? 1.259   -6.879  4.385   1.00 4.60  ? 65  VAL A CA  1 
ATOM   464  C  C   . VAL A 1 65  ? 2.299   -5.963  5.024   1.00 5.21  ? 65  VAL A C   1 
ATOM   465  O  O   . VAL A 1 65  ? 2.166   -4.746  4.914   1.00 4.93  ? 65  VAL A O   1 
ATOM   466  C  CB  . VAL A 1 65  ? 1.472   -6.959  2.833   1.00 3.64  ? 65  VAL A CB  1 
ATOM   467  C  CG1 . VAL A 1 65  ? 2.843   -7.479  2.519   1.00 2.07  ? 65  VAL A CG1 1 
ATOM   468  C  CG2 . VAL A 1 65  ? 0.458   -7.924  2.206   1.00 2.89  ? 65  VAL A CG2 1 
ATOM   469  N  N   . HIS A 1 66  ? 3.293   -6.437  5.806   1.00 4.62  ? 66  HIS A N   1 
ATOM   470  C  CA  . HIS A 1 66  ? 4.403   -5.584  6.204   1.00 2.88  ? 66  HIS A CA  1 
ATOM   471  C  C   . HIS A 1 66  ? 5.660   -6.055  5.524   1.00 2.00  ? 66  HIS A C   1 
ATOM   472  O  O   . HIS A 1 66  ? 5.873   -7.243  5.406   1.00 2.00  ? 66  HIS A O   1 
ATOM   473  C  CB  . HIS A 1 66  ? 4.741   -5.616  7.668   1.00 3.68  ? 66  HIS A CB  1 
ATOM   474  C  CG  . HIS A 1 66  ? 3.630   -5.112  8.544   1.00 2.00  ? 66  HIS A CG  1 
ATOM   475  N  ND1 . HIS A 1 66  ? 2.440   -4.669  8.187   1.00 2.00  ? 66  HIS A ND1 1 
ATOM   476  C  CD2 . HIS A 1 66  ? 3.718   -5.071  9.909   1.00 2.00  ? 66  HIS A CD2 1 
ATOM   477  C  CE1 . HIS A 1 66  ? 1.809   -4.375  9.287   1.00 3.73  ? 66  HIS A CE1 1 
ATOM   478  N  NE2 . HIS A 1 66  ? 2.576   -4.618  10.321  1.00 4.12  ? 66  HIS A NE2 1 
ATOM   479  N  N   . CYS A 1 67  ? 6.484   -5.103  5.114   1.00 3.25  ? 67  CYS A N   1 
ATOM   480  C  CA  . CYS A 1 67  ? 7.768   -5.310  4.485   1.00 2.54  ? 67  CYS A CA  1 
ATOM   481  C  C   . CYS A 1 67  ? 8.823   -4.663  5.370   1.00 2.72  ? 67  CYS A C   1 
ATOM   482  O  O   . CYS A 1 67  ? 8.767   -3.482  5.777   1.00 2.00  ? 67  CYS A O   1 
ATOM   483  C  CB  . CYS A 1 67  ? 7.816   -4.657  3.093   1.00 3.61  ? 67  CYS A CB  1 
ATOM   484  S  SG  . CYS A 1 67  ? 6.588   -5.176  1.861   1.00 5.32  ? 67  CYS A SG  1 
ATOM   485  N  N   . TYR A 1 68  ? 9.760   -5.518  5.729   1.00 3.74  ? 68  TYR A N   1 
ATOM   486  C  CA  . TYR A 1 68  ? 10.981  -5.155  6.454   1.00 2.59  ? 68  TYR A CA  1 
ATOM   487  C  C   . TYR A 1 68  ? 12.127  -5.129  5.463   1.00 2.97  ? 68  TYR A C   1 
ATOM   488  O  O   . TYR A 1 68  ? 12.862  -6.091  5.240   1.00 6.58  ? 68  TYR A O   1 
ATOM   489  C  CB  . TYR A 1 68  ? 11.251  -6.161  7.581   1.00 3.57  ? 68  TYR A CB  1 
ATOM   490  C  CG  . TYR A 1 68  ? 10.288  -5.923  8.737   1.00 5.15  ? 68  TYR A CG  1 
ATOM   491  C  CD1 . TYR A 1 68  ? 8.942   -6.339  8.657   1.00 3.32  ? 68  TYR A CD1 1 
ATOM   492  C  CD2 . TYR A 1 68  ? 10.777  -5.295  9.882   1.00 2.66  ? 68  TYR A CD2 1 
ATOM   493  C  CE1 . TYR A 1 68  ? 8.100   -6.140  9.750   1.00 6.76  ? 68  TYR A CE1 1 
ATOM   494  C  CE2 . TYR A 1 68  ? 9.931   -5.098  10.975  1.00 7.40  ? 68  TYR A CE2 1 
ATOM   495  C  CZ  . TYR A 1 68  ? 8.620   -5.528  10.897  1.00 6.17  ? 68  TYR A CZ  1 
ATOM   496  O  OH  . TYR A 1 68  ? 7.798   -5.348  11.985  1.00 15.60 ? 68  TYR A OH  1 
ATOM   497  N  N   . GLY A 1 69  ? 12.268  -4.018  4.804   1.00 3.19  ? 69  GLY A N   1 
ATOM   498  C  CA  . GLY A 1 69  ? 13.227  -3.848  3.731   1.00 2.00  ? 69  GLY A CA  1 
ATOM   499  C  C   . GLY A 1 69  ? 12.501  -3.897  2.375   1.00 4.04  ? 69  GLY A C   1 
ATOM   500  O  O   . GLY A 1 69  ? 11.285  -3.773  2.207   1.00 4.58  ? 69  GLY A O   1 
ATOM   501  N  N   . ASP A 1 70  ? 13.231  -4.141  1.304   1.00 4.61  ? 70  ASP A N   1 
ATOM   502  C  CA  . ASP A 1 70  ? 12.696  -4.233  -0.045  1.00 4.03  ? 70  ASP A CA  1 
ATOM   503  C  C   . ASP A 1 70  ? 11.654  -5.334  -0.201  1.00 3.04  ? 70  ASP A C   1 
ATOM   504  O  O   . ASP A 1 70  ? 11.791  -6.376  0.470   1.00 2.94  ? 70  ASP A O   1 
ATOM   505  C  CB  . ASP A 1 70  ? 13.733  -4.565  -1.020  1.00 2.69  ? 70  ASP A CB  1 
ATOM   506  C  CG  . ASP A 1 70  ? 14.832  -3.500  -1.196  1.00 2.00  ? 70  ASP A CG  1 
ATOM   507  O  OD1 . ASP A 1 70  ? 15.910  -3.927  -1.547  1.00 2.07  ? 70  ASP A OD1 1 
ATOM   508  O  OD2 . ASP A 1 70  ? 14.588  -2.317  -0.982  1.00 2.51  ? 70  ASP A OD2 1 
ATOM   509  N  N   . CYS A 1 71  ? 10.616  -5.037  -0.985  1.00 2.00  ? 71  CYS A N   1 
ATOM   510  C  CA  . CYS A 1 71  ? 9.622   -6.039  -1.308  1.00 2.00  ? 71  CYS A CA  1 
ATOM   511  C  C   . CYS A 1 71  ? 8.953   -5.652  -2.584  1.00 2.51  ? 71  CYS A C   1 
ATOM   512  O  O   . CYS A 1 71  ? 8.763   -4.491  -2.940  1.00 2.00  ? 71  CYS A O   1 
ATOM   513  C  CB  . CYS A 1 71  ? 8.529   -6.223  -0.230  1.00 3.68  ? 71  CYS A CB  1 
ATOM   514  S  SG  . CYS A 1 71  ? 7.553   -4.775  0.191   1.00 2.00  ? 71  CYS A SG  1 
ATOM   515  N  N   . THR A 1 72  ? 8.758   -6.718  -3.354  1.00 6.56  ? 72  THR A N   1 
ATOM   516  C  CA  . THR A 1 72  ? 8.037   -6.666  -4.613  1.00 8.04  ? 72  THR A CA  1 
ATOM   517  C  C   . THR A 1 72  ? 6.715   -7.399  -4.437  1.00 8.19  ? 72  THR A C   1 
ATOM   518  O  O   . THR A 1 72  ? 6.628   -8.536  -3.951  1.00 6.47  ? 72  THR A O   1 
ATOM   519  C  CB  . THR A 1 72  ? 8.911   -7.292  -5.685  1.00 5.95  ? 72  THR A CB  1 
ATOM   520  O  OG1 . THR A 1 72  ? 10.154  -6.567  -5.628  1.00 7.31  ? 72  THR A OG1 1 
ATOM   521  C  CG2 . THR A 1 72  ? 8.333   -7.165  -7.074  1.00 3.05  ? 72  THR A CG2 1 
ATOM   522  N  N   . ILE A 1 73  ? 5.683   -6.630  -4.753  1.00 8.15  ? 73  ILE A N   1 
ATOM   523  C  CA  . ILE A 1 73  ? 4.314   -7.062  -4.614  1.00 8.34  ? 73  ILE A CA  1 
ATOM   524  C  C   . ILE A 1 73  ? 3.686   -7.029  -5.996  1.00 8.31  ? 73  ILE A C   1 
ATOM   525  O  O   . ILE A 1 73  ? 3.432   -5.952  -6.558  1.00 8.00  ? 73  ILE A O   1 
ATOM   526  C  CB  . ILE A 1 73  ? 3.612   -6.103  -3.624  1.00 8.54  ? 73  ILE A CB  1 
ATOM   527  C  CG1 . ILE A 1 73  ? 4.411   -6.038  -2.337  1.00 6.06  ? 73  ILE A CG1 1 
ATOM   528  C  CG2 . ILE A 1 73  ? 2.179   -6.567  -3.367  1.00 8.52  ? 73  ILE A CG2 1 
ATOM   529  C  CD1 . ILE A 1 73  ? 4.568   -7.386  -1.609  1.00 2.92  ? 73  ILE A CD1 1 
ATOM   530  N  N   . THR A 1 74  ? 3.471   -8.237  -6.534  1.00 8.10  ? 74  THR A N   1 
ATOM   531  C  CA  . THR A 1 74  ? 2.964   -8.418  -7.870  1.00 6.06  ? 74  THR A CA  1 
ATOM   532  C  C   . THR A 1 74  ? 1.584   -9.111  -7.983  1.00 7.74  ? 74  THR A C   1 
ATOM   533  O  O   . THR A 1 74  ? 1.337   -10.254 -7.550  1.00 6.42  ? 74  THR A O   1 
ATOM   534  C  CB  . THR A 1 74  ? 4.027   -9.192  -8.625  1.00 6.08  ? 74  THR A CB  1 
ATOM   535  O  OG1 . THR A 1 74  ? 5.296   -8.550  -8.407  1.00 5.98  ? 74  THR A OG1 1 
ATOM   536  C  CG2 . THR A 1 74  ? 3.605   -9.318  -10.088 1.00 5.41  ? 74  THR A CG2 1 
ATOM   537  N  N   . ASN A 1 75  ? 0.620   -8.394  -8.597  1.00 8.80  ? 75  ASN A N   1 
ATOM   538  C  CA  . ASN A 1 75  ? -0.743  -8.877  -8.832  1.00 7.44  ? 75  ASN A CA  1 
ATOM   539  C  C   . ASN A 1 75  ? -1.381  -9.363  -7.532  1.00 7.30  ? 75  ASN A C   1 
ATOM   540  O  O   . ASN A 1 75  ? -1.802  -10.524 -7.342  1.00 8.13  ? 75  ASN A O   1 
ATOM   541  C  CB  . ASN A 1 75  ? -0.739  -9.991  -9.931  1.00 9.30  ? 75  ASN A CB  1 
ATOM   542  C  CG  . ASN A 1 75  ? -2.137  -10.548 -10.220 1.00 12.62 ? 75  ASN A CG  1 
ATOM   543  O  OD1 . ASN A 1 75  ? -3.198  -9.879  -10.217 1.00 12.08 ? 75  ASN A OD1 1 
ATOM   544  N  ND2 . ASN A 1 75  ? -2.206  -11.859 -10.466 1.00 13.29 ? 75  ASN A ND2 1 
ATOM   545  N  N   . VAL A 1 76  ? -1.352  -8.509  -6.532  1.00 7.51  ? 76  VAL A N   1 
ATOM   546  C  CA  . VAL A 1 76  ? -1.978  -8.857  -5.233  1.00 6.70  ? 76  VAL A CA  1 
ATOM   547  C  C   . VAL A 1 76  ? -3.250  -8.031  -5.153  1.00 4.23  ? 76  VAL A C   1 
ATOM   548  O  O   . VAL A 1 76  ? -3.195  -6.836  -5.563  1.00 2.00  ? 76  VAL A O   1 
ATOM   549  C  CB  . VAL A 1 76  ? -0.915  -8.542  -4.107  1.00 6.94  ? 76  VAL A CB  1 
ATOM   550  C  CG1 . VAL A 1 76  ? -1.591  -8.570  -2.759  1.00 2.00  ? 76  VAL A CG1 1 
ATOM   551  C  CG2 . VAL A 1 76  ? 0.303   -9.516  -4.151  1.00 2.00  ? 76  VAL A CG2 1 
ATOM   552  N  N   . ILE A 1 77  ? -4.399  -8.572  -4.802  1.00 3.35  ? 77  ILE A N   1 
ATOM   553  C  CA  . ILE A 1 77  ? -5.646  -7.824  -4.700  1.00 4.90  ? 77  ILE A CA  1 
ATOM   554  C  C   . ILE A 1 77  ? -6.130  -7.734  -3.257  1.00 5.67  ? 77  ILE A C   1 
ATOM   555  O  O   . ILE A 1 77  ? -6.366  -8.758  -2.605  1.00 5.16  ? 77  ILE A O   1 
ATOM   556  C  CB  . ILE A 1 77  ? -6.783  -8.454  -5.509  1.00 6.29  ? 77  ILE A CB  1 
ATOM   557  C  CG1 . ILE A 1 77  ? -6.422  -8.345  -6.979  1.00 4.34  ? 77  ILE A CG1 1 
ATOM   558  C  CG2 . ILE A 1 77  ? -8.146  -7.759  -5.277  1.00 3.11  ? 77  ILE A CG2 1 
ATOM   559  C  CD1 . ILE A 1 77  ? -7.406  -9.176  -7.793  1.00 7.00  ? 77  ILE A CD1 1 
ATOM   560  N  N   . TRP A 1 78  ? -6.247  -6.517  -2.735  1.00 6.50  ? 78  TRP A N   1 
ATOM   561  C  CA  . TRP A 1 78  ? -6.832  -6.272  -1.434  1.00 4.45  ? 78  TRP A CA  1 
ATOM   562  C  C   . TRP A 1 78  ? -8.301  -5.958  -1.742  1.00 3.35  ? 78  TRP A C   1 
ATOM   563  O  O   . TRP A 1 78  ? -8.571  -4.870  -2.249  1.00 2.58  ? 78  TRP A O   1 
ATOM   564  C  CB  . TRP A 1 78  ? -6.151  -5.084  -0.763  1.00 3.68  ? 78  TRP A CB  1 
ATOM   565  C  CG  . TRP A 1 78  ? -4.742  -5.324  -0.225  1.00 2.06  ? 78  TRP A CG  1 
ATOM   566  C  CD1 . TRP A 1 78  ? -4.561  -5.652  1.088   1.00 3.53  ? 78  TRP A CD1 1 
ATOM   567  C  CD2 . TRP A 1 78  ? -3.546  -5.163  -0.907  1.00 3.60  ? 78  TRP A CD2 1 
ATOM   568  N  NE1 . TRP A 1 78  ? -3.258  -5.675  1.258   1.00 6.47  ? 78  TRP A NE1 1 
ATOM   569  C  CE2 . TRP A 1 78  ? -2.608  -5.404  0.113   1.00 3.78  ? 78  TRP A CE2 1 
ATOM   570  C  CE3 . TRP A 1 78  ? -3.105  -4.847  -2.197  1.00 2.00  ? 78  TRP A CE3 1 
ATOM   571  C  CZ2 . TRP A 1 78  ? -1.225  -5.343  -0.133  1.00 2.00  ? 78  TRP A CZ2 1 
ATOM   572  C  CZ3 . TRP A 1 78  ? -1.727  -4.787  -2.436  1.00 5.07  ? 78  TRP A CZ3 1 
ATOM   573  C  CH2 . TRP A 1 78  ? -0.794  -5.034  -1.415  1.00 2.84  ? 78  TRP A CH2 1 
ATOM   574  N  N   . GLU A 1 79  ? -9.243  -6.894  -1.501  1.00 2.92  ? 79  GLU A N   1 
ATOM   575  C  CA  . GLU A 1 79  ? -10.665 -6.721  -1.804  1.00 2.86  ? 79  GLU A CA  1 
ATOM   576  C  C   . GLU A 1 79  ? -11.372 -5.746  -0.887  1.00 3.91  ? 79  GLU A C   1 
ATOM   577  O  O   . GLU A 1 79  ? -12.450 -5.228  -1.200  1.00 2.00  ? 79  GLU A O   1 
ATOM   578  C  CB  . GLU A 1 79  ? -11.429 -8.026  -1.682  1.00 2.00  ? 79  GLU A CB  1 
ATOM   579  C  CG  . GLU A 1 79  ? -11.109 -9.006  -2.772  1.00 3.23  ? 79  GLU A CG  1 
ATOM   580  C  CD  . GLU A 1 79  ? -11.781 -10.374 -2.680  1.00 5.38  ? 79  GLU A CD  1 
ATOM   581  O  OE1 . GLU A 1 79  ? -11.768 -11.095 -3.675  1.00 2.00  ? 79  GLU A OE1 1 
ATOM   582  O  OE2 . GLU A 1 79  ? -12.291 -10.753 -1.621  1.00 10.29 ? 79  GLU A OE2 1 
ATOM   583  N  N   . ASP A 1 80  ? -10.739 -5.531  0.265   1.00 3.44  ? 80  ASP A N   1 
ATOM   584  C  CA  . ASP A 1 80  ? -11.263 -4.701  1.293   1.00 3.70  ? 80  ASP A CA  1 
ATOM   585  C  C   . ASP A 1 80  ? -10.055 -4.556  2.187   1.00 6.71  ? 80  ASP A C   1 
ATOM   586  O  O   . ASP A 1 80  ? -9.757  -5.422  3.036   1.00 7.09  ? 80  ASP A O   1 
ATOM   587  C  CB  . ASP A 1 80  ? -12.353 -5.378  2.112   1.00 4.51  ? 80  ASP A CB  1 
ATOM   588  C  CG  . ASP A 1 80  ? -13.074 -4.492  3.089   1.00 3.84  ? 80  ASP A CG  1 
ATOM   589  O  OD1 . ASP A 1 80  ? -14.230 -4.760  3.327   1.00 6.78  ? 80  ASP A OD1 1 
ATOM   590  O  OD2 . ASP A 1 80  ? -12.545 -3.516  3.602   1.00 7.71  ? 80  ASP A OD2 1 
ATOM   591  N  N   . VAL A 1 81  ? -9.398  -3.400  2.102   1.00 6.56  ? 81  VAL A N   1 
ATOM   592  C  CA  . VAL A 1 81  ? -8.247  -3.097  2.924   1.00 2.85  ? 81  VAL A CA  1 
ATOM   593  C  C   . VAL A 1 81  ? -8.713  -3.009  4.369   1.00 4.19  ? 81  VAL A C   1 
ATOM   594  O  O   . VAL A 1 81  ? -9.847  -2.472  4.637   1.00 7.90  ? 81  VAL A O   1 
ATOM   595  C  CB  . VAL A 1 81  ? -7.671  -1.765  2.414   1.00 3.21  ? 81  VAL A CB  1 
ATOM   596  C  CG1 . VAL A 1 81  ? -6.611  -1.210  3.357   1.00 2.00  ? 81  VAL A CG1 1 
ATOM   597  C  CG2 . VAL A 1 81  ? -7.068  -2.002  1.023   1.00 4.51  ? 81  VAL A CG2 1 
ATOM   598  N  N   . GLY A 1 82  ? -7.926  -3.647  5.247   1.00 2.77  ? 82  GLY A N   1 
ATOM   599  C  CA  . GLY A 1 82  ? -8.156  -3.574  6.681   1.00 2.75  ? 82  GLY A CA  1 
ATOM   600  C  C   . GLY A 1 82  ? -7.637  -2.255  7.240   1.00 2.26  ? 82  GLY A C   1 
ATOM   601  O  O   . GLY A 1 82  ? -7.936  -1.172  6.716   1.00 5.31  ? 82  GLY A O   1 
ATOM   602  N  N   . GLU A 1 83  ? -6.831  -2.357  8.270   1.00 4.14  ? 83  GLU A N   1 
ATOM   603  C  CA  . GLU A 1 83  ? -6.275  -1.166  8.891   1.00 4.66  ? 83  GLU A CA  1 
ATOM   604  C  C   . GLU A 1 83  ? -5.360  -0.421  7.882   1.00 5.23  ? 83  GLU A C   1 
ATOM   605  O  O   . GLU A 1 83  ? -5.402  0.803   7.717   1.00 7.56  ? 83  GLU A O   1 
ATOM   606  C  CB  . GLU A 1 83  ? -5.540  -1.678  10.096  1.00 2.46  ? 83  GLU A CB  1 
ATOM   607  C  CG  . GLU A 1 83  ? -5.239  -0.552  11.064  1.00 3.86  ? 83  GLU A CG  1 
ATOM   608  C  CD  . GLU A 1 83  ? -4.087  -0.802  12.016  1.00 2.00  ? 83  GLU A CD  1 
ATOM   609  O  OE1 . GLU A 1 83  ? -3.551  0.207   12.471  1.00 2.62  ? 83  GLU A OE1 1 
ATOM   610  O  OE2 . GLU A 1 83  ? -3.724  -1.953  12.271  1.00 2.00  ? 83  GLU A OE2 1 
ATOM   611  N  N   . ASP A 1 84  ? -4.469  -1.180  7.198   1.00 4.30  ? 84  ASP A N   1 
ATOM   612  C  CA  . ASP A 1 84  ? -3.629  -0.656  6.118   1.00 3.57  ? 84  ASP A CA  1 
ATOM   613  C  C   . ASP A 1 84  ? -3.473  -1.843  5.159   1.00 2.00  ? 84  ASP A C   1 
ATOM   614  O  O   . ASP A 1 84  ? -3.731  -3.003  5.500   1.00 2.00  ? 84  ASP A O   1 
ATOM   615  C  CB  . ASP A 1 84  ? -2.223  -0.200  6.622   1.00 4.11  ? 84  ASP A CB  1 
ATOM   616  C  CG  . ASP A 1 84  ? -2.160  0.697   7.865   1.00 5.30  ? 84  ASP A CG  1 
ATOM   617  O  OD1 . ASP A 1 84  ? -2.215  1.908   7.701   1.00 9.33  ? 84  ASP A OD1 1 
ATOM   618  O  OD2 . ASP A 1 84  ? -2.048  0.216   9.000   1.00 4.89  ? 84  ASP A OD2 1 
ATOM   619  N  N   . ALA A 1 85  ? -3.189  -1.579  3.881   1.00 4.26  ? 85  ALA A N   1 
ATOM   620  C  CA  . ALA A 1 85  ? -2.942  -2.613  2.881   1.00 3.03  ? 85  ALA A CA  1 
ATOM   621  C  C   . ALA A 1 85  ? -1.534  -3.162  3.027   1.00 2.00  ? 85  ALA A C   1 
ATOM   622  O  O   . ALA A 1 85  ? -1.371  -4.362  3.193   1.00 4.02  ? 85  ALA A O   1 
ATOM   623  C  CB  . ALA A 1 85  ? -3.049  -2.067  1.459   1.00 2.61  ? 85  ALA A CB  1 
ATOM   624  N  N   . LEU A 1 86  ? -0.513  -2.326  2.932   1.00 3.25  ? 86  LEU A N   1 
ATOM   625  C  CA  . LEU A 1 86  ? 0.877   -2.722  3.035   1.00 2.53  ? 86  LEU A CA  1 
ATOM   626  C  C   . LEU A 1 86  ? 1.564   -1.575  3.733   1.00 5.28  ? 86  LEU A C   1 
ATOM   627  O  O   . LEU A 1 86  ? 1.199   -0.413  3.489   1.00 6.22  ? 86  LEU A O   1 
ATOM   628  C  CB  . LEU A 1 86  ? 1.485   -2.904  1.686   1.00 2.19  ? 86  LEU A CB  1 
ATOM   629  C  CG  . LEU A 1 86  ? 2.934   -3.376  1.549   1.00 5.78  ? 86  LEU A CG  1 
ATOM   630  C  CD1 . LEU A 1 86  ? 2.990   -4.391  0.435   1.00 2.00  ? 86  LEU A CD1 1 
ATOM   631  C  CD2 . LEU A 1 86  ? 3.876   -2.187  1.311   1.00 3.62  ? 86  LEU A CD2 1 
ATOM   632  N  N   . THR A 1 87  ? 2.473   -1.891  4.670   1.00 6.90  ? 87  THR A N   1 
ATOM   633  C  CA  . THR A 1 87  ? 3.252   -0.922  5.427   1.00 3.74  ? 87  THR A CA  1 
ATOM   634  C  C   . THR A 1 87  ? 4.733   -1.192  5.206   1.00 3.53  ? 87  THR A C   1 
ATOM   635  O  O   . THR A 1 87  ? 5.127   -2.356  5.161   1.00 2.98  ? 87  THR A O   1 
ATOM   636  C  CB  . THR A 1 87  ? 2.917   -1.030  6.952   1.00 4.84  ? 87  THR A CB  1 
ATOM   637  O  OG1 . THR A 1 87  ? 1.507   -0.932  7.135   1.00 2.48  ? 87  THR A OG1 1 
ATOM   638  C  CG2 . THR A 1 87  ? 3.672   0.035   7.748   1.00 2.00  ? 87  THR A CG2 1 
ATOM   639  N  N   . LEU A 1 88  ? 5.570   -0.188  5.037   1.00 4.69  ? 88  LEU A N   1 
ATOM   640  C  CA  . LEU A 1 88  ? 7.005   -0.400  5.013   1.00 8.44  ? 88  LEU A CA  1 
ATOM   641  C  C   . LEU A 1 88  ? 7.540   -0.204  6.430   1.00 8.89  ? 88  LEU A C   1 
ATOM   642  O  O   . LEU A 1 88  ? 7.569   0.933   6.909   1.00 9.19  ? 88  LEU A O   1 
ATOM   643  C  CB  . LEU A 1 88  ? 7.695   0.593   4.086   1.00 7.84  ? 88  LEU A CB  1 
ATOM   644  C  CG  . LEU A 1 88  ? 9.191   0.408   3.981   1.00 5.28  ? 88  LEU A CG  1 
ATOM   645  C  CD1 . LEU A 1 88  ? 9.451   -0.957  3.362   1.00 3.92  ? 88  LEU A CD1 1 
ATOM   646  C  CD2 . LEU A 1 88  ? 9.817   1.563   3.180   1.00 8.44  ? 88  LEU A CD2 1 
ATOM   647  N  N   . LYS A 1 89  ? 7.940   -1.247  7.138   1.00 8.32  ? 89  LYS A N   1 
ATOM   648  C  CA  . LYS A 1 89  ? 8.425   -1.087  8.492   1.00 9.22  ? 89  LYS A CA  1 
ATOM   649  C  C   . LYS A 1 89  ? 9.922   -0.767  8.653   1.00 12.75 ? 89  LYS A C   1 
ATOM   650  O  O   . LYS A 1 89  ? 10.337  -0.151  9.647   1.00 12.41 ? 89  LYS A O   1 
ATOM   651  C  CB  . LYS A 1 89  ? 8.077   -2.331  9.221   1.00 8.50  ? 89  LYS A CB  1 
ATOM   652  C  CG  . LYS A 1 89  ? 6.602   -2.670  9.141   1.00 8.85  ? 89  LYS A CG  1 
ATOM   653  C  CD  . LYS A 1 89  ? 5.749   -1.906  10.133  1.00 5.63  ? 89  LYS A CD  1 
ATOM   654  C  CE  . LYS A 1 89  ? 5.884   -2.530  11.510  1.00 8.06  ? 89  LYS A CE  1 
ATOM   655  N  NZ  . LYS A 1 89  ? 5.197   -1.755  12.530  1.00 8.56  ? 89  LYS A NZ  1 
ATOM   656  N  N   . SER A 1 90  ? 10.734  -1.134  7.651   1.00 11.43 ? 90  SER A N   1 
ATOM   657  C  CA  . SER A 1 90  ? 12.154  -0.826  7.685   1.00 10.69 ? 90  SER A CA  1 
ATOM   658  C  C   . SER A 1 90  ? 12.487  -0.240  6.335   1.00 8.45  ? 90  SER A C   1 
ATOM   659  O  O   . SER A 1 90  ? 11.871  -0.547  5.327   1.00 9.51  ? 90  SER A O   1 
ATOM   660  C  CB  . SER A 1 90  ? 13.026  -2.062  7.865   1.00 13.27 ? 90  SER A CB  1 
ATOM   661  O  OG  . SER A 1 90  ? 12.757  -2.798  9.040   1.00 17.91 ? 90  SER A OG  1 
ATOM   662  N  N   . SER A 1 91  ? 13.487  0.596   6.331   1.00 8.51  ? 91  SER A N   1 
ATOM   663  C  CA  . SER A 1 91  ? 14.040  1.257   5.167   1.00 9.07  ? 91  SER A CA  1 
ATOM   664  C  C   . SER A 1 91  ? 14.222  0.311   4.000   1.00 7.79  ? 91  SER A C   1 
ATOM   665  O  O   . SER A 1 91  ? 14.752  -0.796  4.147   1.00 10.39 ? 91  SER A O   1 
ATOM   666  C  CB  . SER A 1 91  ? 15.352  1.854   5.596   1.00 7.24  ? 91  SER A CB  1 
ATOM   667  O  OG  . SER A 1 91  ? 15.790  2.730   4.581   1.00 14.15 ? 91  SER A OG  1 
ATOM   668  N  N   . GLY A 1 92  ? 13.720  0.752   2.854   1.00 7.61  ? 92  GLY A N   1 
ATOM   669  C  CA  . GLY A 1 92  ? 13.783  -0.016  1.636   1.00 3.76  ? 92  GLY A CA  1 
ATOM   670  C  C   . GLY A 1 92  ? 12.764  0.474   0.630   1.00 5.07  ? 92  GLY A C   1 
ATOM   671  O  O   . GLY A 1 92  ? 12.066  1.474   0.782   1.00 4.14  ? 92  GLY A O   1 
ATOM   672  N  N   . THR A 1 93  ? 12.695  -0.331  -0.425  1.00 5.07  ? 93  THR A N   1 
ATOM   673  C  CA  . THR A 1 93  ? 11.901  -0.051  -1.624  1.00 5.82  ? 93  THR A CA  1 
ATOM   674  C  C   . THR A 1 93  ? 10.844  -1.088  -1.871  1.00 5.11  ? 93  THR A C   1 
ATOM   675  O  O   . THR A 1 93  ? 11.145  -2.274  -2.090  1.00 6.01  ? 93  THR A O   1 
ATOM   676  C  CB  . THR A 1 93  ? 12.778  0.030   -2.885  1.00 2.73  ? 93  THR A CB  1 
ATOM   677  O  OG1 . THR A 1 93  ? 13.711  1.059   -2.571  1.00 4.91  ? 93  THR A OG1 1 
ATOM   678  C  CG2 . THR A 1 93  ? 12.072  0.420   -4.181  1.00 3.98  ? 93  THR A CG2 1 
ATOM   679  N  N   . VAL A 1 94  ? 9.653   -0.539  -1.886  1.00 4.47  ? 94  VAL A N   1 
ATOM   680  C  CA  . VAL A 1 94  ? 8.474   -1.304  -2.132  1.00 4.78  ? 94  VAL A CA  1 
ATOM   681  C  C   . VAL A 1 94  ? 8.174   -1.132  -3.607  1.00 5.74  ? 94  VAL A C   1 
ATOM   682  O  O   . VAL A 1 94  ? 8.161   0.002   -4.095  1.00 6.84  ? 94  VAL A O   1 
ATOM   683  C  CB  . VAL A 1 94  ? 7.311   -0.770  -1.250  1.00 5.87  ? 94  VAL A CB  1 
ATOM   684  C  CG1 . VAL A 1 94  ? 6.095   -1.680  -1.420  1.00 5.31  ? 94  VAL A CG1 1 
ATOM   685  C  CG2 . VAL A 1 94  ? 7.715   -0.736  0.200   1.00 2.03  ? 94  VAL A CG2 1 
ATOM   686  N  N   . ASN A 1 95  ? 7.966   -2.203  -4.362  1.00 4.17  ? 95  ASN A N   1 
ATOM   687  C  CA  . ASN A 1 95  ? 7.577   -2.046  -5.753  1.00 7.54  ? 95  ASN A CA  1 
ATOM   688  C  C   . ASN A 1 95  ? 6.255   -2.764  -5.916  1.00 8.74  ? 95  ASN A C   1 
ATOM   689  O  O   . ASN A 1 95  ? 6.262   -3.959  -5.573  1.00 6.36  ? 95  ASN A O   1 
ATOM   690  C  CB  . ASN A 1 95  ? 8.545   -2.703  -6.709  1.00 5.75  ? 95  ASN A CB  1 
ATOM   691  C  CG  . ASN A 1 95  ? 9.683   -1.786  -7.015  1.00 5.06  ? 95  ASN A CG  1 
ATOM   692  O  OD1 . ASN A 1 95  ? 9.517   -0.764  -7.669  1.00 2.00  ? 95  ASN A OD1 1 
ATOM   693  N  ND2 . ASN A 1 95  ? 10.872  -2.138  -6.545  1.00 6.75  ? 95  ASN A ND2 1 
ATOM   694  N  N   . ILE A 1 96  ? 5.146   -2.088  -6.319  1.00 9.70  ? 96  ILE A N   1 
ATOM   695  C  CA  . ILE A 1 96  ? 3.862   -2.745  -6.610  1.00 7.55  ? 96  ILE A CA  1 
ATOM   696  C  C   . ILE A 1 96  ? 3.598   -2.748  -8.111  1.00 5.91  ? 96  ILE A C   1 
ATOM   697  O  O   . ILE A 1 96  ? 3.809   -1.726  -8.760  1.00 6.24  ? 96  ILE A O   1 
ATOM   698  C  CB  . ILE A 1 96  ? 2.693   -2.025  -5.882  1.00 8.98  ? 96  ILE A CB  1 
ATOM   699  C  CG1 . ILE A 1 96  ? 2.844   -2.293  -4.382  1.00 10.80 ? 96  ILE A CG1 1 
ATOM   700  C  CG2 . ILE A 1 96  ? 1.308   -2.564  -6.289  1.00 2.00  ? 96  ILE A CG2 1 
ATOM   701  C  CD1 . ILE A 1 96  ? 3.317   -1.063  -3.621  1.00 17.05 ? 96  ILE A CD1 1 
ATOM   702  N  N   . SER A 1 97  ? 3.225   -3.869  -8.726  1.00 6.84  ? 97  SER A N   1 
ATOM   703  C  CA  . SER A 1 97  ? 2.788   -3.837  -10.115 1.00 4.57  ? 97  SER A CA  1 
ATOM   704  C  C   . SER A 1 97  ? 1.597   -4.740  -10.259 1.00 3.94  ? 97  SER A C   1 
ATOM   705  O  O   . SER A 1 97  ? 1.541   -5.895  -9.794  1.00 2.00  ? 97  SER A O   1 
ATOM   706  C  CB  . SER A 1 97  ? 3.873   -4.292  -11.062 1.00 9.24  ? 97  SER A CB  1 
ATOM   707  O  OG  . SER A 1 97  ? 4.390   -5.589  -10.885 1.00 9.95  ? 97  SER A OG  1 
ATOM   708  N  N   . GLY A 1 98  ? 0.590   -4.141  -10.880 1.00 2.89  ? 98  GLY A N   1 
ATOM   709  C  CA  . GLY A 1 98  ? -0.655  -4.846  -11.067 1.00 2.82  ? 98  GLY A CA  1 
ATOM   710  C  C   . GLY A 1 98  ? -1.426  -4.911  -9.743  1.00 2.44  ? 98  GLY A C   1 
ATOM   711  O  O   . GLY A 1 98  ? -1.010  -4.377  -8.714  1.00 2.00  ? 98  GLY A O   1 
ATOM   712  N  N   . GLY A 1 99  ? -2.510  -5.666  -9.740  1.00 2.00  ? 99  GLY A N   1 
ATOM   713  C  CA  . GLY A 1 99  ? -3.414  -5.718  -8.608  1.00 3.72  ? 99  GLY A CA  1 
ATOM   714  C  C   . GLY A 1 99  ? -4.318  -4.492  -8.407  1.00 2.26  ? 99  GLY A C   1 
ATOM   715  O  O   . GLY A 1 99  ? -4.401  -3.538  -9.194  1.00 4.98  ? 99  GLY A O   1 
ATOM   716  N  N   . ALA A 1 100 ? -4.859  -4.485  -7.202  1.00 2.00  ? 100 ALA A N   1 
ATOM   717  C  CA  . ALA A 1 100 ? -5.914  -3.599  -6.809  1.00 2.00  ? 100 ALA A CA  1 
ATOM   718  C  C   . ALA A 1 100 ? -6.068  -3.496  -5.296  1.00 4.67  ? 100 ALA A C   1 
ATOM   719  O  O   . ALA A 1 100 ? -5.690  -4.414  -4.558  1.00 3.80  ? 100 ALA A O   1 
ATOM   720  C  CB  . ALA A 1 100 ? -7.234  -4.092  -7.345  1.00 2.00  ? 100 ALA A CB  1 
ATOM   721  N  N   . ALA A 1 101 ? -6.677  -2.398  -4.830  1.00 4.96  ? 101 ALA A N   1 
ATOM   722  C  CA  . ALA A 1 101 ? -6.939  -2.134  -3.429  1.00 4.84  ? 101 ALA A CA  1 
ATOM   723  C  C   . ALA A 1 101 ? -8.303  -1.480  -3.422  1.00 3.82  ? 101 ALA A C   1 
ATOM   724  O  O   . ALA A 1 101 ? -8.480  -0.505  -4.140  1.00 4.95  ? 101 ALA A O   1 
ATOM   725  C  CB  . ALA A 1 101 ? -5.947  -1.125  -2.820  1.00 3.62  ? 101 ALA A CB  1 
ATOM   726  N  N   . TYR A 1 102 ? -9.284  -1.950  -2.657  1.00 4.61  ? 102 TYR A N   1 
ATOM   727  C  CA  . TYR A 1 102 ? -10.616 -1.376  -2.510  1.00 3.54  ? 102 TYR A CA  1 
ATOM   728  C  C   . TYR A 1 102 ? -10.987 -1.118  -1.066  1.00 5.52  ? 102 TYR A C   1 
ATOM   729  O  O   . TYR A 1 102 ? -10.506 -1.771  -0.114  1.00 6.00  ? 102 TYR A O   1 
ATOM   730  C  CB  . TYR A 1 102 ? -11.740 -2.275  -3.034  1.00 3.14  ? 102 TYR A CB  1 
ATOM   731  C  CG  . TYR A 1 102 ? -11.533 -2.602  -4.491  1.00 3.08  ? 102 TYR A CG  1 
ATOM   732  C  CD1 . TYR A 1 102 ? -10.814 -3.737  -4.840  1.00 2.00  ? 102 TYR A CD1 1 
ATOM   733  C  CD2 . TYR A 1 102 ? -12.007 -1.699  -5.443  1.00 2.26  ? 102 TYR A CD2 1 
ATOM   734  C  CE1 . TYR A 1 102 ? -10.577 -3.980  -6.189  1.00 2.73  ? 102 TYR A CE1 1 
ATOM   735  C  CE2 . TYR A 1 102 ? -11.780 -1.942  -6.783  1.00 2.00  ? 102 TYR A CE2 1 
ATOM   736  C  CZ  . TYR A 1 102 ? -11.064 -3.071  -7.136  1.00 2.00  ? 102 TYR A CZ  1 
ATOM   737  O  OH  . TYR A 1 102 ? -10.962 -3.363  -8.469  1.00 2.00  ? 102 TYR A OH  1 
ATOM   738  N  N   . LYS A 1 103 ? -11.860 -0.145  -0.847  1.00 3.42  ? 103 LYS A N   1 
ATOM   739  C  CA  . LYS A 1 103 ? -12.434 0.049   0.496   1.00 7.61  ? 103 LYS A CA  1 
ATOM   740  C  C   . LYS A 1 103 ? -11.541 0.130   1.739   1.00 6.42  ? 103 LYS A C   1 
ATOM   741  O  O   . LYS A 1 103 ? -11.681 -0.549  2.821   1.00 7.67  ? 103 LYS A O   1 
ATOM   742  C  CB  . LYS A 1 103 ? -13.453 -1.077  0.750   1.00 4.60  ? 103 LYS A CB  1 
ATOM   743  C  CG  . LYS A 1 103 ? -14.628 -1.228  -0.190  1.00 7.08  ? 103 LYS A CG  1 
ATOM   744  C  CD  . LYS A 1 103 ? -15.080 -2.653  0.030   1.00 6.72  ? 103 LYS A CD  1 
ATOM   745  C  CE  . LYS A 1 103 ? -16.438 -2.836  -0.559  1.00 12.80 ? 103 LYS A CE  1 
ATOM   746  N  NZ  . LYS A 1 103 ? -17.345 -2.192  0.370   1.00 22.79 ? 103 LYS A NZ  1 
ATOM   747  N  N   . ALA A 1 104 ? -10.564 1.020   1.552   1.00 5.81  ? 104 ALA A N   1 
ATOM   748  C  CA  . ALA A 1 104 ? -9.597  1.326   2.592   1.00 2.99  ? 104 ALA A CA  1 
ATOM   749  C  C   . ALA A 1 104 ? -10.133 2.595   3.221   1.00 2.95  ? 104 ALA A C   1 
ATOM   750  O  O   . ALA A 1 104 ? -10.089 3.647   2.608   1.00 2.00  ? 104 ALA A O   1 
ATOM   751  C  CB  . ALA A 1 104 ? -8.204  1.651   2.047   1.00 2.00  ? 104 ALA A CB  1 
ATOM   752  N  N   . TYR A 1 105 ? -10.547 2.451   4.488   1.00 4.61  ? 105 TYR A N   1 
ATOM   753  C  CA  . TYR A 1 105 ? -11.115 3.528   5.287   1.00 3.64  ? 105 TYR A CA  1 
ATOM   754  C  C   . TYR A 1 105 ? -10.158 4.724   5.310   1.00 2.85  ? 105 TYR A C   1 
ATOM   755  O  O   . TYR A 1 105 ? -10.573 5.879   5.298   1.00 2.96  ? 105 TYR A O   1 
ATOM   756  C  CB  . TYR A 1 105 ? -11.383 3.045   6.720   1.00 2.00  ? 105 TYR A CB  1 
ATOM   757  C  CG  . TYR A 1 105 ? -12.113 4.149   7.500   1.00 3.11  ? 105 TYR A CG  1 
ATOM   758  C  CD1 . TYR A 1 105 ? -11.411 5.064   8.314   1.00 2.00  ? 105 TYR A CD1 1 
ATOM   759  C  CD2 . TYR A 1 105 ? -13.499 4.279   7.348   1.00 2.00  ? 105 TYR A CD2 1 
ATOM   760  C  CE1 . TYR A 1 105 ? -12.085 6.100   8.946   1.00 2.00  ? 105 TYR A CE1 1 
ATOM   761  C  CE2 . TYR A 1 105 ? -14.177 5.326   7.991   1.00 2.00  ? 105 TYR A CE2 1 
ATOM   762  C  CZ  . TYR A 1 105 ? -13.468 6.236   8.780   1.00 3.69  ? 105 TYR A CZ  1 
ATOM   763  O  OH  . TYR A 1 105 ? -14.147 7.310   9.369   1.00 4.44  ? 105 TYR A OH  1 
ATOM   764  N  N   . ASP A 1 106 ? -8.858  4.456   5.447   1.00 3.27  ? 106 ASP A N   1 
ATOM   765  C  CA  . ASP A 1 106 ? -7.909  5.524   5.397   1.00 3.87  ? 106 ASP A CA  1 
ATOM   766  C  C   . ASP A 1 106 ? -6.795  5.123   4.457   1.00 5.06  ? 106 ASP A C   1 
ATOM   767  O  O   . ASP A 1 106 ? -6.998  5.278   3.236   1.00 4.62  ? 106 ASP A O   1 
ATOM   768  C  CB  . ASP A 1 106 ? -7.426  5.808   6.818   1.00 2.42  ? 106 ASP A CB  1 
ATOM   769  C  CG  . ASP A 1 106 ? -6.525  7.038   7.018   1.00 2.71  ? 106 ASP A CG  1 
ATOM   770  O  OD1 . ASP A 1 106 ? -5.943  7.157   8.106   1.00 4.68  ? 106 ASP A OD1 1 
ATOM   771  O  OD2 . ASP A 1 106 ? -6.399  7.865   6.111   1.00 3.01  ? 106 ASP A OD2 1 
ATOM   772  N  N   . LYS A 1 107 ? -5.649  4.604   4.881   1.00 5.34  ? 107 LYS A N   1 
ATOM   773  C  CA  . LYS A 1 107 ? -4.625  4.409   3.884   1.00 8.90  ? 107 LYS A CA  1 
ATOM   774  C  C   . LYS A 1 107 ? -4.417  3.025   3.339   1.00 5.40  ? 107 LYS A C   1 
ATOM   775  O  O   . LYS A 1 107 ? -4.697  2.002   3.935   1.00 6.24  ? 107 LYS A O   1 
ATOM   776  C  CB  . LYS A 1 107 ? -3.300  4.941   4.402   1.00 11.48 ? 107 LYS A CB  1 
ATOM   777  C  CG  . LYS A 1 107 ? -2.851  4.744   5.825   1.00 11.50 ? 107 LYS A CG  1 
ATOM   778  C  CD  . LYS A 1 107 ? -2.583  6.191   6.211   1.00 13.54 ? 107 LYS A CD  1 
ATOM   779  C  CE  . LYS A 1 107 ? -1.661  6.395   7.407   1.00 14.35 ? 107 LYS A CE  1 
ATOM   780  N  NZ  . LYS A 1 107 ? -2.294  6.021   8.645   1.00 13.31 ? 107 LYS A NZ  1 
ATOM   781  N  N   . VAL A 1 108 ? -4.011  3.031   2.092   1.00 5.50  ? 108 VAL A N   1 
ATOM   782  C  CA  . VAL A 1 108 ? -3.700  1.807   1.396   1.00 4.95  ? 108 VAL A CA  1 
ATOM   783  C  C   . VAL A 1 108 ? -2.267  1.550   1.813   1.00 6.08  ? 108 VAL A C   1 
ATOM   784  O  O   . VAL A 1 108 ? -2.018  0.614   2.567   1.00 6.28  ? 108 VAL A O   1 
ATOM   785  C  CB  . VAL A 1 108 ? -3.879  2.060   -0.128  1.00 5.08  ? 108 VAL A CB  1 
ATOM   786  C  CG1 . VAL A 1 108 ? -3.476  0.928   -1.031  1.00 3.69  ? 108 VAL A CG1 1 
ATOM   787  C  CG2 . VAL A 1 108 ? -5.363  2.197   -0.326  1.00 5.80  ? 108 VAL A CG2 1 
ATOM   788  N  N   . PHE A 1 109 ? -1.333  2.406   1.416   1.00 7.29  ? 109 PHE A N   1 
ATOM   789  C  CA  . PHE A 1 109 ? 0.076   2.258   1.740   1.00 8.26  ? 109 PHE A CA  1 
ATOM   790  C  C   . PHE A 1 109 ? 0.538   3.255   2.784   1.00 6.51  ? 109 PHE A C   1 
ATOM   791  O  O   . PHE A 1 109 ? 0.342   4.459   2.651   1.00 7.16  ? 109 PHE A O   1 
ATOM   792  C  CB  . PHE A 1 109 ? 0.920   2.403   0.456   1.00 5.63  ? 109 PHE A CB  1 
ATOM   793  C  CG  . PHE A 1 109 ? 0.504   1.384   -0.612  1.00 6.45  ? 109 PHE A CG  1 
ATOM   794  C  CD1 . PHE A 1 109 ? -0.099  1.818   -1.813  1.00 3.62  ? 109 PHE A CD1 1 
ATOM   795  C  CD2 . PHE A 1 109 ? 0.685   0.004   -0.367  1.00 5.25  ? 109 PHE A CD2 1 
ATOM   796  C  CE1 . PHE A 1 109 ? -0.504  0.879   -2.763  1.00 2.00  ? 109 PHE A CE1 1 
ATOM   797  C  CE2 . PHE A 1 109 ? 0.280   -0.934  -1.325  1.00 4.84  ? 109 PHE A CE2 1 
ATOM   798  C  CZ  . PHE A 1 109 ? -0.294  -0.493  -2.533  1.00 4.46  ? 109 PHE A CZ  1 
ATOM   799  N  N   . GLN A 1 110 ? 1.166   2.730   3.835   1.00 8.39  ? 110 GLN A N   1 
ATOM   800  C  CA  . GLN A 1 110 ? 1.724   3.492   4.958   1.00 8.99  ? 110 GLN A CA  1 
ATOM   801  C  C   . GLN A 1 110 ? 3.230   3.244   4.949   1.00 8.57  ? 110 GLN A C   1 
ATOM   802  O  O   . GLN A 1 110 ? 3.707   2.089   4.948   1.00 6.22  ? 110 GLN A O   1 
ATOM   803  C  CB  . GLN A 1 110 ? 0.992   2.969   6.212   1.00 11.61 ? 110 GLN A CB  1 
ATOM   804  C  CG  . GLN A 1 110 ? 1.474   3.132   7.640   1.00 14.39 ? 110 GLN A CG  1 
ATOM   805  C  CD  . GLN A 1 110 ? 1.616   4.535   8.158   1.00 17.44 ? 110 GLN A CD  1 
ATOM   806  O  OE1 . GLN A 1 110 ? 1.680   5.545   7.466   1.00 25.41 ? 110 GLN A OE1 1 
ATOM   807  N  NE2 . GLN A 1 110 ? 1.720   4.643   9.459   1.00 23.64 ? 110 GLN A NE2 1 
ATOM   808  N  N   . ILE A 1 111 ? 4.039   4.308   4.834   1.00 9.28  ? 111 ILE A N   1 
ATOM   809  C  CA  . ILE A 1 111 ? 5.488   4.153   4.810   1.00 6.54  ? 111 ILE A CA  1 
ATOM   810  C  C   . ILE A 1 111 ? 5.982   4.662   6.155   1.00 6.41  ? 111 ILE A C   1 
ATOM   811  O  O   . ILE A 1 111 ? 5.823   5.840   6.526   1.00 5.43  ? 111 ILE A O   1 
ATOM   812  C  CB  . ILE A 1 111 ? 6.077   4.949   3.612   1.00 5.27  ? 111 ILE A CB  1 
ATOM   813  C  CG1 . ILE A 1 111 ? 5.309   4.587   2.339   1.00 3.29  ? 111 ILE A CG1 1 
ATOM   814  C  CG2 . ILE A 1 111 ? 7.556   4.610   3.403   1.00 3.06  ? 111 ILE A CG2 1 
ATOM   815  C  CD1 . ILE A 1 111 ? 5.237   3.103   1.910   1.00 2.00  ? 111 ILE A CD1 1 
ATOM   816  N  N   . ASN A 1 112 ? 6.624   3.750   6.898   1.00 6.82  ? 112 ASN A N   1 
ATOM   817  C  CA  . ASN A 1 112 ? 7.073   4.006   8.262   1.00 5.65  ? 112 ASN A CA  1 
ATOM   818  C  C   . ASN A 1 112 ? 8.570   3.986   8.434   1.00 4.30  ? 112 ASN A C   1 
ATOM   819  O  O   . ASN A 1 112 ? 9.051   3.953   9.555   1.00 2.08  ? 112 ASN A O   1 
ATOM   820  C  CB  . ASN A 1 112 ? 6.517   2.993   9.284   1.00 6.65  ? 112 ASN A CB  1 
ATOM   821  C  CG  . ASN A 1 112 ? 5.057   3.243   9.601   1.00 7.34  ? 112 ASN A CG  1 
ATOM   822  O  OD1 . ASN A 1 112 ? 4.516   4.281   9.258   1.00 2.14  ? 112 ASN A OD1 1 
ATOM   823  N  ND2 . ASN A 1 112 ? 4.279   2.345   10.171  1.00 10.59 ? 112 ASN A ND2 1 
ATOM   824  N  N   . ALA A 1 113 ? 9.314   4.131   7.357   1.00 4.00  ? 113 ALA A N   1 
ATOM   825  C  CA  . ALA A 1 113 ? 10.762  4.161   7.392   1.00 5.03  ? 113 ALA A CA  1 
ATOM   826  C  C   . ALA A 1 113 ? 11.153  4.965   6.167   1.00 4.47  ? 113 ALA A C   1 
ATOM   827  O  O   . ALA A 1 113 ? 10.261  5.251   5.364   1.00 6.18  ? 113 ALA A O   1 
ATOM   828  C  CB  . ALA A 1 113 ? 11.312  2.796   7.253   1.00 7.63  ? 113 ALA A CB  1 
ATOM   829  N  N   . ALA A 1 114 ? 12.385  5.478   6.082   1.00 2.92  ? 114 ALA A N   1 
ATOM   830  C  CA  . ALA A 1 114 ? 12.823  6.161   4.872   1.00 2.94  ? 114 ALA A CA  1 
ATOM   831  C  C   . ALA A 1 114 ? 12.827  5.158   3.727   1.00 2.04  ? 114 ALA A C   1 
ATOM   832  O  O   . ALA A 1 114 ? 13.064  3.975   3.981   1.00 3.22  ? 114 ALA A O   1 
ATOM   833  C  CB  . ALA A 1 114 ? 14.216  6.720   5.076   1.00 2.00  ? 114 ALA A CB  1 
ATOM   834  N  N   . GLY A 1 115 ? 12.531  5.506   2.481   1.00 4.75  ? 115 GLY A N   1 
ATOM   835  C  CA  . GLY A 1 115 ? 12.507  4.507   1.441   1.00 2.85  ? 115 GLY A CA  1 
ATOM   836  C  C   . GLY A 1 115 ? 11.826  4.961   0.167   1.00 3.82  ? 115 GLY A C   1 
ATOM   837  O  O   . GLY A 1 115 ? 11.686  6.172   -0.059  1.00 4.71  ? 115 GLY A O   1 
ATOM   838  N  N   . THR A 1 116 ? 11.450  4.009   -0.717  1.00 4.21  ? 116 THR A N   1 
ATOM   839  C  CA  . THR A 1 116 ? 10.784  4.285   -1.975  1.00 2.00  ? 116 THR A CA  1 
ATOM   840  C  C   . THR A 1 116 ? 9.604   3.351   -2.120  1.00 3.94  ? 116 THR A C   1 
ATOM   841  O  O   . THR A 1 116 ? 9.539   2.314   -1.452  1.00 4.06  ? 116 THR A O   1 
ATOM   842  C  CB  . THR A 1 116 ? 11.769  4.114   -3.162  1.00 2.00  ? 116 THR A CB  1 
ATOM   843  O  OG1 . THR A 1 116 ? 12.824  5.032   -2.865  1.00 3.08  ? 116 THR A OG1 1 
ATOM   844  C  CG2 . THR A 1 116 ? 11.231  4.471   -4.534  1.00 2.00  ? 116 THR A CG2 1 
ATOM   845  N  N   . ILE A 1 117 ? 8.581   3.770   -2.870  1.00 7.69  ? 117 ILE A N   1 
ATOM   846  C  CA  . ILE A 1 117 ? 7.437   2.920   -3.157  1.00 4.93  ? 117 ILE A CA  1 
ATOM   847  C  C   . ILE A 1 117 ? 7.092   3.346   -4.557  1.00 5.07  ? 117 ILE A C   1 
ATOM   848  O  O   . ILE A 1 117 ? 7.006   4.538   -4.871  1.00 2.95  ? 117 ILE A O   1 
ATOM   849  C  CB  . ILE A 1 117 ? 6.285   3.162   -2.085  1.00 5.92  ? 117 ILE A CB  1 
ATOM   850  C  CG1 . ILE A 1 117 ? 5.207   2.166   -2.516  1.00 6.90  ? 117 ILE A CG1 1 
ATOM   851  C  CG2 . ILE A 1 117 ? 5.778   4.599   -1.918  1.00 2.00  ? 117 ILE A CG2 1 
ATOM   852  C  CD1 . ILE A 1 117 ? 4.161   1.776   -1.445  1.00 2.00  ? 117 ILE A CD1 1 
ATOM   853  N  N   . ASN A 1 118 ? 7.127   2.376   -5.459  1.00 5.39  ? 118 ASN A N   1 
ATOM   854  C  CA  . ASN A 1 118 ? 6.763   2.627   -6.846  1.00 3.63  ? 118 ASN A CA  1 
ATOM   855  C  C   . ASN A 1 118 ? 5.491   1.845   -7.001  1.00 2.00  ? 118 ASN A C   1 
ATOM   856  O  O   . ASN A 1 118 ? 5.441   0.712   -6.552  1.00 3.23  ? 118 ASN A O   1 
ATOM   857  C  CB  . ASN A 1 118 ? 7.792   2.095   -7.799  1.00 3.85  ? 118 ASN A CB  1 
ATOM   858  C  CG  . ASN A 1 118 ? 9.127   2.756   -7.571  1.00 2.07  ? 118 ASN A CG  1 
ATOM   859  O  OD1 . ASN A 1 118 ? 9.327   3.952   -7.768  1.00 2.87  ? 118 ASN A OD1 1 
ATOM   860  N  ND2 . ASN A 1 118 ? 10.105  1.999   -7.152  1.00 6.00  ? 118 ASN A ND2 1 
ATOM   861  N  N   . ILE A 1 119 ? 4.422   2.411   -7.524  1.00 2.00  ? 119 ILE A N   1 
ATOM   862  C  CA  . ILE A 1 119 ? 3.165   1.718   -7.643  1.00 5.05  ? 119 ILE A CA  1 
ATOM   863  C  C   . ILE A 1 119 ? 2.855   1.828   -9.106  1.00 8.10  ? 119 ILE A C   1 
ATOM   864  O  O   . ILE A 1 119 ? 2.697   2.933   -9.642  1.00 12.03 ? 119 ILE A O   1 
ATOM   865  C  CB  . ILE A 1 119 ? 2.072   2.414   -6.807  1.00 5.21  ? 119 ILE A CB  1 
ATOM   866  C  CG1 . ILE A 1 119 ? 2.460   2.312   -5.358  1.00 3.52  ? 119 ILE A CG1 1 
ATOM   867  C  CG2 . ILE A 1 119 ? 0.715   1.765   -7.052  1.00 4.40  ? 119 ILE A CG2 1 
ATOM   868  C  CD1 . ILE A 1 119 ? 1.932   3.474   -4.536  1.00 4.05  ? 119 ILE A CD1 1 
ATOM   869  N  N   . ARG A 1 120 ? 2.780   0.695   -9.779  1.00 8.17  ? 120 ARG A N   1 
ATOM   870  C  CA  . ARG A 1 120 ? 2.567   0.661   -11.208 1.00 6.45  ? 120 ARG A CA  1 
ATOM   871  C  C   . ARG A 1 120 ? 1.314   -0.148  -11.530 1.00 7.71  ? 120 ARG A C   1 
ATOM   872  O  O   . ARG A 1 120 ? 1.011   -1.158  -10.871 1.00 6.47  ? 120 ARG A O   1 
ATOM   873  C  CB  . ARG A 1 120 ? 3.777   0.012   -11.857 1.00 4.64  ? 120 ARG A CB  1 
ATOM   874  C  CG  . ARG A 1 120 ? 5.075   0.685   -11.506 1.00 2.00  ? 120 ARG A CG  1 
ATOM   875  C  CD  . ARG A 1 120 ? 6.198   0.216   -12.391 1.00 2.00  ? 120 ARG A CD  1 
ATOM   876  N  NE  . ARG A 1 120 ? 7.336   1.081   -12.164 1.00 2.83  ? 120 ARG A NE  1 
ATOM   877  C  CZ  . ARG A 1 120 ? 8.258   0.843   -11.222 1.00 3.87  ? 120 ARG A CZ  1 
ATOM   878  N  NH1 . ARG A 1 120 ? 9.256   1.719   -11.111 1.00 3.00  ? 120 ARG A NH1 1 
ATOM   879  N  NH2 . ARG A 1 120 ? 8.216   -0.221  -10.412 1.00 2.00  ? 120 ARG A NH2 1 
ATOM   880  N  N   . ASN A 1 121 ? 0.543   0.317   -12.517 1.00 7.35  ? 121 ASN A N   1 
ATOM   881  C  CA  . ASN A 1 121 ? -0.602  -0.426  -13.059 1.00 7.49  ? 121 ASN A CA  1 
ATOM   882  C  C   . ASN A 1 121 ? -1.541  -0.974  -12.005 1.00 4.52  ? 121 ASN A C   1 
ATOM   883  O  O   . ASN A 1 121 ? -1.929  -2.155  -11.991 1.00 6.49  ? 121 ASN A O   1 
ATOM   884  C  CB  . ASN A 1 121 ? -0.130  -1.615  -13.957 1.00 7.87  ? 121 ASN A CB  1 
ATOM   885  C  CG  . ASN A 1 121 ? 0.962   -1.250  -14.951 1.00 14.14 ? 121 ASN A CG  1 
ATOM   886  O  OD1 . ASN A 1 121 ? 2.121   -1.656  -14.794 1.00 17.93 ? 121 ASN A OD1 1 
ATOM   887  N  ND2 . ASN A 1 121 ? 0.740   -0.451  -15.996 1.00 18.10 ? 121 ASN A ND2 1 
ATOM   888  N  N   . PHE A 1 122 ? -1.889  -0.073  -11.107 1.00 2.00  ? 122 PHE A N   1 
ATOM   889  C  CA  . PHE A 1 122 ? -2.709  -0.427  -9.970  1.00 2.00  ? 122 PHE A CA  1 
ATOM   890  C  C   . PHE A 1 122 ? -4.076  0.245   -9.952  1.00 2.55  ? 122 PHE A C   1 
ATOM   891  O  O   . PHE A 1 122 ? -4.215  1.443   -10.250 1.00 2.00  ? 122 PHE A O   1 
ATOM   892  C  CB  . PHE A 1 122 ? -1.925  -0.049  -8.727  1.00 4.07  ? 122 PHE A CB  1 
ATOM   893  C  CG  . PHE A 1 122 ? -2.424  -0.565  -7.397  1.00 2.00  ? 122 PHE A CG  1 
ATOM   894  C  CD1 . PHE A 1 122 ? -3.105  0.294   -6.535  1.00 4.00  ? 122 PHE A CD1 1 
ATOM   895  C  CD2 . PHE A 1 122 ? -2.105  -1.858  -7.017  1.00 2.00  ? 122 PHE A CD2 1 
ATOM   896  C  CE1 . PHE A 1 122 ? -3.499  -0.152  -5.282  1.00 2.00  ? 122 PHE A CE1 1 
ATOM   897  C  CE2 . PHE A 1 122 ? -2.510  -2.305  -5.763  1.00 2.64  ? 122 PHE A CE2 1 
ATOM   898  C  CZ  . PHE A 1 122 ? -3.198  -1.452  -4.895  1.00 2.31  ? 122 PHE A CZ  1 
ATOM   899  N  N   . ARG A 1 123 ? -5.081  -0.517  -9.513  1.00 4.89  ? 123 ARG A N   1 
ATOM   900  C  CA  . ARG A 1 123 ? -6.432  -0.028  -9.450  1.00 4.96  ? 123 ARG A CA  1 
ATOM   901  C  C   . ARG A 1 123 ? -6.727  0.255   -8.009  1.00 6.24  ? 123 ARG A C   1 
ATOM   902  O  O   . ARG A 1 123 ? -6.508  -0.658  -7.207  1.00 6.18  ? 123 ARG A O   1 
ATOM   903  C  CB  . ARG A 1 123 ? -7.392  -1.086  -9.993  1.00 4.32  ? 123 ARG A CB  1 
ATOM   904  C  CG  . ARG A 1 123 ? -8.838  -0.693  -10.096 1.00 2.00  ? 123 ARG A CG  1 
ATOM   905  C  CD  . ARG A 1 123 ? -8.921  0.489   -11.051 1.00 5.30  ? 123 ARG A CD  1 
ATOM   906  N  NE  . ARG A 1 123 ? -10.277 0.957   -11.278 1.00 7.73  ? 123 ARG A NE  1 
ATOM   907  C  CZ  . ARG A 1 123 ? -10.855 1.991   -10.670 1.00 6.18  ? 123 ARG A CZ  1 
ATOM   908  N  NH1 . ARG A 1 123 ? -12.093 2.270   -11.002 1.00 7.97  ? 123 ARG A NH1 1 
ATOM   909  N  NH2 . ARG A 1 123 ? -10.267 2.743   -9.754  1.00 9.35  ? 123 ARG A NH2 1 
ATOM   910  N  N   . ALA A 1 124 ? -7.202  1.443   -7.631  1.00 6.14  ? 124 ALA A N   1 
ATOM   911  C  CA  . ALA A 1 124 ? -7.553  1.630   -6.221  1.00 8.87  ? 124 ALA A CA  1 
ATOM   912  C  C   . ALA A 1 124 ? -8.815  2.458   -6.147  1.00 8.54  ? 124 ALA A C   1 
ATOM   913  O  O   . ALA A 1 124 ? -8.881  3.531   -6.769  1.00 9.79  ? 124 ALA A O   1 
ATOM   914  C  CB  . ALA A 1 124 ? -6.442  2.355   -5.436  1.00 4.91  ? 124 ALA A CB  1 
ATOM   915  N  N   . ASP A 1 125 ? -9.843  1.914   -5.470  1.00 8.67  ? 125 ASP A N   1 
ATOM   916  C  CA  . ASP A 1 125 ? -11.127 2.593   -5.361  1.00 7.25  ? 125 ASP A CA  1 
ATOM   917  C  C   . ASP A 1 125 ? -11.675 2.602   -3.945  1.00 6.39  ? 125 ASP A C   1 
ATOM   918  O  O   . ASP A 1 125 ? -11.751 1.564   -3.269  1.00 6.53  ? 125 ASP A O   1 
ATOM   919  C  CB  . ASP A 1 125 ? -12.167 1.934   -6.281  1.00 6.86  ? 125 ASP A CB  1 
ATOM   920  C  CG  . ASP A 1 125 ? -13.518 2.647   -6.244  1.00 8.91  ? 125 ASP A CG  1 
ATOM   921  O  OD1 . ASP A 1 125 ? -14.467 2.115   -5.661  1.00 7.50  ? 125 ASP A OD1 1 
ATOM   922  O  OD2 . ASP A 1 125 ? -13.611 3.756   -6.772  1.00 8.35  ? 125 ASP A OD2 1 
ATOM   923  N  N   . ASP A 1 126 ? -12.191 3.796   -3.601  1.00 5.50  ? 126 ASP A N   1 
ATOM   924  C  CA  . ASP A 1 126 ? -12.778 4.123   -2.317  1.00 2.56  ? 126 ASP A CA  1 
ATOM   925  C  C   . ASP A 1 126 ? -11.707 3.946   -1.240  1.00 3.20  ? 126 ASP A C   1 
ATOM   926  O  O   . ASP A 1 126 ? -11.629 2.935   -0.531  1.00 5.72  ? 126 ASP A O   1 
ATOM   927  C  CB  . ASP A 1 126 ? -14.008 3.219   -2.121  1.00 2.00  ? 126 ASP A CB  1 
ATOM   928  C  CG  . ASP A 1 126 ? -14.746 3.221   -0.795  1.00 2.67  ? 126 ASP A CG  1 
ATOM   929  O  OD1 . ASP A 1 126 ? -15.447 2.267   -0.491  1.00 6.29  ? 126 ASP A OD1 1 
ATOM   930  O  OD2 . ASP A 1 126 ? -14.655 4.172   -0.044  1.00 8.23  ? 126 ASP A OD2 1 
ATOM   931  N  N   . ILE A 1 127 ? -10.811 4.918   -1.163  1.00 2.00  ? 127 ILE A N   1 
ATOM   932  C  CA  . ILE A 1 127 ? -9.715  4.850   -0.235  1.00 4.58  ? 127 ILE A CA  1 
ATOM   933  C  C   . ILE A 1 127 ? -9.561  6.193   0.467   1.00 4.24  ? 127 ILE A C   1 
ATOM   934  O  O   . ILE A 1 127 ? -10.055 7.187   -0.071  1.00 7.90  ? 127 ILE A O   1 
ATOM   935  C  CB  . ILE A 1 127 ? -8.361  4.458   -1.003  1.00 5.07  ? 127 ILE A CB  1 
ATOM   936  C  CG1 . ILE A 1 127 ? -7.972  5.546   -2.044  1.00 3.32  ? 127 ILE A CG1 1 
ATOM   937  C  CG2 . ILE A 1 127 ? -8.529  3.061   -1.629  1.00 2.00  ? 127 ILE A CG2 1 
ATOM   938  C  CD1 . ILE A 1 127 ? -6.701  5.343   -2.864  1.00 2.00  ? 127 ILE A CD1 1 
ATOM   939  N  N   . GLY A 1 128 ? -8.850  6.331   1.601   1.00 5.76  ? 128 GLY A N   1 
ATOM   940  C  CA  . GLY A 1 128 ? -8.575  7.626   2.226   1.00 5.60  ? 128 GLY A CA  1 
ATOM   941  C  C   . GLY A 1 128 ? -7.428  8.317   1.490   1.00 5.09  ? 128 GLY A C   1 
ATOM   942  O  O   . GLY A 1 128 ? -7.579  9.433   0.975   1.00 3.66  ? 128 GLY A O   1 
ATOM   943  N  N   . LYS A 1 129 ? -6.259  7.685   1.484   1.00 4.59  ? 129 LYS A N   1 
ATOM   944  C  CA  . LYS A 1 129 ? -5.132  8.115   0.639   1.00 4.85  ? 129 LYS A CA  1 
ATOM   945  C  C   . LYS A 1 129 ? -4.338  6.902   0.129   1.00 3.64  ? 129 LYS A C   1 
ATOM   946  O  O   . LYS A 1 129 ? -4.313  5.852   0.783   1.00 4.09  ? 129 LYS A O   1 
ATOM   947  C  CB  . LYS A 1 129 ? -4.147  9.038   1.377   1.00 4.52  ? 129 LYS A CB  1 
ATOM   948  C  CG  . LYS A 1 129 ? -3.537  8.487   2.622   1.00 8.78  ? 129 LYS A CG  1 
ATOM   949  C  CD  . LYS A 1 129 ? -4.456  8.665   3.803   1.00 9.07  ? 129 LYS A CD  1 
ATOM   950  C  CE  . LYS A 1 129 ? -4.415  10.074  4.324   1.00 15.25 ? 129 LYS A CE  1 
ATOM   951  N  NZ  . LYS A 1 129 ? -5.588  10.388  5.133   1.00 17.41 ? 129 LYS A NZ  1 
ATOM   952  N  N   . LEU A 1 130 ? -3.702  6.978   -1.034  1.00 3.83  ? 130 LEU A N   1 
ATOM   953  C  CA  . LEU A 1 130 ? -2.952  5.845   -1.556  1.00 6.53  ? 130 LEU A CA  1 
ATOM   954  C  C   . LEU A 1 130 ? -1.672  5.634   -0.752  1.00 4.39  ? 130 LEU A C   1 
ATOM   955  O  O   . LEU A 1 130 ? -1.397  4.508   -0.353  1.00 8.35  ? 130 LEU A O   1 
ATOM   956  C  CB  . LEU A 1 130 ? -2.564  6.043   -3.040  1.00 7.11  ? 130 LEU A CB  1 
ATOM   957  C  CG  . LEU A 1 130 ? -2.083  4.783   -3.814  1.00 8.02  ? 130 LEU A CG  1 
ATOM   958  C  CD1 . LEU A 1 130 ? -3.223  3.773   -3.951  1.00 2.00  ? 130 LEU A CD1 1 
ATOM   959  C  CD2 . LEU A 1 130 ? -1.562  5.207   -5.182  1.00 6.92  ? 130 LEU A CD2 1 
ATOM   960  N  N   . VAL A 1 131 ? -0.881  6.647   -0.470  1.00 4.60  ? 131 VAL A N   1 
ATOM   961  C  CA  . VAL A 1 131 ? 0.336   6.493   0.311   1.00 5.55  ? 131 VAL A CA  1 
ATOM   962  C  C   . VAL A 1 131 ? 0.378   7.596   1.356   1.00 3.97  ? 131 VAL A C   1 
ATOM   963  O  O   . VAL A 1 131 ? 0.273   8.766   0.983   1.00 4.99  ? 131 VAL A O   1 
ATOM   964  C  CB  . VAL A 1 131 ? 1.686   6.616   -0.540  1.00 6.75  ? 131 VAL A CB  1 
ATOM   965  C  CG1 . VAL A 1 131 ? 2.849   6.312   0.419   1.00 4.32  ? 131 VAL A CG1 1 
ATOM   966  C  CG2 . VAL A 1 131 ? 1.717   5.694   -1.762  1.00 2.00  ? 131 VAL A CG2 1 
ATOM   967  N  N   . ARG A 1 132 ? 0.495   7.287   2.646   1.00 5.19  ? 132 ARG A N   1 
ATOM   968  C  CA  . ARG A 1 132 ? 0.767   8.308   3.648   1.00 5.39  ? 132 ARG A CA  1 
ATOM   969  C  C   . ARG A 1 132 ? 2.128   7.979   4.217   1.00 6.31  ? 132 ARG A C   1 
ATOM   970  O  O   . ARG A 1 132 ? 2.398   6.797   4.477   1.00 6.71  ? 132 ARG A O   1 
ATOM   971  C  CB  . ARG A 1 132 ? -0.128  8.275   4.833   1.00 4.21  ? 132 ARG A CB  1 
ATOM   972  C  CG  . ARG A 1 132 ? -0.940  9.520   4.952   1.00 10.08 ? 132 ARG A CG  1 
ATOM   973  C  CD  . ARG A 1 132 ? -0.719  10.291  6.217   1.00 9.70  ? 132 ARG A CD  1 
ATOM   974  N  NE  . ARG A 1 132 ? 0.574   10.932  6.137   1.00 9.98  ? 132 ARG A NE  1 
ATOM   975  C  CZ  . ARG A 1 132 ? 0.861   12.050  6.784   1.00 5.41  ? 132 ARG A CZ  1 
ATOM   976  N  NH1 . ARG A 1 132 ? -0.027  12.688  7.579   1.00 2.47  ? 132 ARG A NH1 1 
ATOM   977  N  NH2 . ARG A 1 132 ? 2.061   12.527  6.505   1.00 2.35  ? 132 ARG A NH2 1 
ATOM   978  N  N   . GLN A 1 133 ? 3.042   8.942   4.344   1.00 7.70  ? 133 GLN A N   1 
ATOM   979  C  CA  . GLN A 1 133 ? 4.255   8.691   5.117   1.00 9.21  ? 133 GLN A CA  1 
ATOM   980  C  C   . GLN A 1 133 ? 3.810   8.850   6.561   1.00 10.68 ? 133 GLN A C   1 
ATOM   981  O  O   . GLN A 1 133 ? 3.018   9.768   6.818   1.00 12.82 ? 133 GLN A O   1 
ATOM   982  C  CB  . GLN A 1 133 ? 5.265   9.714   4.802   1.00 7.29  ? 133 GLN A CB  1 
ATOM   983  C  CG  . GLN A 1 133 ? 6.471   9.591   5.650   1.00 3.27  ? 133 GLN A CG  1 
ATOM   984  C  CD  . GLN A 1 133 ? 7.546   10.489  5.113   1.00 7.16  ? 133 GLN A CD  1 
ATOM   985  O  OE1 . GLN A 1 133 ? 7.487   11.014  4.012   1.00 2.90  ? 133 GLN A OE1 1 
ATOM   986  N  NE2 . GLN A 1 133 ? 8.598   10.694  5.882   1.00 9.37  ? 133 GLN A NE2 1 
ATOM   987  N  N   . ASN A 1 134 ? 4.236   7.977   7.470   1.00 12.86 ? 134 ASN A N   1 
ATOM   988  C  CA  . ASN A 1 134 ? 3.920   8.103   8.885   1.00 10.35 ? 134 ASN A CA  1 
ATOM   989  C  C   . ASN A 1 134 ? 3.993   9.547   9.331   1.00 10.85 ? 134 ASN A C   1 
ATOM   990  O  O   . ASN A 1 134 ? 4.969   10.282  9.088   1.00 14.53 ? 134 ASN A O   1 
ATOM   991  C  CB  . ASN A 1 134 ? 4.876   7.358   9.711   1.00 9.70  ? 134 ASN A CB  1 
ATOM   992  C  CG  . ASN A 1 134 ? 4.305   7.001   11.074  1.00 17.01 ? 134 ASN A CG  1 
ATOM   993  O  OD1 . ASN A 1 134 ? 3.080   7.012   11.295  1.00 15.52 ? 134 ASN A OD1 1 
ATOM   994  N  ND2 . ASN A 1 134 ? 5.162   6.573   12.015  1.00 14.50 ? 134 ASN A ND2 1 
ATOM   995  N  N   . GLY A 1 135 ? 2.880   9.948   9.907   1.00 10.91 ? 135 GLY A N   1 
ATOM   996  C  CA  . GLY A 1 135 ? 2.586   11.303  10.297  1.00 8.86  ? 135 GLY A CA  1 
ATOM   997  C  C   . GLY A 1 135 ? 3.702   11.952  11.077  1.00 10.63 ? 135 GLY A C   1 
ATOM   998  O  O   . GLY A 1 135 ? 4.344   11.365  11.946  1.00 14.42 ? 135 GLY A O   1 
ATOM   999  N  N   . GLY A 1 136 ? 3.898   13.215  10.776  1.00 8.64  ? 136 GLY A N   1 
ATOM   1000 C  CA  . GLY A 1 136 ? 4.910   13.997  11.425  1.00 9.26  ? 136 GLY A CA  1 
ATOM   1001 C  C   . GLY A 1 136 ? 6.320   13.649  10.975  1.00 12.03 ? 136 GLY A C   1 
ATOM   1002 O  O   . GLY A 1 136 ? 7.107   14.597  11.013  1.00 13.98 ? 136 GLY A O   1 
ATOM   1003 N  N   . THR A 1 137 ? 6.701   12.415  10.580  1.00 11.87 ? 137 THR A N   1 
ATOM   1004 C  CA  . THR A 1 137 ? 8.116   12.184  10.282  1.00 10.04 ? 137 THR A CA  1 
ATOM   1005 C  C   . THR A 1 137 ? 8.699   13.064  9.147   1.00 10.79 ? 137 THR A C   1 
ATOM   1006 O  O   . THR A 1 137 ? 8.036   13.570  8.233   1.00 10.38 ? 137 THR A O   1 
ATOM   1007 C  CB  . THR A 1 137 ? 8.329   10.668  9.971   1.00 5.98  ? 137 THR A CB  1 
ATOM   1008 O  OG1 . THR A 1 137 ? 7.812   10.357  8.689   1.00 2.34  ? 137 THR A OG1 1 
ATOM   1009 C  CG2 . THR A 1 137 ? 7.709   9.804   11.057  1.00 4.03  ? 137 THR A CG2 1 
ATOM   1010 N  N   . THR A 1 138 ? 10.006  13.313  9.243   1.00 11.57 ? 138 THR A N   1 
ATOM   1011 C  CA  . THR A 1 138 ? 10.695  14.198  8.319   1.00 10.78 ? 138 THR A CA  1 
ATOM   1012 C  C   . THR A 1 138 ? 11.813  13.538  7.527   1.00 10.89 ? 138 THR A C   1 
ATOM   1013 O  O   . THR A 1 138 ? 12.659  14.201  6.895   1.00 11.56 ? 138 THR A O   1 
ATOM   1014 C  CB  . THR A 1 138 ? 11.249  15.375  9.109   1.00 8.90  ? 138 THR A CB  1 
ATOM   1015 O  OG1 . THR A 1 138 ? 12.015  14.836  10.196  1.00 16.04 ? 138 THR A OG1 1 
ATOM   1016 C  CG2 . THR A 1 138 ? 10.173  16.245  9.627   1.00 7.32  ? 138 THR A CG2 1 
ATOM   1017 N  N   . TYR A 1 139 ? 11.931  12.203  7.625   1.00 9.25  ? 139 TYR A N   1 
ATOM   1018 C  CA  . TYR A 1 139 ? 12.849  11.481  6.745   1.00 7.69  ? 139 TYR A CA  1 
ATOM   1019 C  C   . TYR A 1 139 ? 12.219  11.526  5.334   1.00 8.26  ? 139 TYR A C   1 
ATOM   1020 O  O   . TYR A 1 139 ? 11.048  11.892  5.141   1.00 7.37  ? 139 TYR A O   1 
ATOM   1021 C  CB  . TYR A 1 139 ? 13.065  10.000  7.225   1.00 7.02  ? 139 TYR A CB  1 
ATOM   1022 C  CG  . TYR A 1 139 ? 11.850  9.148   7.581   1.00 3.25  ? 139 TYR A CG  1 
ATOM   1023 C  CD1 . TYR A 1 139 ? 10.947  8.763   6.586   1.00 5.39  ? 139 TYR A CD1 1 
ATOM   1024 C  CD2 . TYR A 1 139 ? 11.617  8.780   8.900   1.00 5.68  ? 139 TYR A CD2 1 
ATOM   1025 C  CE1 . TYR A 1 139 ? 9.811   8.039   6.893   1.00 6.22  ? 139 TYR A CE1 1 
ATOM   1026 C  CE2 . TYR A 1 139 ? 10.469  8.033   9.229   1.00 7.09  ? 139 TYR A CE2 1 
ATOM   1027 C  CZ  . TYR A 1 139 ? 9.564   7.684   8.212   1.00 6.12  ? 139 TYR A CZ  1 
ATOM   1028 O  OH  . TYR A 1 139 ? 8.339   7.109   8.504   1.00 6.52  ? 139 TYR A OH  1 
ATOM   1029 N  N   . LYS A 1 140 ? 13.058  11.212  4.356   1.00 7.96  ? 140 LYS A N   1 
ATOM   1030 C  CA  . LYS A 1 140 ? 12.724  11.218  2.950   1.00 5.66  ? 140 LYS A CA  1 
ATOM   1031 C  C   . LYS A 1 140 ? 12.052  9.931   2.481   1.00 5.89  ? 140 LYS A C   1 
ATOM   1032 O  O   . LYS A 1 140 ? 12.567  8.845   2.728   1.00 5.99  ? 140 LYS A O   1 
ATOM   1033 C  CB  . LYS A 1 140 ? 13.988  11.453  2.172   1.00 2.00  ? 140 LYS A CB  1 
ATOM   1034 C  CG  . LYS A 1 140 ? 13.632  11.599  0.715   1.00 3.14  ? 140 LYS A CG  1 
ATOM   1035 C  CD  . LYS A 1 140 ? 14.831  12.046  -0.057  1.00 5.05  ? 140 LYS A CD  1 
ATOM   1036 C  CE  . LYS A 1 140 ? 14.479  11.886  -1.502  1.00 10.48 ? 140 LYS A CE  1 
ATOM   1037 N  NZ  . LYS A 1 140 ? 15.605  12.230  -2.351  1.00 14.02 ? 140 LYS A NZ  1 
ATOM   1038 N  N   . VAL A 1 141 ? 10.860  10.036  1.902   1.00 4.69  ? 141 VAL A N   1 
ATOM   1039 C  CA  . VAL A 1 141 ? 10.249  8.919   1.232   1.00 5.03  ? 141 VAL A CA  1 
ATOM   1040 C  C   . VAL A 1 141 ? 10.075  9.418   -0.208  1.00 5.50  ? 141 VAL A C   1 
ATOM   1041 O  O   . VAL A 1 141 ? 9.716   10.591  -0.443  1.00 2.59  ? 141 VAL A O   1 
ATOM   1042 C  CB  . VAL A 1 141 ? 8.876   8.575   1.823   1.00 5.15  ? 141 VAL A CB  1 
ATOM   1043 C  CG1 . VAL A 1 141 ? 8.237   7.457   0.949   1.00 4.77  ? 141 VAL A CG1 1 
ATOM   1044 C  CG2 . VAL A 1 141 ? 8.984   8.060   3.232   1.00 6.55  ? 141 VAL A CG2 1 
ATOM   1045 N  N   . VAL A 1 142 ? 10.403  8.574   -1.197  1.00 4.24  ? 142 VAL A N   1 
ATOM   1046 C  CA  . VAL A 1 142 ? 10.184  8.866   -2.612  1.00 5.16  ? 142 VAL A CA  1 
ATOM   1047 C  C   . VAL A 1 142 ? 8.910   8.115   -3.001  1.00 4.89  ? 142 VAL A C   1 
ATOM   1048 O  O   . VAL A 1 142 ? 8.897   6.871   -2.958  1.00 4.81  ? 142 VAL A O   1 
ATOM   1049 C  CB  . VAL A 1 142 ? 11.415  8.376   -3.450  1.00 6.55  ? 142 VAL A CB  1 
ATOM   1050 C  CG1 . VAL A 1 142 ? 11.164  8.360   -4.971  1.00 5.15  ? 142 VAL A CG1 1 
ATOM   1051 C  CG2 . VAL A 1 142 ? 12.555  9.337   -3.180  1.00 4.19  ? 142 VAL A CG2 1 
ATOM   1052 N  N   . MET A 1 143 ? 7.839   8.815   -3.364  1.00 6.21  ? 143 MET A N   1 
ATOM   1053 C  CA  . MET A 1 143 ? 6.598   8.139   -3.741  1.00 5.59  ? 143 MET A CA  1 
ATOM   1054 C  C   . MET A 1 143 ? 6.363   8.234   -5.242  1.00 7.53  ? 143 MET A C   1 
ATOM   1055 O  O   . MET A 1 143 ? 6.375   9.325   -5.840  1.00 8.58  ? 143 MET A O   1 
ATOM   1056 C  CB  . MET A 1 143 ? 5.430   8.748   -3.000  1.00 4.39  ? 143 MET A CB  1 
ATOM   1057 C  CG  . MET A 1 143 ? 5.653   8.728   -1.508  1.00 2.00  ? 143 MET A CG  1 
ATOM   1058 S  SD  . MET A 1 143 ? 4.336   9.539   -0.582  1.00 7.08  ? 143 MET A SD  1 
ATOM   1059 C  CE  . MET A 1 143 ? 4.966   9.389   1.072   1.00 3.01  ? 143 MET A CE  1 
ATOM   1060 N  N   . ASN A 1 144 ? 6.113   7.099   -5.902  1.00 6.73  ? 144 ASN A N   1 
ATOM   1061 C  CA  . ASN A 1 144 ? 6.006   7.140   -7.349  1.00 5.40  ? 144 ASN A CA  1 
ATOM   1062 C  C   . ASN A 1 144 ? 4.837   6.309   -7.868  1.00 5.73  ? 144 ASN A C   1 
ATOM   1063 O  O   . ASN A 1 144 ? 4.743   5.136   -7.508  1.00 6.02  ? 144 ASN A O   1 
ATOM   1064 C  CB  . ASN A 1 144 ? 7.368   6.686   -7.898  1.00 2.41  ? 144 ASN A CB  1 
ATOM   1065 C  CG  . ASN A 1 144 ? 7.333   6.484   -9.398  1.00 5.87  ? 144 ASN A CG  1 
ATOM   1066 O  OD1 . ASN A 1 144 ? 6.877   7.329   -10.167 1.00 7.84  ? 144 ASN A OD1 1 
ATOM   1067 N  ND2 . ASN A 1 144 ? 7.814   5.352   -9.872  1.00 4.19  ? 144 ASN A ND2 1 
ATOM   1068 N  N   . VAL A 1 145 ? 3.932   6.902   -8.677  1.00 7.48  ? 145 VAL A N   1 
ATOM   1069 C  CA  . VAL A 1 145 ? 2.707   6.276   -9.164  1.00 5.35  ? 145 VAL A CA  1 
ATOM   1070 C  C   . VAL A 1 145 ? 2.721   6.333   -10.671 1.00 7.09  ? 145 VAL A C   1 
ATOM   1071 O  O   . VAL A 1 145 ? 2.783   7.434   -11.229 1.00 7.94  ? 145 VAL A O   1 
ATOM   1072 C  CB  . VAL A 1 145 ? 1.458   7.011   -8.681  1.00 3.11  ? 145 VAL A CB  1 
ATOM   1073 C  CG1 . VAL A 1 145 ? 0.200   6.340   -9.211  1.00 3.28  ? 145 VAL A CG1 1 
ATOM   1074 C  CG2 . VAL A 1 145 ? 1.401   6.928   -7.182  1.00 2.00  ? 145 VAL A CG2 1 
ATOM   1075 N  N   . GLU A 1 146 ? 2.653   5.181   -11.343 1.00 4.50  ? 146 GLU A N   1 
ATOM   1076 C  CA  . GLU A 1 146 ? 2.714   5.170   -12.785 1.00 5.92  ? 146 GLU A CA  1 
ATOM   1077 C  C   . GLU A 1 146 ? 1.599   4.380   -13.408 1.00 3.16  ? 146 GLU A C   1 
ATOM   1078 O  O   . GLU A 1 146 ? 1.332   3.259   -12.980 1.00 2.85  ? 146 GLU A O   1 
ATOM   1079 C  CB  . GLU A 1 146 ? 3.969   4.558   -13.258 1.00 7.80  ? 146 GLU A CB  1 
ATOM   1080 C  CG  . GLU A 1 146 ? 5.190   5.412   -13.066 1.00 14.54 ? 146 GLU A CG  1 
ATOM   1081 C  CD  . GLU A 1 146 ? 6.498   4.726   -13.448 1.00 16.01 ? 146 GLU A CD  1 
ATOM   1082 O  OE1 . GLU A 1 146 ? 6.544   3.514   -13.677 1.00 19.06 ? 146 GLU A OE1 1 
ATOM   1083 O  OE2 . GLU A 1 146 ? 7.491   5.437   -13.519 1.00 17.33 ? 146 GLU A OE2 1 
ATOM   1084 N  N   . ASN A 1 147 ? 0.905   4.910   -14.410 1.00 2.60  ? 147 ASN A N   1 
ATOM   1085 C  CA  . ASN A 1 147 ? -0.103  4.134   -15.160 1.00 4.60  ? 147 ASN A CA  1 
ATOM   1086 C  C   . ASN A 1 147 ? -1.148  3.435   -14.294 1.00 5.33  ? 147 ASN A C   1 
ATOM   1087 O  O   . ASN A 1 147 ? -1.444  2.230   -14.423 1.00 4.99  ? 147 ASN A O   1 
ATOM   1088 C  CB  . ASN A 1 147 ? 0.593   3.078   -16.043 1.00 7.41  ? 147 ASN A CB  1 
ATOM   1089 C  CG  . ASN A 1 147 ? 1.437   3.620   -17.190 1.00 8.98  ? 147 ASN A CG  1 
ATOM   1090 O  OD1 . ASN A 1 147 ? 0.987   3.670   -18.331 1.00 14.43 ? 147 ASN A OD1 1 
ATOM   1091 N  ND2 . ASN A 1 147 ? 2.719   3.972   -17.069 1.00 8.19  ? 147 ASN A ND2 1 
ATOM   1092 N  N   . CYS A 1 148 ? -1.628  4.164   -13.259 1.00 3.88  ? 148 CYS A N   1 
ATOM   1093 C  CA  . CYS A 1 148 ? -2.663  3.678   -12.349 1.00 2.78  ? 148 CYS A CA  1 
ATOM   1094 C  C   . CYS A 1 148 ? -4.041  4.248   -12.670 1.00 2.00  ? 148 CYS A C   1 
ATOM   1095 O  O   . CYS A 1 148 ? -4.174  5.056   -13.593 1.00 2.24  ? 148 CYS A O   1 
ATOM   1096 C  CB  . CYS A 1 148 ? -2.318  4.057   -10.938 1.00 2.65  ? 148 CYS A CB  1 
ATOM   1097 S  SG  . CYS A 1 148 ? -0.802  3.313   -10.329 1.00 8.20  ? 148 CYS A SG  1 
ATOM   1098 N  N   . ASN A 1 149 ? -5.049  3.749   -11.974 1.00 2.00  ? 149 ASN A N   1 
ATOM   1099 C  CA  . ASN A 1 149 ? -6.395  4.284   -12.023 1.00 4.90  ? 149 ASN A CA  1 
ATOM   1100 C  C   . ASN A 1 149 ? -6.969  4.276   -10.572 1.00 4.32  ? 149 ASN A C   1 
ATOM   1101 O  O   . ASN A 1 149 ? -7.228  3.253   -9.916  1.00 3.58  ? 149 ASN A O   1 
ATOM   1102 C  CB  . ASN A 1 149 ? -7.208  3.432   -13.023 1.00 2.00  ? 149 ASN A CB  1 
ATOM   1103 C  CG  . ASN A 1 149 ? -8.653  3.860   -13.131 1.00 4.06  ? 149 ASN A CG  1 
ATOM   1104 O  OD1 . ASN A 1 149 ? -9.091  4.785   -12.455 1.00 3.59  ? 149 ASN A OD1 1 
ATOM   1105 N  ND2 . ASN A 1 149 ? -9.457  3.220   -13.965 1.00 2.00  ? 149 ASN A ND2 1 
ATOM   1106 N  N   . ILE A 1 150 ? -6.997  5.508   -10.049 1.00 4.34  ? 150 ILE A N   1 
ATOM   1107 C  CA  . ILE A 1 150 ? -7.316  5.808   -8.671  1.00 2.71  ? 150 ILE A CA  1 
ATOM   1108 C  C   . ILE A 1 150 ? -8.654  6.539   -8.523  1.00 2.40  ? 150 ILE A C   1 
ATOM   1109 O  O   . ILE A 1 150 ? -8.795  7.641   -9.051  1.00 3.52  ? 150 ILE A O   1 
ATOM   1110 C  CB  . ILE A 1 150 ? -6.123  6.653   -8.060  1.00 2.00  ? 150 ILE A CB  1 
ATOM   1111 C  CG1 . ILE A 1 150 ? -4.762  5.963   -8.306  1.00 2.00  ? 150 ILE A CG1 1 
ATOM   1112 C  CG2 . ILE A 1 150 ? -6.366  6.850   -6.551  1.00 2.00  ? 150 ILE A CG2 1 
ATOM   1113 C  CD1 . ILE A 1 150 ? -4.534  4.467   -7.873  1.00 2.00  ? 150 ILE A CD1 1 
ATOM   1114 N  N   . SER A 1 151 ? -9.680  6.058   -7.803  1.00 2.01  ? 151 SER A N   1 
ATOM   1115 C  CA  . SER A 1 151 ? -10.919 6.788   -7.669  1.00 2.85  ? 151 SER A CA  1 
ATOM   1116 C  C   . SER A 1 151 ? -11.494 6.812   -6.251  1.00 4.56  ? 151 SER A C   1 
ATOM   1117 O  O   . SER A 1 151 ? -11.268 5.943   -5.398  1.00 5.91  ? 151 SER A O   1 
ATOM   1118 C  CB  . SER A 1 151 ? -11.890 6.185   -8.684  1.00 2.00  ? 151 SER A CB  1 
ATOM   1119 O  OG  . SER A 1 151 ? -12.038 4.782   -8.559  1.00 2.97  ? 151 SER A OG  1 
ATOM   1120 N  N   . ARG A 1 152 ? -12.278 7.853   -5.965  1.00 4.88  ? 152 ARG A N   1 
ATOM   1121 C  CA  . ARG A 1 152 ? -12.943 8.075   -4.685  1.00 4.34  ? 152 ARG A CA  1 
ATOM   1122 C  C   . ARG A 1 152 ? -11.990 8.014   -3.500  1.00 4.58  ? 152 ARG A C   1 
ATOM   1123 O  O   . ARG A 1 152 ? -11.922 7.130   -2.636  1.00 3.20  ? 152 ARG A O   1 
ATOM   1124 C  CB  . ARG A 1 152 ? -14.076 7.070   -4.519  1.00 4.25  ? 152 ARG A CB  1 
ATOM   1125 C  CG  . ARG A 1 152 ? -15.103 7.225   -5.639  1.00 3.23  ? 152 ARG A CG  1 
ATOM   1126 C  CD  . ARG A 1 152 ? -16.342 6.455   -5.262  1.00 10.59 ? 152 ARG A CD  1 
ATOM   1127 N  NE  . ARG A 1 152 ? -16.469 5.214   -6.007  1.00 14.03 ? 152 ARG A NE  1 
ATOM   1128 C  CZ  . ARG A 1 152 ? -16.945 4.088   -5.474  1.00 15.46 ? 152 ARG A CZ  1 
ATOM   1129 N  NH1 . ARG A 1 152 ? -17.018 3.011   -6.247  1.00 12.76 ? 152 ARG A NH1 1 
ATOM   1130 N  NH2 . ARG A 1 152 ? -17.301 3.992   -4.184  1.00 21.76 ? 152 ARG A NH2 1 
ATOM   1131 N  N   . VAL A 1 153 ? -11.237 9.107   -3.531  1.00 2.88  ? 153 VAL A N   1 
ATOM   1132 C  CA  . VAL A 1 153 ? -10.209 9.335   -2.563  1.00 2.00  ? 153 VAL A CA  1 
ATOM   1133 C  C   . VAL A 1 153 ? -10.720 10.328  -1.520  1.00 3.93  ? 153 VAL A C   1 
ATOM   1134 O  O   . VAL A 1 153 ? -11.139 11.427  -1.864  1.00 3.25  ? 153 VAL A O   1 
ATOM   1135 C  CB  . VAL A 1 153 ? -9.003  9.862   -3.303  1.00 2.00  ? 153 VAL A CB  1 
ATOM   1136 C  CG1 . VAL A 1 153 ? -7.855  10.080  -2.346  1.00 2.00  ? 153 VAL A CG1 1 
ATOM   1137 C  CG2 . VAL A 1 153 ? -8.587  8.834   -4.349  1.00 2.00  ? 153 VAL A CG2 1 
ATOM   1138 N  N   . LYS A 1 154 ? -10.688 9.982   -0.230  1.00 3.35  ? 154 LYS A N   1 
ATOM   1139 C  CA  . LYS A 1 154 ? -11.165 10.900  0.789   1.00 5.59  ? 154 LYS A CA  1 
ATOM   1140 C  C   . LYS A 1 154 ? -10.291 12.142  0.915   1.00 6.30  ? 154 LYS A C   1 
ATOM   1141 O  O   . LYS A 1 154 ? -10.783 13.266  1.117   1.00 6.33  ? 154 LYS A O   1 
ATOM   1142 C  CB  . LYS A 1 154 ? -11.233 10.169  2.151   1.00 2.22  ? 154 LYS A CB  1 
ATOM   1143 C  CG  . LYS A 1 154 ? -12.252 9.043   2.110   1.00 2.00  ? 154 LYS A CG  1 
ATOM   1144 C  CD  . LYS A 1 154 ? -12.239 8.395   3.473   1.00 4.70  ? 154 LYS A CD  1 
ATOM   1145 C  CE  . LYS A 1 154 ? -13.332 7.346   3.552   1.00 6.20  ? 154 LYS A CE  1 
ATOM   1146 N  NZ  . LYS A 1 154 ? -13.143 6.500   4.706   1.00 2.22  ? 154 LYS A NZ  1 
ATOM   1147 N  N   . ASP A 1 155 ? -8.979  11.926  0.816   1.00 2.95  ? 155 ASP A N   1 
ATOM   1148 C  CA  . ASP A 1 155 ? -8.096  13.011  1.094   1.00 3.76  ? 155 ASP A CA  1 
ATOM   1149 C  C   . ASP A 1 155 ? -7.091  13.380  0.029   1.00 2.35  ? 155 ASP A C   1 
ATOM   1150 O  O   . ASP A 1 155 ? -7.186  14.509  -0.425  1.00 3.57  ? 155 ASP A O   1 
ATOM   1151 C  CB  . ASP A 1 155 ? -7.439  12.647  2.424   1.00 7.69  ? 155 ASP A CB  1 
ATOM   1152 C  CG  . ASP A 1 155 ? -6.316  13.524  2.965   1.00 8.78  ? 155 ASP A CG  1 
ATOM   1153 O  OD1 . ASP A 1 155 ? -6.331  14.742  2.796   1.00 12.55 ? 155 ASP A OD1 1 
ATOM   1154 O  OD2 . ASP A 1 155 ? -5.425  12.969  3.577   1.00 5.10  ? 155 ASP A OD2 1 
ATOM   1155 N  N   . ALA A 1 156 ? -6.155  12.527  -0.360  1.00 2.00  ? 156 ALA A N   1 
ATOM   1156 C  CA  . ALA A 1 156 ? -5.081  12.912  -1.279  1.00 2.52  ? 156 ALA A CA  1 
ATOM   1157 C  C   . ALA A 1 156 ? -4.538  11.613  -1.879  1.00 3.15  ? 156 ALA A C   1 
ATOM   1158 O  O   . ALA A 1 156 ? -4.832  10.558  -1.314  1.00 2.00  ? 156 ALA A O   1 
ATOM   1159 C  CB  . ALA A 1 156 ? -3.932  13.614  -0.527  1.00 2.00  ? 156 ALA A CB  1 
ATOM   1160 N  N   . ILE A 1 157 ? -3.823  11.554  -3.012  1.00 2.77  ? 157 ILE A N   1 
ATOM   1161 C  CA  . ILE A 1 157 ? -3.283  10.265  -3.467  1.00 5.40  ? 157 ILE A CA  1 
ATOM   1162 C  C   . ILE A 1 157 ? -1.980  10.032  -2.664  1.00 5.07  ? 157 ILE A C   1 
ATOM   1163 O  O   . ILE A 1 157 ? -1.811  8.997   -1.987  1.00 3.81  ? 157 ILE A O   1 
ATOM   1164 C  CB  . ILE A 1 157 ? -3.067  10.320  -5.039  1.00 4.85  ? 157 ILE A CB  1 
ATOM   1165 C  CG1 . ILE A 1 157 ? -4.462  10.362  -5.681  1.00 2.00  ? 157 ILE A CG1 1 
ATOM   1166 C  CG2 . ILE A 1 157 ? -2.237  9.143   -5.576  1.00 2.00  ? 157 ILE A CG2 1 
ATOM   1167 C  CD1 . ILE A 1 157 ? -4.435  10.380  -7.223  1.00 5.30  ? 157 ILE A CD1 1 
ATOM   1168 N  N   . LEU A 1 158 ? -1.107  11.038  -2.672  1.00 3.28  ? 158 LEU A N   1 
ATOM   1169 C  CA  . LEU A 1 158 ? 0.165   11.018  -1.995  1.00 3.56  ? 158 LEU A CA  1 
ATOM   1170 C  C   . LEU A 1 158 ? 0.142   12.048  -0.862  1.00 2.32  ? 158 LEU A C   1 
ATOM   1171 O  O   . LEU A 1 158 ? -0.291  13.175  -1.085  1.00 2.00  ? 158 LEU A O   1 
ATOM   1172 C  CB  . LEU A 1 158 ? 1.222   11.317  -3.072  1.00 2.67  ? 158 LEU A CB  1 
ATOM   1173 C  CG  . LEU A 1 158 ? 2.026   10.176  -3.745  1.00 6.69  ? 158 LEU A CG  1 
ATOM   1174 C  CD1 . LEU A 1 158 ? 1.283   8.828   -3.760  1.00 2.00  ? 158 LEU A CD1 1 
ATOM   1175 C  CD2 . LEU A 1 158 ? 2.415   10.674  -5.089  1.00 2.00  ? 158 LEU A CD2 1 
ATOM   1176 N  N   . ARG A 1 159 ? 0.528   11.660  0.366   1.00 2.92  ? 159 ARG A N   1 
ATOM   1177 C  CA  . ARG A 1 159 ? 0.601   12.542  1.518   1.00 5.38  ? 159 ARG A CA  1 
ATOM   1178 C  C   . ARG A 1 159 ? 1.868   12.346  2.387   1.00 4.90  ? 159 ARG A C   1 
ATOM   1179 O  O   . ARG A 1 159 ? 2.311   11.236  2.675   1.00 3.79  ? 159 ARG A O   1 
ATOM   1180 C  CB  . ARG A 1 159 ? -0.663  12.334  2.362   1.00 5.29  ? 159 ARG A CB  1 
ATOM   1181 C  CG  . ARG A 1 159 ? -0.794  13.439  3.409   1.00 2.72  ? 159 ARG A CG  1 
ATOM   1182 C  CD  . ARG A 1 159 ? -2.149  13.491  4.092   1.00 3.20  ? 159 ARG A CD  1 
ATOM   1183 N  NE  . ARG A 1 159 ? -2.105  14.583  5.047   1.00 6.02  ? 159 ARG A NE  1 
ATOM   1184 C  CZ  . ARG A 1 159 ? -3.066  14.888  5.923   1.00 5.92  ? 159 ARG A CZ  1 
ATOM   1185 N  NH1 . ARG A 1 159 ? -2.891  15.908  6.762   1.00 9.27  ? 159 ARG A NH1 1 
ATOM   1186 N  NH2 . ARG A 1 159 ? -4.212  14.249  5.966   1.00 7.29  ? 159 ARG A NH2 1 
ATOM   1187 N  N   . THR A 1 160 ? 2.499   13.436  2.829   1.00 8.03  ? 160 THR A N   1 
ATOM   1188 C  CA  . THR A 1 160 ? 3.733   13.471  3.609   1.00 6.30  ? 160 THR A CA  1 
ATOM   1189 C  C   . THR A 1 160 ? 3.646   14.751  4.449   1.00 8.88  ? 160 THR A C   1 
ATOM   1190 O  O   . THR A 1 160 ? 2.777   15.594  4.235   1.00 7.17  ? 160 THR A O   1 
ATOM   1191 C  CB  . THR A 1 160 ? 5.015   13.529  2.655   1.00 5.52  ? 160 THR A CB  1 
ATOM   1192 O  OG1 . THR A 1 160 ? 6.073   13.335  3.564   1.00 6.99  ? 160 THR A OG1 1 
ATOM   1193 C  CG2 . THR A 1 160 ? 5.379   14.847  1.970   1.00 2.00  ? 160 THR A CG2 1 
ATOM   1194 N  N   . ASP A 1 161 ? 4.623   14.877  5.374   1.00 9.98  ? 161 ASP A N   1 
ATOM   1195 C  CA  . ASP A 1 161 ? 4.885   16.005  6.258   1.00 8.33  ? 161 ASP A CA  1 
ATOM   1196 C  C   . ASP A 1 161 ? 6.348   16.387  6.240   1.00 7.61  ? 161 ASP A C   1 
ATOM   1197 O  O   . ASP A 1 161 ? 6.777   17.363  6.865   1.00 7.16  ? 161 ASP A O   1 
ATOM   1198 C  CB  . ASP A 1 161 ? 4.545   15.698  7.696   1.00 11.06 ? 161 ASP A CB  1 
ATOM   1199 C  CG  . ASP A 1 161 ? 3.070   15.505  7.886   1.00 13.24 ? 161 ASP A CG  1 
ATOM   1200 O  OD1 . ASP A 1 161 ? 2.293   16.381  7.494   1.00 16.06 ? 161 ASP A OD1 1 
ATOM   1201 O  OD2 . ASP A 1 161 ? 2.706   14.467  8.418   1.00 15.60 ? 161 ASP A OD2 1 
ATOM   1202 N  N   . SER A 1 162 ? 7.127   15.624  5.480   1.00 7.91  ? 162 SER A N   1 
ATOM   1203 C  CA  . SER A 1 162 ? 8.555   15.831  5.301   1.00 4.23  ? 162 SER A CA  1 
ATOM   1204 C  C   . SER A 1 162 ? 8.789   16.704  4.075   1.00 5.15  ? 162 SER A C   1 
ATOM   1205 O  O   . SER A 1 162 ? 8.278   16.519  2.943   1.00 5.63  ? 162 SER A O   1 
ATOM   1206 C  CB  . SER A 1 162 ? 9.138   14.444  5.187   1.00 2.00  ? 162 SER A CB  1 
ATOM   1207 O  OG  . SER A 1 162 ? 10.375  14.455  4.529   1.00 8.55  ? 162 SER A OG  1 
ATOM   1208 N  N   . SER A 1 163 ? 9.647   17.682  4.315   1.00 7.07  ? 163 SER A N   1 
ATOM   1209 C  CA  . SER A 1 163 ? 10.024  18.568  3.238   1.00 7.16  ? 163 SER A CA  1 
ATOM   1210 C  C   . SER A 1 163 ? 11.049  17.947  2.281   1.00 10.50 ? 163 SER A C   1 
ATOM   1211 O  O   . SER A 1 163 ? 11.435  18.588  1.290   1.00 13.24 ? 163 SER A O   1 
ATOM   1212 C  CB  . SER A 1 163 ? 10.594  19.837  3.798   1.00 6.90  ? 163 SER A CB  1 
ATOM   1213 O  OG  . SER A 1 163 ? 11.790  19.590  4.518   1.00 7.20  ? 163 SER A OG  1 
ATOM   1214 N  N   . THR A 1 164 ? 11.521  16.719  2.501   1.00 8.12  ? 164 THR A N   1 
ATOM   1215 C  CA  . THR A 1 164 ? 12.417  16.094  1.559   1.00 4.17  ? 164 THR A CA  1 
ATOM   1216 C  C   . THR A 1 164 ? 11.712  14.968  0.790   1.00 3.33  ? 164 THR A C   1 
ATOM   1217 O  O   . THR A 1 164 ? 12.269  14.394  -0.159  1.00 2.00  ? 164 THR A O   1 
ATOM   1218 C  CB  . THR A 1 164 ? 13.642  15.602  2.371   1.00 5.50  ? 164 THR A CB  1 
ATOM   1219 O  OG1 . THR A 1 164 ? 13.198  15.137  3.643   1.00 2.27  ? 164 THR A OG1 1 
ATOM   1220 C  CG2 . THR A 1 164 ? 14.683  16.716  2.516   1.00 4.11  ? 164 THR A CG2 1 
ATOM   1221 N  N   . SER A 1 165 ? 10.486  14.558  1.169   1.00 2.00  ? 165 SER A N   1 
ATOM   1222 C  CA  . SER A 1 165 ? 9.811   13.513  0.416   1.00 2.11  ? 165 SER A CA  1 
ATOM   1223 C  C   . SER A 1 165 ? 9.390   14.030  -0.963  1.00 3.18  ? 165 SER A C   1 
ATOM   1224 O  O   . SER A 1 165 ? 9.111   15.235  -1.119  1.00 2.00  ? 165 SER A O   1 
ATOM   1225 C  CB  . SER A 1 165 ? 8.623   13.024  1.198   1.00 2.00  ? 165 SER A CB  1 
ATOM   1226 O  OG  . SER A 1 165 ? 9.112   12.455  2.394   1.00 2.00  ? 165 SER A OG  1 
ATOM   1227 N  N   . THR A 1 166 ? 9.445   13.165  -2.000  1.00 3.73  ? 166 THR A N   1 
ATOM   1228 C  CA  . THR A 1 166 ? 9.064   13.566  -3.343  1.00 3.60  ? 166 THR A CA  1 
ATOM   1229 C  C   . THR A 1 166 ? 7.864   12.747  -3.793  1.00 3.93  ? 166 THR A C   1 
ATOM   1230 O  O   . THR A 1 166 ? 7.676   11.622  -3.320  1.00 2.13  ? 166 THR A O   1 
ATOM   1231 C  CB  . THR A 1 166 ? 10.270  13.386  -4.296  1.00 2.00  ? 166 THR A CB  1 
ATOM   1232 O  OG1 . THR A 1 166 ? 10.635  12.016  -4.358  1.00 3.08  ? 166 THR A OG1 1 
ATOM   1233 C  CG2 . THR A 1 166 ? 11.473  14.181  -3.800  1.00 2.00  ? 166 THR A CG2 1 
ATOM   1234 N  N   . GLY A 1 167 ? 7.018   13.313  -4.648  1.00 4.92  ? 167 GLY A N   1 
ATOM   1235 C  CA  . GLY A 1 167 ? 5.855   12.603  -5.134  1.00 5.86  ? 167 GLY A CA  1 
ATOM   1236 C  C   . GLY A 1 167 ? 5.795   12.757  -6.631  1.00 6.11  ? 167 GLY A C   1 
ATOM   1237 O  O   . GLY A 1 167 ? 5.928   13.869  -7.160  1.00 6.24  ? 167 GLY A O   1 
ATOM   1238 N  N   . ARG A 1 168 ? 5.573   11.648  -7.313  1.00 7.06  ? 168 ARG A N   1 
ATOM   1239 C  CA  . ARG A 1 168 ? 5.555   11.636  -8.760  1.00 6.59  ? 168 ARG A CA  1 
ATOM   1240 C  C   . ARG A 1 168 ? 4.290   10.907  -9.213  1.00 7.69  ? 168 ARG A C   1 
ATOM   1241 O  O   . ARG A 1 168 ? 4.085   9.761   -8.775  1.00 5.23  ? 168 ARG A O   1 
ATOM   1242 C  CB  . ARG A 1 168 ? 6.812   10.924  -9.237  1.00 6.44  ? 168 ARG A CB  1 
ATOM   1243 C  CG  . ARG A 1 168 ? 6.810   10.995  -10.738 1.00 7.19  ? 168 ARG A CG  1 
ATOM   1244 C  CD  . ARG A 1 168 ? 8.091   10.432  -11.282 1.00 11.62 ? 168 ARG A CD  1 
ATOM   1245 N  NE  . ARG A 1 168 ? 8.043   10.473  -12.737 1.00 14.00 ? 168 ARG A NE  1 
ATOM   1246 C  CZ  . ARG A 1 168 ? 7.952   9.371   -13.480 1.00 10.00 ? 168 ARG A CZ  1 
ATOM   1247 N  NH1 . ARG A 1 168 ? 7.915   9.496   -14.798 1.00 14.53 ? 168 ARG A NH1 1 
ATOM   1248 N  NH2 . ARG A 1 168 ? 7.866   8.168   -12.933 1.00 6.79  ? 168 ARG A NH2 1 
ATOM   1249 N  N   . ILE A 1 169 ? 3.363   11.543  -9.971  1.00 6.62  ? 169 ILE A N   1 
ATOM   1250 C  CA  . ILE A 1 169 ? 2.201   10.794  -10.467 1.00 5.99  ? 169 ILE A CA  1 
ATOM   1251 C  C   . ILE A 1 169 ? 2.204   10.965  -11.977 1.00 5.98  ? 169 ILE A C   1 
ATOM   1252 O  O   . ILE A 1 169 ? 2.254   12.090  -12.480 1.00 7.83  ? 169 ILE A O   1 
ATOM   1253 C  CB  . ILE A 1 169 ? 0.886   11.304  -9.840  1.00 6.97  ? 169 ILE A CB  1 
ATOM   1254 C  CG1 . ILE A 1 169 ? 0.906   11.017  -8.339  1.00 4.56  ? 169 ILE A CG1 1 
ATOM   1255 C  CG2 . ILE A 1 169 ? -0.328  10.597  -10.491 1.00 6.24  ? 169 ILE A CG2 1 
ATOM   1256 C  CD1 . ILE A 1 169 ? -0.271  11.699  -7.651  1.00 5.74  ? 169 ILE A CD1 1 
ATOM   1257 N  N   . VAL A 1 170 ? 2.195   9.868   -12.720 1.00 5.88  ? 170 VAL A N   1 
ATOM   1258 C  CA  . VAL A 1 170 ? 2.475   9.895   -14.135 1.00 4.25  ? 170 VAL A CA  1 
ATOM   1259 C  C   . VAL A 1 170 ? 1.477   8.989   -14.792 1.00 6.22  ? 170 VAL A C   1 
ATOM   1260 O  O   . VAL A 1 170 ? 1.251   7.878   -14.304 1.00 9.89  ? 170 VAL A O   1 
ATOM   1261 C  CB  . VAL A 1 170 ? 3.969   9.444   -14.220 1.00 5.00  ? 170 VAL A CB  1 
ATOM   1262 C  CG1 . VAL A 1 170 ? 4.296   8.417   -15.302 1.00 9.93  ? 170 VAL A CG1 1 
ATOM   1263 C  CG2 . VAL A 1 170 ? 4.741   10.724  -14.457 1.00 4.45  ? 170 VAL A CG2 1 
ATOM   1264 N  N   . ASN A 1 171 ? 0.884   9.440   -15.893 1.00 5.85  ? 171 ASN A N   1 
ATOM   1265 C  CA  . ASN A 1 171 ? 0.002   8.646   -16.755 1.00 5.20  ? 171 ASN A CA  1 
ATOM   1266 C  C   . ASN A 1 171 ? -1.075  7.929   -15.986 1.00 4.45  ? 171 ASN A C   1 
ATOM   1267 O  O   . ASN A 1 171 ? -1.264  6.734   -16.142 1.00 3.31  ? 171 ASN A O   1 
ATOM   1268 C  CB  . ASN A 1 171 ? 0.834   7.624   -17.532 1.00 4.82  ? 171 ASN A CB  1 
ATOM   1269 C  CG  . ASN A 1 171 ? 1.885   8.297   -18.373 1.00 7.39  ? 171 ASN A CG  1 
ATOM   1270 O  OD1 . ASN A 1 171 ? 1.603   9.298   -19.027 1.00 11.65 ? 171 ASN A OD1 1 
ATOM   1271 N  ND2 . ASN A 1 171 ? 3.154   7.893   -18.369 1.00 8.19  ? 171 ASN A ND2 1 
ATOM   1272 N  N   . THR A 1 172 ? -1.718  8.595   -15.052 1.00 5.35  ? 172 THR A N   1 
ATOM   1273 C  CA  . THR A 1 172 ? -2.689  7.949   -14.200 1.00 4.15  ? 172 THR A CA  1 
ATOM   1274 C  C   . THR A 1 172 ? -4.051  8.594   -14.432 1.00 3.70  ? 172 THR A C   1 
ATOM   1275 O  O   . THR A 1 172 ? -4.157  9.800   -14.622 1.00 2.00  ? 172 THR A O   1 
ATOM   1276 C  CB  . THR A 1 172 ? -2.104  8.120   -12.771 1.00 3.57  ? 172 THR A CB  1 
ATOM   1277 O  OG1 . THR A 1 172 ? -0.955  7.283   -12.787 1.00 2.00  ? 172 THR A OG1 1 
ATOM   1278 C  CG2 . THR A 1 172 ? -3.024  7.805   -11.604 1.00 2.00  ? 172 THR A CG2 1 
ATOM   1279 N  N   . ARG A 1 173 ? -5.076  7.747   -14.405 1.00 5.48  ? 173 ARG A N   1 
ATOM   1280 C  CA  . ARG A 1 173 ? -6.472  8.141   -14.474 1.00 7.77  ? 173 ARG A CA  1 
ATOM   1281 C  C   . ARG A 1 173 ? -6.935  8.313   -13.035 1.00 6.60  ? 173 ARG A C   1 
ATOM   1282 O  O   . ARG A 1 173 ? -6.642  7.456   -12.180 1.00 6.28  ? 173 ARG A O   1 
ATOM   1283 C  CB  . ARG A 1 173 ? -7.452  7.090   -15.041 1.00 8.21  ? 173 ARG A CB  1 
ATOM   1284 C  CG  . ARG A 1 173 ? -7.077  6.229   -16.219 1.00 13.31 ? 173 ARG A CG  1 
ATOM   1285 C  CD  . ARG A 1 173 ? -8.275  5.967   -17.130 1.00 18.81 ? 173 ARG A CD  1 
ATOM   1286 N  NE  . ARG A 1 173 ? -9.402  5.315   -16.469 1.00 24.34 ? 173 ARG A NE  1 
ATOM   1287 C  CZ  . ARG A 1 173 ? -10.685 5.694   -16.666 1.00 24.60 ? 173 ARG A CZ  1 
ATOM   1288 N  NH1 . ARG A 1 173 ? -11.706 5.070   -16.046 1.00 24.39 ? 173 ARG A NH1 1 
ATOM   1289 N  NH2 . ARG A 1 173 ? -10.939 6.792   -17.375 1.00 19.89 ? 173 ARG A NH2 1 
ATOM   1290 N  N   . TYR A 1 174 ? -7.697  9.367   -12.743 1.00 5.64  ? 174 TYR A N   1 
ATOM   1291 C  CA  . TYR A 1 174 ? -8.146  9.587   -11.378 1.00 6.48  ? 174 TYR A CA  1 
ATOM   1292 C  C   . TYR A 1 174 ? -9.544  10.233  -11.325 1.00 4.98  ? 174 TYR A C   1 
ATOM   1293 O  O   . TYR A 1 174 ? -9.916  10.952  -12.245 1.00 4.27  ? 174 TYR A O   1 
ATOM   1294 C  CB  . TYR A 1 174 ? -7.038  10.417  -10.675 1.00 2.32  ? 174 TYR A CB  1 
ATOM   1295 C  CG  . TYR A 1 174 ? -6.830  11.840  -11.153 1.00 2.00  ? 174 TYR A CG  1 
ATOM   1296 C  CD1 . TYR A 1 174 ? -7.603  12.825  -10.553 1.00 2.74  ? 174 TYR A CD1 1 
ATOM   1297 C  CD2 . TYR A 1 174 ? -5.905  12.172  -12.151 1.00 2.00  ? 174 TYR A CD2 1 
ATOM   1298 C  CE1 . TYR A 1 174 ? -7.469  14.155  -10.934 1.00 2.00  ? 174 TYR A CE1 1 
ATOM   1299 C  CE2 . TYR A 1 174 ? -5.769  13.506  -12.537 1.00 2.00  ? 174 TYR A CE2 1 
ATOM   1300 C  CZ  . TYR A 1 174 ? -6.556  14.490  -11.920 1.00 2.00  ? 174 TYR A CZ  1 
ATOM   1301 O  OH  . TYR A 1 174 ? -6.417  15.835  -12.226 1.00 2.00  ? 174 TYR A OH  1 
ATOM   1302 N  N   . SER A 1 175 ? -10.358 10.019  -10.303 1.00 3.90  ? 175 SER A N   1 
ATOM   1303 C  CA  . SER A 1 175 ? -11.719 10.506  -10.299 1.00 5.16  ? 175 SER A CA  1 
ATOM   1304 C  C   . SER A 1 175 ? -12.161 10.746  -8.878  1.00 5.97  ? 175 SER A C   1 
ATOM   1305 O  O   . SER A 1 175 ? -11.993 9.861   -8.019  1.00 10.17 ? 175 SER A O   1 
ATOM   1306 C  CB  . SER A 1 175 ? -12.563 9.451   -10.971 1.00 6.55  ? 175 SER A CB  1 
ATOM   1307 O  OG  . SER A 1 175 ? -13.940 9.743   -11.036 1.00 6.24  ? 175 SER A OG  1 
ATOM   1308 N  N   . ASN A 1 176 ? -12.717 11.923  -8.596  1.00 7.44  ? 176 ASN A N   1 
ATOM   1309 C  CA  . ASN A 1 176 ? -13.163 12.313  -7.255  1.00 7.85  ? 176 ASN A CA  1 
ATOM   1310 C  C   . ASN A 1 176 ? -12.016 12.226  -6.255  1.00 7.83  ? 176 ASN A C   1 
ATOM   1311 O  O   . ASN A 1 176 ? -12.047 11.539  -5.225  1.00 7.46  ? 176 ASN A O   1 
ATOM   1312 C  CB  . ASN A 1 176 ? -14.323 11.407  -6.754  1.00 11.78 ? 176 ASN A CB  1 
ATOM   1313 C  CG  . ASN A 1 176 ? -15.582 11.490  -7.615  1.00 17.56 ? 176 ASN A CG  1 
ATOM   1314 O  OD1 . ASN A 1 176 ? -15.980 12.572  -8.057  1.00 22.53 ? 176 ASN A OD1 1 
ATOM   1315 N  ND2 . ASN A 1 176 ? -16.265 10.393  -7.929  1.00 17.81 ? 176 ASN A ND2 1 
ATOM   1316 N  N   . VAL A 1 177 ? -10.928 12.880  -6.618  1.00 5.41  ? 177 VAL A N   1 
ATOM   1317 C  CA  . VAL A 1 177 ? -9.720  12.899  -5.824  1.00 5.20  ? 177 VAL A CA  1 
ATOM   1318 C  C   . VAL A 1 177 ? -9.613  14.355  -5.351  1.00 5.69  ? 177 VAL A C   1 
ATOM   1319 O  O   . VAL A 1 177 ? -9.465  15.209  -6.224  1.00 8.35  ? 177 VAL A O   1 
ATOM   1320 C  CB  . VAL A 1 177 ? -8.526  12.474  -6.750  1.00 5.74  ? 177 VAL A CB  1 
ATOM   1321 C  CG1 . VAL A 1 177 ? -7.182  12.764  -6.112  1.00 3.33  ? 177 VAL A CG1 1 
ATOM   1322 C  CG2 . VAL A 1 177 ? -8.649  10.979  -7.039  1.00 2.00  ? 177 VAL A CG2 1 
ATOM   1323 N  N   . PRO A 1 178 ? -9.714  14.758  -4.075  1.00 6.02  ? 178 PRO A N   1 
ATOM   1324 C  CA  . PRO A 1 178 ? -9.546  16.153  -3.619  1.00 7.29  ? 178 PRO A CA  1 
ATOM   1325 C  C   . PRO A 1 178 ? -8.229  16.826  -4.039  1.00 6.59  ? 178 PRO A C   1 
ATOM   1326 O  O   . PRO A 1 178 ? -8.301  17.945  -4.555  1.00 8.16  ? 178 PRO A O   1 
ATOM   1327 C  CB  . PRO A 1 178 ? -9.751  16.066  -2.094  1.00 5.01  ? 178 PRO A CB  1 
ATOM   1328 C  CG  . PRO A 1 178 ? -10.651 14.851  -1.963  1.00 5.21  ? 178 PRO A CG  1 
ATOM   1329 C  CD  . PRO A 1 178 ? -9.997  13.883  -2.949  1.00 2.38  ? 178 PRO A CD  1 
ATOM   1330 N  N   . THR A 1 179 ? -7.050  16.227  -3.779  1.00 7.44  ? 179 THR A N   1 
ATOM   1331 C  CA  . THR A 1 179 ? -5.759  16.728  -4.277  1.00 7.30  ? 179 THR A CA  1 
ATOM   1332 C  C   . THR A 1 179 ? -4.993  15.520  -4.773  1.00 4.47  ? 179 THR A C   1 
ATOM   1333 O  O   . THR A 1 179 ? -5.228  14.417  -4.287  1.00 6.48  ? 179 THR A O   1 
ATOM   1334 C  CB  . THR A 1 179 ? -4.770  17.374  -3.238  1.00 7.60  ? 179 THR A CB  1 
ATOM   1335 O  OG1 . THR A 1 179 ? -5.279  17.283  -1.910  1.00 14.99 ? 179 THR A OG1 1 
ATOM   1336 C  CG2 . THR A 1 179 ? -4.456  18.763  -3.695  1.00 8.89  ? 179 THR A CG2 1 
ATOM   1337 N  N   . LEU A 1 180 ? -4.069  15.663  -5.703  1.00 3.04  ? 180 LEU A N   1 
ATOM   1338 C  CA  . LEU A 1 180 ? -3.185  14.563  -6.019  1.00 4.62  ? 180 LEU A CA  1 
ATOM   1339 C  C   . LEU A 1 180 ? -2.105  14.380  -4.936  1.00 4.37  ? 180 LEU A C   1 
ATOM   1340 O  O   . LEU A 1 180 ? -1.897  13.259  -4.474  1.00 5.46  ? 180 LEU A O   1 
ATOM   1341 C  CB  . LEU A 1 180 ? -2.526  14.825  -7.372  1.00 6.33  ? 180 LEU A CB  1 
ATOM   1342 C  CG  . LEU A 1 180 ? -3.476  15.019  -8.563  1.00 7.83  ? 180 LEU A CG  1 
ATOM   1343 C  CD1 . LEU A 1 180 ? -2.700  15.535  -9.749  1.00 9.19  ? 180 LEU A CD1 1 
ATOM   1344 C  CD2 . LEU A 1 180 ? -4.164  13.711  -8.887  1.00 4.79  ? 180 LEU A CD2 1 
ATOM   1345 N  N   . PHE A 1 181 ? -1.428  15.452  -4.497  1.00 2.00  ? 181 PHE A N   1 
ATOM   1346 C  CA  . PHE A 1 181 ? -0.324  15.438  -3.548  1.00 5.19  ? 181 PHE A CA  1 
ATOM   1347 C  C   . PHE A 1 181 ? -0.685  16.313  -2.357  1.00 7.11  ? 181 PHE A C   1 
ATOM   1348 O  O   . PHE A 1 181 ? -1.381  17.315  -2.552  1.00 8.97  ? 181 PHE A O   1 
ATOM   1349 C  CB  . PHE A 1 181 ? 0.953   16.044  -4.087  1.00 5.64  ? 181 PHE A CB  1 
ATOM   1350 C  CG  . PHE A 1 181 ? 1.400   15.546  -5.443  1.00 5.58  ? 181 PHE A CG  1 
ATOM   1351 C  CD1 . PHE A 1 181 ? 0.952   16.200  -6.591  1.00 3.04  ? 181 PHE A CD1 1 
ATOM   1352 C  CD2 . PHE A 1 181 ? 2.217   14.411  -5.542  1.00 6.99  ? 181 PHE A CD2 1 
ATOM   1353 C  CE1 . PHE A 1 181 ? 1.317   15.703  -7.840  1.00 2.96  ? 181 PHE A CE1 1 
ATOM   1354 C  CE2 . PHE A 1 181 ? 2.558   13.928  -6.811  1.00 7.20  ? 181 PHE A CE2 1 
ATOM   1355 C  CZ  . PHE A 1 181 ? 2.111   14.575  -7.956  1.00 3.33  ? 181 PHE A CZ  1 
ATOM   1356 N  N   . LYS A 1 182 ? -0.159  16.005  -1.181  1.00 6.69  ? 182 LYS A N   1 
ATOM   1357 C  CA  . LYS A 1 182 ? -0.450  16.770  0.007   1.00 9.20  ? 182 LYS A CA  1 
ATOM   1358 C  C   . LYS A 1 182 ? 0.710   16.758  1.019   1.00 8.74  ? 182 LYS A C   1 
ATOM   1359 O  O   . LYS A 1 182 ? 1.145   15.740  1.564   1.00 7.05  ? 182 LYS A O   1 
ATOM   1360 C  CB  . LYS A 1 182 ? -1.720  16.202  0.638   1.00 5.23  ? 182 LYS A CB  1 
ATOM   1361 C  CG  . LYS A 1 182 ? -2.196  17.085  1.750   1.00 5.76  ? 182 LYS A CG  1 
ATOM   1362 C  CD  . LYS A 1 182 ? -3.610  16.677  2.062   1.00 7.74  ? 182 LYS A CD  1 
ATOM   1363 C  CE  . LYS A 1 182 ? -4.189  17.591  3.130   1.00 8.25  ? 182 LYS A CE  1 
ATOM   1364 N  NZ  . LYS A 1 182 ? -5.605  17.315  3.287   1.00 5.51  ? 182 LYS A NZ  1 
ATOM   1365 N  N   . GLY A 1 183 ? 1.274   17.942  1.222   1.00 10.35 ? 183 GLY A N   1 
ATOM   1366 C  CA  . GLY A 1 183 ? 2.289   18.143  2.261   1.00 8.39  ? 183 GLY A CA  1 
ATOM   1367 C  C   . GLY A 1 183 ? 3.731   18.318  1.784   1.00 7.59  ? 183 GLY A C   1 
ATOM   1368 O  O   . GLY A 1 183 ? 4.617   18.555  2.601   1.00 9.81  ? 183 GLY A O   1 
ATOM   1369 N  N   . PHE A 1 184 ? 3.963   18.191  0.479   1.00 8.22  ? 184 PHE A N   1 
ATOM   1370 C  CA  . PHE A 1 184 ? 5.271   18.281  -0.167  1.00 10.08 ? 184 PHE A CA  1 
ATOM   1371 C  C   . PHE A 1 184 ? 5.755   19.725  -0.341  1.00 13.56 ? 184 PHE A C   1 
ATOM   1372 O  O   . PHE A 1 184 ? 4.914   20.570  -0.701  1.00 16.32 ? 184 PHE A O   1 
ATOM   1373 C  CB  . PHE A 1 184 ? 5.194   17.613  -1.548  1.00 5.77  ? 184 PHE A CB  1 
ATOM   1374 C  CG  . PHE A 1 184 ? 4.825   16.126  -1.498  1.00 6.69  ? 184 PHE A CG  1 
ATOM   1375 C  CD1 . PHE A 1 184 ? 3.486   15.720  -1.323  1.00 2.00  ? 184 PHE A CD1 1 
ATOM   1376 C  CD2 . PHE A 1 184 ? 5.851   15.162  -1.591  1.00 2.00  ? 184 PHE A CD2 1 
ATOM   1377 C  CE1 . PHE A 1 184 ? 3.197   14.357  -1.237  1.00 2.00  ? 184 PHE A CE1 1 
ATOM   1378 C  CE2 . PHE A 1 184 ? 5.538   13.795  -1.498  1.00 2.00  ? 184 PHE A CE2 1 
ATOM   1379 C  CZ  . PHE A 1 184 ? 4.216   13.393  -1.326  1.00 2.07  ? 184 PHE A CZ  1 
ATOM   1380 N  N   . LYS A 1 185 ? 7.046   20.053  -0.168  1.00 15.69 ? 185 LYS A N   1 
ATOM   1381 C  CA  . LYS A 1 185 ? 7.525   21.388  -0.465  1.00 16.18 ? 185 LYS A CA  1 
ATOM   1382 C  C   . LYS A 1 185 ? 7.412   21.519  -1.986  1.00 18.28 ? 185 LYS A C   1 
ATOM   1383 O  O   . LYS A 1 185 ? 7.442   20.530  -2.748  1.00 16.56 ? 185 LYS A O   1 
ATOM   1384 C  CB  . LYS A 1 185 ? 8.972   21.553  -0.055  0.00 0.00  ? 185 LYS A CB  1 
ATOM   1385 C  CG  . LYS A 1 185 ? 9.535   22.931  -0.409  0.00 0.00  ? 185 LYS A CG  1 
ATOM   1386 C  CD  . LYS A 1 185 ? 10.989  23.112  0.027   0.00 0.00  ? 185 LYS A CD  1 
ATOM   1387 C  CE  . LYS A 1 185 ? 11.552  24.490  -0.328  0.00 0.00  ? 185 LYS A CE  1 
ATOM   1388 N  NZ  . LYS A 1 185 ? 12.951  24.664  0.092   0.00 0.00  ? 185 LYS A NZ  1 
ATOM   1389 N  N   . SER A 1 186 ? 7.146   22.761  -2.408  1.00 20.17 ? 186 SER A N   1 
ATOM   1390 C  CA  . SER A 1 186 ? 7.123   23.194  -3.804  1.00 18.82 ? 186 SER A CA  1 
ATOM   1391 C  C   . SER A 1 186 ? 8.373   22.662  -4.496  1.00 16.68 ? 186 SER A C   1 
ATOM   1392 O  O   . SER A 1 186 ? 9.459   22.679  -3.920  1.00 19.61 ? 186 SER A O   1 
ATOM   1393 C  CB  . SER A 1 186 ? 7.097   24.726  -3.835  1.00 17.88 ? 186 SER A CB  1 
ATOM   1394 O  OG  . SER A 1 186 ? 5.889   25.182  -3.228  1.00 25.46 ? 186 SER A OG  1 
ATOM   1395 N  N   . GLY A 1 187 ? 8.224   22.083  -5.666  1.00 13.59 ? 187 GLY A N   1 
ATOM   1396 C  CA  . GLY A 1 187 ? 9.353   21.546  -6.361  1.00 8.57  ? 187 GLY A CA  1 
ATOM   1397 C  C   . GLY A 1 187 ? 9.502   20.083  -6.031  1.00 8.75  ? 187 GLY A C   1 
ATOM   1398 O  O   . GLY A 1 187 ? 10.212  19.379  -6.731  1.00 9.04  ? 187 GLY A O   1 
ATOM   1399 N  N   . ASN A 1 188 ? 8.837   19.536  -5.014  1.00 7.50  ? 188 ASN A N   1 
ATOM   1400 C  CA  . ASN A 1 188 ? 8.995   18.125  -4.713  1.00 7.52  ? 188 ASN A CA  1 
ATOM   1401 C  C   . ASN A 1 188 ? 7.892   17.232  -5.277  1.00 7.01  ? 188 ASN A C   1 
ATOM   1402 O  O   . ASN A 1 188 ? 7.758   16.043  -4.945  1.00 7.89  ? 188 ASN A O   1 
ATOM   1403 C  CB  . ASN A 1 188 ? 9.094   17.975  -3.220  1.00 4.53  ? 188 ASN A CB  1 
ATOM   1404 C  CG  . ASN A 1 188 ? 10.508  18.206  -2.685  1.00 3.22  ? 188 ASN A CG  1 
ATOM   1405 O  OD1 . ASN A 1 188 ? 11.440  18.495  -3.407  1.00 2.00  ? 188 ASN A OD1 1 
ATOM   1406 N  ND2 . ASN A 1 188 ? 10.781  18.038  -1.408  1.00 3.98  ? 188 ASN A ND2 1 
ATOM   1407 N  N   . THR A 1 189 ? 7.062   17.814  -6.135  1.00 7.55  ? 189 THR A N   1 
ATOM   1408 C  CA  . THR A 1 189 ? 6.007   17.090  -6.786  1.00 5.47  ? 189 THR A CA  1 
ATOM   1409 C  C   . THR A 1 189 ? 6.266   17.129  -8.277  1.00 4.51  ? 189 THR A C   1 
ATOM   1410 O  O   . THR A 1 189 ? 6.721   18.177  -8.764  1.00 5.63  ? 189 THR A O   1 
ATOM   1411 C  CB  . THR A 1 189 ? 4.646   17.733  -6.444  1.00 5.44  ? 189 THR A CB  1 
ATOM   1412 O  OG1 . THR A 1 189 ? 4.720   19.170  -6.479  1.00 9.38  ? 189 THR A OG1 1 
ATOM   1413 C  CG2 . THR A 1 189 ? 4.241   17.306  -5.046  1.00 8.48  ? 189 THR A CG2 1 
ATOM   1414 N  N   . THR A 1 190 ? 6.001   16.082  -9.013  1.00 4.89  ? 190 THR A N   1 
ATOM   1415 C  CA  . THR A 1 190 ? 6.099   16.018  -10.468 1.00 8.87  ? 190 THR A CA  1 
ATOM   1416 C  C   . THR A 1 190 ? 4.768   15.497  -10.998 1.00 7.51  ? 190 THR A C   1 
ATOM   1417 O  O   . THR A 1 190 ? 4.221   14.626  -10.324 1.00 10.77 ? 190 THR A O   1 
ATOM   1418 C  CB  . THR A 1 190 ? 7.150   15.021  -10.980 1.00 11.31 ? 190 THR A CB  1 
ATOM   1419 O  OG1 . THR A 1 190 ? 8.114   14.801  -9.960  1.00 18.60 ? 190 THR A OG1 1 
ATOM   1420 C  CG2 . THR A 1 190 ? 7.918   15.522  -12.169 1.00 13.35 ? 190 THR A CG2 1 
ATOM   1421 N  N   . ALA A 1 191 ? 4.209   15.861  -12.145 1.00 6.87  ? 191 ALA A N   1 
ATOM   1422 C  CA  . ALA A 1 191 ? 3.076   15.091  -12.667 1.00 5.12  ? 191 ALA A CA  1 
ATOM   1423 C  C   . ALA A 1 191 ? 2.937   15.247  -14.171 1.00 5.26  ? 191 ALA A C   1 
ATOM   1424 O  O   . ALA A 1 191 ? 3.143   16.360  -14.686 1.00 3.97  ? 191 ALA A O   1 
ATOM   1425 C  CB  . ALA A 1 191 ? 1.773   15.536  -12.036 1.00 7.48  ? 191 ALA A CB  1 
ATOM   1426 N  N   . SER A 1 192 ? 2.654   14.170  -14.907 1.00 4.07  ? 192 SER A N   1 
ATOM   1427 C  CA  . SER A 1 192 ? 2.441   14.310  -16.341 1.00 5.46  ? 192 SER A CA  1 
ATOM   1428 C  C   . SER A 1 192 ? 1.615   13.166  -16.888 1.00 2.35  ? 192 SER A C   1 
ATOM   1429 O  O   . SER A 1 192 ? 1.574   12.120  -16.253 1.00 2.00  ? 192 SER A O   1 
ATOM   1430 C  CB  . SER A 1 192 ? 3.798   14.398  -17.095 1.00 3.20  ? 192 SER A CB  1 
ATOM   1431 O  OG  . SER A 1 192 ? 4.760   13.474  -16.615 1.00 14.56 ? 192 SER A OG  1 
ATOM   1432 N  N   . GLY A 1 193 ? 0.839   13.403  -17.965 1.00 2.52  ? 193 GLY A N   1 
ATOM   1433 C  CA  . GLY A 1 193 ? 0.045   12.375  -18.621 1.00 2.43  ? 193 GLY A CA  1 
ATOM   1434 C  C   . GLY A 1 193 ? -1.184  11.913  -17.831 1.00 2.09  ? 193 GLY A C   1 
ATOM   1435 O  O   . GLY A 1 193 ? -1.811  10.883  -18.106 1.00 2.97  ? 193 GLY A O   1 
ATOM   1436 N  N   . ASN A 1 194 ? -1.614  12.689  -16.858 1.00 2.00  ? 194 ASN A N   1 
ATOM   1437 C  CA  . ASN A 1 194 ? -2.727  12.233  -16.071 1.00 3.05  ? 194 ASN A CA  1 
ATOM   1438 C  C   . ASN A 1 194 ? -4.012  12.713  -16.692 1.00 4.16  ? 194 ASN A C   1 
ATOM   1439 O  O   . ASN A 1 194 ? -4.025  13.577  -17.608 1.00 7.53  ? 194 ASN A O   1 
ATOM   1440 C  CB  . ASN A 1 194 ? -2.592  12.743  -14.643 1.00 2.57  ? 194 ASN A CB  1 
ATOM   1441 C  CG  . ASN A 1 194 ? -1.354  12.254  -13.933 1.00 2.00  ? 194 ASN A CG  1 
ATOM   1442 O  OD1 . ASN A 1 194 ? -0.995  11.079  -13.888 1.00 2.54  ? 194 ASN A OD1 1 
ATOM   1443 N  ND2 . ASN A 1 194 ? -0.642  13.203  -13.361 1.00 5.78  ? 194 ASN A ND2 1 
ATOM   1444 N  N   . THR A 1 195 ? -5.072  12.057  -16.220 1.00 4.54  ? 195 THR A N   1 
ATOM   1445 C  CA  . THR A 1 195 ? -6.432  12.323  -16.660 1.00 5.61  ? 195 THR A CA  1 
ATOM   1446 C  C   . THR A 1 195 ? -7.450  12.256  -15.529 1.00 3.49  ? 195 THR A C   1 
ATOM   1447 O  O   . THR A 1 195 ? -7.611  11.236  -14.862 1.00 2.00  ? 195 THR A O   1 
ATOM   1448 C  CB  . THR A 1 195 ? -6.797  11.299  -17.785 1.00 5.95  ? 195 THR A CB  1 
ATOM   1449 O  OG1 . THR A 1 195 ? -5.951  11.669  -18.880 1.00 5.86  ? 195 THR A OG1 1 
ATOM   1450 C  CG2 . THR A 1 195 ? -8.245  11.294  -18.246 1.00 4.50  ? 195 THR A CG2 1 
ATOM   1451 N  N   . GLN A 1 196 ? -8.087  13.411  -15.301 1.00 5.22  ? 196 GLN A N   1 
ATOM   1452 C  CA  . GLN A 1 196 ? -9.197  13.530  -14.382 1.00 5.75  ? 196 GLN A CA  1 
ATOM   1453 C  C   . GLN A 1 196 ? -10.420 13.115  -15.158 1.00 6.45  ? 196 GLN A C   1 
ATOM   1454 O  O   . GLN A 1 196 ? -10.541 13.589  -16.296 1.00 6.86  ? 196 GLN A O   1 
ATOM   1455 C  CB  . GLN A 1 196 ? -9.361  14.935  -13.964 1.00 6.16  ? 196 GLN A CB  1 
ATOM   1456 C  CG  . GLN A 1 196 ? -10.374 14.994  -12.845 1.00 10.45 ? 196 GLN A CG  1 
ATOM   1457 C  CD  . GLN A 1 196 ? -10.726 16.418  -12.538 1.00 8.48  ? 196 GLN A CD  1 
ATOM   1458 O  OE1 . GLN A 1 196 ? -10.134 17.037  -11.677 1.00 12.38 ? 196 GLN A OE1 1 
ATOM   1459 N  NE2 . GLN A 1 196 ? -11.666 16.976  -13.255 1.00 9.56  ? 196 GLN A NE2 1 
ATOM   1460 N  N   . TYR A 1 197 ? -11.235 12.242  -14.559 1.00 5.86  ? 197 TYR A N   1 
ATOM   1461 C  CA  . TYR A 1 197 ? -12.470 11.752  -15.170 1.00 5.20  ? 197 TYR A CA  1 
ATOM   1462 C  C   . TYR A 1 197 ? -13.558 11.606  -14.113 1.00 5.26  ? 197 TYR A C   1 
ATOM   1463 O  O   . TYR A 1 197 ? -14.676 11.220  -14.455 1.00 5.97  ? 197 TYR A O   1 
ATOM   1464 C  CB  . TYR A 1 197 ? -12.267 10.374  -15.874 1.00 4.01  ? 197 TYR A CB  1 
ATOM   1465 C  CG  . TYR A 1 197 ? -12.070 9.166   -14.977 1.00 5.32  ? 197 TYR A CG  1 
ATOM   1466 C  CD1 . TYR A 1 197 ? -10.777 8.860   -14.526 1.00 3.18  ? 197 TYR A CD1 1 
ATOM   1467 C  CD2 . TYR A 1 197 ? -13.163 8.405   -14.526 1.00 2.36  ? 197 TYR A CD2 1 
ATOM   1468 C  CE1 . TYR A 1 197 ? -10.565 7.791   -13.664 1.00 2.00  ? 197 TYR A CE1 1 
ATOM   1469 C  CE2 . TYR A 1 197 ? -12.931 7.329   -13.661 1.00 7.60  ? 197 TYR A CE2 1 
ATOM   1470 C  CZ  . TYR A 1 197 ? -11.624 7.019   -13.257 1.00 6.59  ? 197 TYR A CZ  1 
ATOM   1471 O  OH  . TYR A 1 197 ? -11.401 5.975   -12.391 1.00 3.30  ? 197 TYR A OH  1 
ATOM   1472 O  OXT . TYR A 1 197 ? -13.272 11.860  -12.945 1.00 6.43  ? 197 TYR A OXT 1 
HETATM 1473 CA CA  . CA  B 2 .   ? -11.886 -1.741  4.754   1.00 18.54 ? 300 CA  A CA  1 
HETATM 1474 O  O   . HOH C 3 .   ? 8.538   17.512  0.312   1.00 5.76  ? 301 HOH A O   1 
HETATM 1475 O  O   . HOH C 3 .   ? -13.570 7.288   -0.336  1.00 3.91  ? 302 HOH A O   1 
HETATM 1476 O  O   . HOH C 3 .   ? -7.750  1.829   5.511   1.00 5.25  ? 303 HOH A O   1 
HETATM 1477 O  O   . HOH C 3 .   ? -5.082  3.596   7.668   1.00 3.28  ? 304 HOH A O   1 
HETATM 1478 O  O   . HOH C 3 .   ? -15.306 0.028   -4.055  1.00 3.26  ? 305 HOH A O   1 
HETATM 1479 O  O   . HOH C 3 .   ? 7.127   20.193  3.215   1.00 7.81  ? 306 HOH A O   1 
HETATM 1480 O  O   . HOH C 3 .   ? 0.300   16.293  5.304   1.00 5.62  ? 307 HOH A O   1 
HETATM 1481 O  O   . HOH C 3 .   ? 10.135  -6.666  2.680   1.00 13.67 ? 308 HOH A O   1 
HETATM 1482 O  O   . HOH C 3 .   ? 5.700   12.717  7.069   1.00 5.32  ? 309 HOH A O   1 
HETATM 1483 O  O   . HOH C 3 .   ? -13.847 3.748   -14.371 1.00 11.90 ? 310 HOH A O   1 
HETATM 1484 O  O   . HOH C 3 .   ? -13.552 12.142  -2.969  1.00 4.05  ? 311 HOH A O   1 
HETATM 1485 O  O   . HOH C 3 .   ? -4.090  15.868  -13.625 1.00 2.29  ? 312 HOH A O   1 
HETATM 1486 O  O   . HOH C 3 .   ? 12.074  -3.739  -4.416  1.00 10.47 ? 313 HOH A O   1 
HETATM 1487 O  O   . HOH C 3 .   ? -13.690 15.802  -14.820 1.00 8.07  ? 314 HOH A O   1 
HETATM 1488 O  O   . HOH C 3 .   ? -7.918  17.239  0.509   1.00 13.60 ? 315 HOH A O   1 
HETATM 1489 O  O   . HOH C 3 .   ? -12.906 3.911   2.322   1.00 7.88  ? 316 HOH A O   1 
HETATM 1490 O  O   . HOH C 3 .   ? 4.226   2.156   -15.568 1.00 5.73  ? 317 HOH A O   1 
HETATM 1491 O  O   . HOH C 3 .   ? -11.718 -17.008 11.855  1.00 20.14 ? 318 HOH A O   1 
HETATM 1492 O  O   . HOH C 3 .   ? -10.685 -5.949  6.073   1.00 2.79  ? 319 HOH A O   1 
HETATM 1493 O  O   . HOH C 3 .   ? 0.119   -5.896  -6.690  1.00 8.84  ? 320 HOH A O   1 
HETATM 1494 O  O   . HOH C 3 .   ? -3.748  5.149   -16.493 1.00 20.15 ? 321 HOH A O   1 
HETATM 1495 O  O   . HOH C 3 .   ? -2.457  -19.765 10.050  1.00 6.89  ? 322 HOH A O   1 
HETATM 1496 O  O   . HOH C 3 .   ? 1.452   -0.589  10.009  1.00 17.87 ? 323 HOH A O   1 
HETATM 1497 O  O   . HOH C 3 .   ? 16.065  -0.053  -1.670  1.00 2.31  ? 324 HOH A O   1 
HETATM 1498 O  O   . HOH C 3 .   ? -10.543 0.628   8.661   1.00 17.61 ? 325 HOH A O   1 
HETATM 1499 O  O   . HOH C 3 .   ? 7.964   6.504   11.375  1.00 11.88 ? 326 HOH A O   1 
HETATM 1500 O  O   . HOH C 3 .   ? -10.314 -0.135  5.854   1.00 3.50  ? 327 HOH A O   1 
HETATM 1501 O  O   . HOH C 3 .   ? -2.339  14.749  -19.469 1.00 20.49 ? 328 HOH A O   1 
HETATM 1502 O  O   . HOH C 3 .   ? 0.341   8.832   9.593   1.00 15.09 ? 329 HOH A O   1 
HETATM 1503 O  O   . HOH C 3 .   ? -0.053  -2.879  6.482   1.00 2.42  ? 330 HOH A O   1 
HETATM 1504 O  O   . HOH C 3 .   ? -17.066 1.020   -2.223  1.00 4.82  ? 331 HOH A O   1 
HETATM 1505 O  O   . HOH C 3 .   ? 13.090  11.616  -5.641  1.00 10.96 ? 332 HOH A O   1 
HETATM 1506 O  O   . HOH C 3 .   ? 16.206  -5.257  1.213   1.00 7.40  ? 333 HOH A O   1 
HETATM 1507 O  O   . HOH C 3 .   ? -4.239  0.959   -14.862 1.00 9.67  ? 334 HOH A O   1 
HETATM 1508 O  O   . HOH C 3 .   ? -13.739 -5.083  6.902   1.00 18.42 ? 335 HOH A O   1 
HETATM 1509 O  O   . HOH C 3 .   ? 17.698  -0.012  -3.940  1.00 9.06  ? 336 HOH A O   1 
HETATM 1510 O  O   . HOH C 3 .   ? -1.893  18.142  -5.548  1.00 5.70  ? 337 HOH A O   1 
HETATM 1511 O  O   . HOH C 3 .   ? -4.957  17.936  -7.475  1.00 14.78 ? 338 HOH A O   1 
HETATM 1512 O  O   . HOH C 3 .   ? -4.331  9.558   -17.721 1.00 27.82 ? 339 HOH A O   1 
HETATM 1513 O  O   . HOH C 3 .   ? -5.453  20.704  -6.796  1.00 9.08  ? 340 HOH A O   1 
HETATM 1514 O  O   . HOH C 3 .   ? 13.935  5.428   8.589   1.00 12.62 ? 341 HOH A O   1 
HETATM 1515 O  O   . HOH C 3 .   ? -4.631  6.989   -19.104 1.00 16.48 ? 342 HOH A O   1 
HETATM 1516 O  O   . HOH C 3 .   ? -9.225  -18.906 -2.808  1.00 16.04 ? 343 HOH A O   1 
HETATM 1517 O  O   . HOH C 3 .   ? -11.850 -15.307 9.582   1.00 23.29 ? 344 HOH A O   1 
HETATM 1518 O  O   . HOH C 3 .   ? -8.180  -6.743  1.200   1.00 15.10 ? 345 HOH A O   1 
HETATM 1519 O  O   . HOH C 3 .   ? 12.994  2.740   -7.060  1.00 4.78  ? 346 HOH A O   1 
HETATM 1520 O  O   . HOH C 3 .   ? 3.351   -15.995 -11.871 1.00 15.96 ? 347 HOH A O   1 
HETATM 1521 O  O   . HOH C 3 .   ? -1.375  16.048  -13.191 1.00 16.52 ? 348 HOH A O   1 
HETATM 1522 O  O   . HOH C 3 .   ? -14.746 -6.881  9.764   1.00 19.28 ? 349 HOH A O   1 
HETATM 1523 O  O   . HOH C 3 .   ? -13.155 -9.846  1.179   1.00 15.40 ? 350 HOH A O   1 
HETATM 1524 O  O   . HOH C 3 .   ? -9.283  -16.186 -5.035  1.00 16.28 ? 351 HOH A O   1 
HETATM 1525 O  O   . HOH C 3 .   ? -10.409 8.343   6.887   1.00 14.49 ? 352 HOH A O   1 
HETATM 1526 O  O   . HOH C 3 .   ? 8.966   10.946  -6.456  1.00 7.24  ? 353 HOH A O   1 
HETATM 1527 O  O   . HOH C 3 .   ? 17.437  -7.586  0.026   1.00 20.87 ? 354 HOH A O   1 
HETATM 1528 O  O   . HOH C 3 .   ? -11.334 12.189  -18.965 1.00 21.96 ? 355 HOH A O   1 
HETATM 1529 O  O   . HOH C 3 .   ? -1.031  0.302   14.057  1.00 36.46 ? 356 HOH A O   1 
HETATM 1530 O  O   . HOH C 3 .   ? 15.137  -5.251  8.203   1.00 13.62 ? 357 HOH A O   1 
HETATM 1531 O  O   . HOH C 3 .   ? -8.472  10.360  4.737   1.00 9.45  ? 358 HOH A O   1 
HETATM 1532 O  O   . HOH C 3 .   ? -14.833 -1.990  4.679   1.00 16.36 ? 359 HOH A O   1 
HETATM 1533 O  O   . HOH C 3 .   ? -14.001 4.621   -11.210 1.00 16.66 ? 360 HOH A O   1 
HETATM 1534 O  O   . HOH C 3 .   ? 14.800  6.131   -4.915  1.00 29.88 ? 361 HOH A O   1 
HETATM 1535 O  O   . HOH C 3 .   ? -16.227 5.066   2.030   1.00 16.44 ? 362 HOH A O   1 
HETATM 1536 O  O   . HOH C 3 .   ? 5.358   -6.797  11.527  1.00 18.43 ? 363 HOH A O   1 
HETATM 1537 O  O   . HOH C 3 .   ? -0.127  19.830  -4.073  1.00 15.92 ? 364 HOH A O   1 
HETATM 1538 O  O   . HOH C 3 .   ? -13.031 -13.078 0.521   1.00 29.99 ? 365 HOH A O   1 
HETATM 1539 O  O   . HOH C 3 .   ? 4.868   -9.566  12.528  1.00 28.24 ? 366 HOH A O   1 
HETATM 1540 O  O   . HOH C 3 .   ? -8.322  -14.889 -8.117  1.00 12.19 ? 367 HOH A O   1 
HETATM 1541 O  O   . HOH C 3 .   ? 14.982  2.152   -5.234  1.00 23.71 ? 368 HOH A O   1 
HETATM 1542 O  O   . HOH C 3 .   ? -9.544  -5.918  -9.433  1.00 34.66 ? 369 HOH A O   1 
HETATM 1543 O  O   . HOH C 3 .   ? -6.142  -15.688 20.050  1.00 17.17 ? 370 HOH A O   1 
HETATM 1544 O  O   . HOH C 3 .   ? -2.248  16.415  -17.130 1.00 11.76 ? 371 HOH A O   1 
HETATM 1545 O  O   . HOH C 3 .   ? 15.836  10.293  5.229   1.00 28.53 ? 372 HOH A O   1 
HETATM 1546 O  O   . HOH C 3 .   ? 9.909   3.942   -12.779 1.00 26.47 ? 373 HOH A O   1 
HETATM 1547 O  O   . HOH C 3 .   ? -1.564  -16.883 16.320  1.00 18.08 ? 374 HOH A O   1 
HETATM 1548 O  O   . HOH C 3 .   ? 11.729  -0.035  -9.866  1.00 16.69 ? 375 HOH A O   1 
HETATM 1549 O  O   . HOH C 3 .   ? 15.489  -10.483 -4.140  1.00 27.03 ? 376 HOH A O   1 
HETATM 1550 O  O   . HOH C 3 .   ? -13.719 14.469  -4.749  1.00 24.52 ? 377 HOH A O   1 
HETATM 1551 O  O   . HOH C 3 .   ? -1.371  19.348  -8.025  1.00 17.66 ? 378 HOH A O   1 
HETATM 1552 O  O   . HOH C 3 .   ? -4.699  -21.708 -1.126  1.00 26.55 ? 379 HOH A O   1 
HETATM 1553 O  O   . HOH C 3 .   ? -13.787 -19.226 9.075   1.00 29.50 ? 380 HOH A O   1 
HETATM 1554 O  O   . HOH C 3 .   ? -1.373  -20.245 5.872   1.00 26.99 ? 381 HOH A O   1 
HETATM 1555 O  O   . HOH C 3 .   ? -9.264  -22.000 6.863   1.00 30.27 ? 382 HOH A O   1 
HETATM 1556 O  O   . HOH C 3 .   ? -4.432  -19.729 16.089  1.00 21.99 ? 383 HOH A O   1 
HETATM 1557 O  O   . HOH C 3 .   ? 5.017   -18.677 8.328   1.00 30.72 ? 384 HOH A O   1 
HETATM 1558 O  O   . HOH C 3 .   ? 3.454   -20.355 4.680   1.00 30.98 ? 385 HOH A O   1 
HETATM 1559 O  O   . HOH C 3 .   ? 8.243   -18.994 1.766   1.00 41.35 ? 386 HOH A O   1 
HETATM 1560 O  O   . HOH C 3 .   ? 9.390   -20.482 4.472   1.00 31.43 ? 387 HOH A O   1 
HETATM 1561 O  O   . HOH C 3 .   ? 9.845   -18.553 7.873   1.00 29.16 ? 388 HOH A O   1 
HETATM 1562 O  O   . HOH C 3 .   ? 14.355  -7.429  -4.001  1.00 9.02  ? 389 HOH A O   1 
HETATM 1563 O  O   . HOH C 3 .   ? 4.335   -20.602 -2.590  1.00 21.34 ? 390 HOH A O   1 
HETATM 1564 O  O   . HOH C 3 .   ? -6.093  -13.085 -8.830  1.00 28.50 ? 391 HOH A O   1 
HETATM 1565 O  O   . HOH C 3 .   ? -8.097  -18.501 -10.129 1.00 23.08 ? 392 HOH A O   1 
HETATM 1566 O  O   . HOH C 3 .   ? -10.563 -13.672 -6.105  1.00 19.61 ? 393 HOH A O   1 
HETATM 1567 O  O   . HOH C 3 .   ? -7.042  -9.514  17.770  1.00 30.00 ? 394 HOH A O   1 
HETATM 1568 O  O   . HOH C 3 .   ? -10.007 -18.931 17.487  1.00 2.00  ? 395 HOH A O   1 
HETATM 1569 O  O   . HOH C 3 .   ? -15.582 -2.394  11.154  1.00 29.41 ? 396 HOH A O   1 
HETATM 1570 O  O   . HOH C 3 .   ? -15.665 -9.115  7.380   1.00 26.25 ? 397 HOH A O   1 
HETATM 1571 O  O   . HOH C 3 .   ? -1.951  -0.421  19.582  1.00 21.76 ? 398 HOH A O   1 
HETATM 1572 O  O   . HOH C 3 .   ? 2.995   -5.711  14.024  1.00 30.81 ? 399 HOH A O   1 
HETATM 1573 O  O   . HOH C 3 .   ? 11.511  -0.962  12.059  1.00 25.00 ? 400 HOH A O   1 
HETATM 1574 O  O   . HOH C 3 .   ? 10.817  4.119   11.422  1.00 40.41 ? 401 HOH A O   1 
HETATM 1575 O  O   . HOH C 3 .   ? 5.500   1.125   12.221  1.00 33.67 ? 402 HOH A O   1 
HETATM 1576 O  O   . HOH C 3 .   ? 5.250   -3.058  -14.089 1.00 32.28 ? 403 HOH A O   1 
HETATM 1577 O  O   . HOH C 3 .   ? 8.063   -2.983  -13.141 1.00 37.11 ? 404 HOH A O   1 
HETATM 1578 O  O   . HOH C 3 .   ? 7.760   -3.732  -9.977  1.00 20.49 ? 405 HOH A O   1 
HETATM 1579 O  O   . HOH C 3 .   ? -0.009  -7.968  -12.385 1.00 24.87 ? 406 HOH A O   1 
HETATM 1580 O  O   . HOH C 3 .   ? -6.793  12.598  7.806   1.00 23.53 ? 407 HOH A O   1 
HETATM 1581 O  O   . HOH C 3 .   ? -9.305  -0.393  -14.829 1.00 18.79 ? 408 HOH A O   1 
HETATM 1582 O  O   . HOH C 3 .   ? 0.877   12.819  13.189  1.00 29.71 ? 409 HOH A O   1 
HETATM 1583 O  O   . HOH C 3 .   ? -2.764  11.829  8.498   1.00 33.52 ? 410 HOH A O   1 
HETATM 1584 O  O   . HOH C 3 .   ? 14.652  9.804   10.548  1.00 24.42 ? 411 HOH A O   1 
HETATM 1585 O  O   . HOH C 3 .   ? 11.190  11.174  11.719  1.00 28.54 ? 412 HOH A O   1 
HETATM 1586 O  O   . HOH C 3 .   ? 10.667  9.881   -8.405  1.00 27.04 ? 413 HOH A O   1 
HETATM 1587 O  O   . HOH C 3 .   ? -16.407 7.677   -9.606  1.00 39.46 ? 414 HOH A O   1 
HETATM 1588 O  O   . HOH C 3 .   ? -14.690 12.470  0.616   1.00 32.90 ? 415 HOH A O   1 
HETATM 1589 O  O   . HOH C 3 .   ? 10.421  12.851  -9.095  1.00 28.74 ? 416 HOH A O   1 
HETATM 1590 O  O   . HOH C 3 .   ? -18.971 9.628   -7.578  1.00 26.72 ? 417 HOH A O   1 
HETATM 1591 O  O   . HOH C 3 .   ? -12.899 16.910  -4.526  1.00 45.29 ? 418 HOH A O   1 
HETATM 1592 O  O   . HOH C 3 .   ? -4.840  19.987  0.198   1.00 34.36 ? 419 HOH A O   1 
HETATM 1593 O  O   . HOH C 3 .   ? -5.350  -5.155  4.815   1.00 2.00  ? 420 HOH A O   1 
HETATM 1594 O  O   . HOH C 3 .   ? -8.065  2.735   9.349   1.00 16.24 ? 421 HOH A O   1 
HETATM 1595 O  O   . HOH C 3 .   ? -14.491 1.772   3.231   1.00 16.32 ? 422 HOH A O   1 
HETATM 1596 O  O   . HOH C 3 .   ? -15.110 -7.436  -0.139  1.00 15.79 ? 423 HOH A O   1 
HETATM 1597 O  O   . HOH C 3 .   ? 1.154   -14.356 14.064  1.00 10.41 ? 424 HOH A O   1 
HETATM 1598 O  O   . HOH C 3 .   ? -0.424  16.591  8.341   1.00 14.19 ? 425 HOH A O   1 
HETATM 1599 O  O   . HOH C 3 .   ? -0.256  20.300  0.351   1.00 22.66 ? 426 HOH A O   1 
HETATM 1600 O  O   . HOH C 3 .   ? -9.394  6.202   11.042  1.00 20.00 ? 427 HOH A O   1 
HETATM 1601 O  O   . HOH C 3 .   ? 11.614  -7.206  -3.485  1.00 13.17 ? 428 HOH A O   1 
HETATM 1602 O  O   . HOH C 3 .   ? 17.033  4.387   -5.365  1.00 14.67 ? 429 HOH A O   1 
HETATM 1603 O  O   . HOH C 3 .   ? 17.489  11.732  3.315   1.00 22.38 ? 430 HOH A O   1 
HETATM 1604 O  O   . HOH C 3 .   ? 1.876   19.029  -2.006  1.00 18.53 ? 431 HOH A O   1 
HETATM 1605 O  O   . HOH C 3 .   ? -14.248 -9.968  11.332  1.00 25.44 ? 432 HOH A O   1 
HETATM 1606 O  O   . HOH C 3 .   ? -3.283  -6.538  -12.481 1.00 23.99 ? 433 HOH A O   1 
HETATM 1607 O  O   . HOH C 3 .   ? 13.178  6.751   -7.496  1.00 28.65 ? 434 HOH A O   1 
HETATM 1608 O  O   . HOH C 3 .   ? -18.547 3.143   2.992   1.00 36.26 ? 435 HOH A O   1 
HETATM 1609 O  O   . HOH C 3 .   ? -15.459 4.601   4.841   1.00 25.06 ? 436 HOH A O   1 
HETATM 1610 O  O   . HOH C 3 .   ? -17.219 3.741   7.142   1.00 29.12 ? 437 HOH A O   1 
HETATM 1611 O  O   . HOH C 3 .   ? -11.196 -20.102 11.566  1.00 18.51 ? 438 HOH A O   1 
HETATM 1612 O  O   . HOH C 3 .   ? -16.174 -16.788 12.041  1.00 33.99 ? 439 HOH A O   1 
HETATM 1613 O  O   . HOH C 3 .   ? -13.666 -18.768 15.630  1.00 38.15 ? 440 HOH A O   1 
HETATM 1614 O  O   . HOH C 3 .   ? -6.411  -22.766 14.345  1.00 34.18 ? 441 HOH A O   1 
HETATM 1615 O  O   . HOH C 3 .   ? 2.254   -22.225 0.585   1.00 27.68 ? 442 HOH A O   1 
HETATM 1616 O  O   . HOH C 3 .   ? 1.544   -23.651 -4.307  1.00 34.15 ? 443 HOH A O   1 
HETATM 1617 O  O   . HOH C 3 .   ? -12.352 -14.846 -2.902  1.00 25.11 ? 444 HOH A O   1 
HETATM 1618 O  O   . HOH C 3 .   ? 10.776  2.624   14.984  1.00 36.89 ? 445 HOH A O   1 
HETATM 1619 O  O   . HOH C 3 .   ? 11.782  9.766   14.696  1.00 31.93 ? 446 HOH A O   1 
HETATM 1620 O  O   . HOH C 3 .   ? 11.720  13.284  -11.977 1.00 35.24 ? 447 HOH A O   1 
HETATM 1621 O  O   . HOH C 3 .   ? 9.176   12.646  -14.386 1.00 38.26 ? 448 HOH A O   1 
HETATM 1622 O  O   . HOH C 3 .   ? -15.834 -7.288  2.631   1.00 21.70 ? 449 HOH A O   1 
HETATM 1623 O  O   . HOH C 3 .   ? -18.235 -5.429  1.800   1.00 28.39 ? 450 HOH A O   1 
HETATM 1624 O  O   . HOH C 3 .   ? -15.376 4.741   -8.793  1.00 22.39 ? 451 HOH A O   1 
HETATM 1625 O  O   . HOH C 3 .   ? 13.149  -0.554  -7.337  1.00 35.87 ? 452 HOH A O   1 
HETATM 1626 O  O   . HOH C 3 .   ? -15.213 -1.753  7.606   1.00 32.27 ? 453 HOH A O   1 
HETATM 1627 O  O   . HOH C 3 .   ? 2.865   -3.613  17.926  1.00 42.70 ? 454 HOH A O   1 
HETATM 1628 O  O   . HOH C 3 .   ? 4.139   -9.700  16.486  1.00 36.68 ? 455 HOH A O   1 
HETATM 1629 O  O   . HOH C 3 .   ? 16.027  7.232   8.444   1.00 22.62 ? 456 HOH A O   1 
HETATM 1630 O  O   . HOH C 3 .   ? -11.032 2.502   -17.002 1.00 22.40 ? 457 HOH A O   1 
HETATM 1631 O  O   . HOH C 3 .   ? -9.975  3.786   -19.421 1.00 30.86 ? 458 HOH A O   1 
HETATM 1632 O  O   . HOH C 3 .   ? -13.091 0.925   9.743   1.00 20.67 ? 459 HOH A O   1 
HETATM 1633 O  O   . HOH C 3 .   ? -2.664  3.532   10.338  1.00 39.95 ? 460 HOH A O   1 
HETATM 1634 O  O   . HOH C 3 .   ? 6.690   24.564  0.261   1.00 20.87 ? 461 HOH A O   1 
HETATM 1635 O  O   . HOH C 3 .   ? 15.537  -9.305  5.881   1.00 29.02 ? 462 HOH A O   1 
HETATM 1636 O  O   . HOH C 3 .   ? 9.818   18.132  -11.300 1.00 29.07 ? 463 HOH A O   1 
HETATM 1637 O  O   . HOH C 3 .   ? 8.414   18.195  -14.899 1.00 35.00 ? 464 HOH A O   1 
HETATM 1638 O  O   . HOH C 3 .   ? 14.785  1.541   8.949   1.00 23.83 ? 465 HOH A O   1 
HETATM 1639 O  O   . HOH C 3 .   ? -8.285  3.936   16.032  1.00 8.58  ? 466 HOH A O   1 
HETATM 1640 O  O   . HOH C 3 .   ? -12.159 -2.336  6.843   1.00 24.47 ? 467 HOH A O   1 
HETATM 1641 O  O   . HOH C 3 .   ? 0.189   -2.999  13.127  1.00 24.13 ? 468 HOH A O   1 
HETATM 1642 O  O   . HOH C 3 .   ? 17.691  -9.909  0.435   1.00 21.68 ? 469 HOH A O   1 
HETATM 1643 O  O   . HOH C 3 .   ? -13.941 -5.110  -3.566  1.00 22.46 ? 470 HOH A O   1 
# 
